data_8D78
# 
_entry.id   8D78 
# 
_audit_conform.dict_name       mmcif_pdbx.dic 
_audit_conform.dict_version    5.380 
_audit_conform.dict_location   http://mmcif.pdb.org/dictionaries/ascii/mmcif_pdbx.dic 
# 
loop_
_database_2.database_id 
_database_2.database_code 
_database_2.pdbx_database_accession 
_database_2.pdbx_DOI 
PDB   8D78         pdb_00008d78 10.2210/pdb8d78/pdb 
WWPDB D_1000266079 ?            ?                   
# 
_pdbx_database_status.status_code                     REL 
_pdbx_database_status.status_code_sf                  REL 
_pdbx_database_status.status_code_mr                  ? 
_pdbx_database_status.entry_id                        8D78 
_pdbx_database_status.recvd_initial_deposition_date   2022-06-07 
_pdbx_database_status.SG_entry                        N 
_pdbx_database_status.deposit_site                    RCSB 
_pdbx_database_status.process_site                    RCSB 
_pdbx_database_status.status_code_cs                  ? 
_pdbx_database_status.status_code_nmr_data            ? 
_pdbx_database_status.methods_development_category    ? 
_pdbx_database_status.pdb_format_compatible           Y 
# 
loop_
_audit_author.name 
_audit_author.pdbx_ordinal 
_audit_author.identifier_ORCID 
'Chen, E.V.'     1 0000-0002-1546-7899 
'Beseiso, D.'    2 0000-0003-3743-9175 
'Yatsunyk, L.A.' 3 0000-0003-3946-0939 
# 
_citation.abstract                  ? 
_citation.abstract_id_CAS           ? 
_citation.book_id_ISBN              ? 
_citation.book_publisher            ? 
_citation.book_publisher_city       ? 
_citation.book_title                ? 
_citation.coordinate_linkage        ? 
_citation.country                   ? 
_citation.database_id_Medline       ? 
_citation.details                   ? 
_citation.id                        primary 
_citation.journal_abbrev            'To Be Published' 
_citation.journal_id_ASTM           ? 
_citation.journal_id_CSD            0353 
_citation.journal_id_ISSN           ? 
_citation.journal_full              ? 
_citation.journal_issue             ? 
_citation.journal_volume            ? 
_citation.language                  ? 
_citation.page_first                ? 
_citation.page_last                 ? 
_citation.title                     
;Biophysical and structural characterization of telomeric G-quadruplexes from Tetrahymena thermophila in complex with N-Methyl Mesoporphyrin IX
;
_citation.year                      ? 
_citation.database_id_CSD           ? 
_citation.pdbx_database_id_DOI      ? 
_citation.pdbx_database_id_PubMed   ? 
_citation.pdbx_database_id_patent   ? 
_citation.unpublished_flag          ? 
# 
loop_
_citation_author.citation_id 
_citation_author.name 
_citation_author.ordinal 
_citation_author.identifier_ORCID 
primary 'Beseiso, D.'    1 0000-0003-3743-9175 
primary 'Chen, E.V.'     2 0000-0002-1546-7899 
primary 'Yatsunyk, L.A.' 3 0000-0003-3946-0939 
# 
_cell.angle_alpha                  90.000 
_cell.angle_alpha_esd              ? 
_cell.angle_beta                   90.000 
_cell.angle_beta_esd               ? 
_cell.angle_gamma                  120.000 
_cell.angle_gamma_esd              ? 
_cell.entry_id                     8D78 
_cell.details                      ? 
_cell.formula_units_Z              ? 
_cell.length_a                     35.081 
_cell.length_a_esd                 ? 
_cell.length_b                     35.081 
_cell.length_b_esd                 ? 
_cell.length_c                     103.191 
_cell.length_c_esd                 ? 
_cell.volume                       109980.675 
_cell.volume_esd                   ? 
_cell.Z_PDB                        6 
_cell.reciprocal_angle_alpha       ? 
_cell.reciprocal_angle_beta        ? 
_cell.reciprocal_angle_gamma       ? 
_cell.reciprocal_angle_alpha_esd   ? 
_cell.reciprocal_angle_beta_esd    ? 
_cell.reciprocal_angle_gamma_esd   ? 
_cell.reciprocal_length_a          ? 
_cell.reciprocal_length_b          ? 
_cell.reciprocal_length_c          ? 
_cell.reciprocal_length_a_esd      ? 
_cell.reciprocal_length_b_esd      ? 
_cell.reciprocal_length_c_esd      ? 
_cell.pdbx_unique_axis             ? 
_cell.pdbx_esd_method              ? 
# 
_symmetry.entry_id                         8D78 
_symmetry.cell_setting                     ? 
_symmetry.Int_Tables_number                153 
_symmetry.space_group_name_Hall            'P 32 2 (x,y,z+1/6)' 
_symmetry.space_group_name_H-M             'P 32 1 2' 
_symmetry.pdbx_full_space_group_name_H-M   ? 
# 
loop_
_entity.id 
_entity.type 
_entity.src_method 
_entity.pdbx_description 
_entity.formula_weight 
_entity.pdbx_number_of_molecules 
_entity.pdbx_ec 
_entity.pdbx_mutation 
_entity.pdbx_fragment 
_entity.details 
1 polymer     syn 
;DNA (5'-D(*GP*GP*GP*GP*TP*TP*GP*GP*GP*GP*TP*TP*GP*GP*GP*GP*TP*TP*GP*GP*GP*G)-3')
;
7047.493 1  ? ? ? ? 
2 non-polymer syn N-METHYLMESOPORPHYRIN                                                              580.716  1  ? ? ? ? 
3 non-polymer syn 'BARIUM ION'                                                                       137.327  2  ? ? ? ? 
4 water       nat water                                                                              18.015   21 ? ? ? ? 
# 
_entity_poly.entity_id                      1 
_entity_poly.type                           polydeoxyribonucleotide 
_entity_poly.nstd_linkage                   no 
_entity_poly.nstd_monomer                   no 
_entity_poly.pdbx_seq_one_letter_code       
;(DG)(DG)(DG)(DG)(DT)(DT)(DG)(DG)(DG)(DG)(DT)(DT)(DG)(DG)(DG)(DG)(DT)(DT)(DG)(DG)
(DG)(DG)
;
_entity_poly.pdbx_seq_one_letter_code_can   GGGGTTGGGGTTGGGGTTGGGG 
_entity_poly.pdbx_strand_id                 A 
_entity_poly.pdbx_target_identifier         ? 
# 
loop_
_entity_poly_seq.entity_id 
_entity_poly_seq.num 
_entity_poly_seq.mon_id 
_entity_poly_seq.hetero 
1 1  DG n 
1 2  DG n 
1 3  DG n 
1 4  DG n 
1 5  DT n 
1 6  DT n 
1 7  DG n 
1 8  DG n 
1 9  DG n 
1 10 DG n 
1 11 DT n 
1 12 DT n 
1 13 DG n 
1 14 DG n 
1 15 DG n 
1 16 DG n 
1 17 DT n 
1 18 DT n 
1 19 DG n 
1 20 DG n 
1 21 DG n 
1 22 DG n 
# 
_pdbx_entity_src_syn.entity_id              1 
_pdbx_entity_src_syn.pdbx_src_id            1 
_pdbx_entity_src_syn.pdbx_alt_source_flag   sample 
_pdbx_entity_src_syn.pdbx_beg_seq_num       1 
_pdbx_entity_src_syn.pdbx_end_seq_num       22 
_pdbx_entity_src_syn.organism_scientific    'Tetrahymena thermophila' 
_pdbx_entity_src_syn.organism_common_name   ? 
_pdbx_entity_src_syn.ncbi_taxonomy_id       5911 
_pdbx_entity_src_syn.details                ? 
# 
_struct_ref.id                         1 
_struct_ref.db_name                    PDB 
_struct_ref.db_code                    8D78 
_struct_ref.pdbx_db_accession          8D78 
_struct_ref.pdbx_db_isoform            ? 
_struct_ref.entity_id                  1 
_struct_ref.pdbx_seq_one_letter_code   ? 
_struct_ref.pdbx_align_begin           1 
# 
_struct_ref_seq.align_id                      1 
_struct_ref_seq.ref_id                        1 
_struct_ref_seq.pdbx_PDB_id_code              8D78 
_struct_ref_seq.pdbx_strand_id                A 
_struct_ref_seq.seq_align_beg                 1 
_struct_ref_seq.pdbx_seq_align_beg_ins_code   ? 
_struct_ref_seq.seq_align_end                 22 
_struct_ref_seq.pdbx_seq_align_end_ins_code   ? 
_struct_ref_seq.pdbx_db_accession             8D78 
_struct_ref_seq.db_align_beg                  1 
_struct_ref_seq.pdbx_db_align_beg_ins_code    ? 
_struct_ref_seq.db_align_end                  22 
_struct_ref_seq.pdbx_db_align_end_ins_code    ? 
_struct_ref_seq.pdbx_auth_seq_align_beg       1 
_struct_ref_seq.pdbx_auth_seq_align_end       22 
# 
loop_
_chem_comp.id 
_chem_comp.type 
_chem_comp.mon_nstd_flag 
_chem_comp.name 
_chem_comp.pdbx_synonyms 
_chem_comp.formula 
_chem_comp.formula_weight 
BA  non-polymer   . 'BARIUM ION'                         ? 'Ba 2'            137.327 
DG  'DNA linking' y "2'-DEOXYGUANOSINE-5'-MONOPHOSPHATE" ? 'C10 H14 N5 O7 P' 347.221 
DT  'DNA linking' y "THYMIDINE-5'-MONOPHOSPHATE"         ? 'C10 H15 N2 O8 P' 322.208 
HOH non-polymer   . WATER                                ? 'H2 O'            18.015  
MMP non-polymer   . N-METHYLMESOPORPHYRIN                ? 'C35 H40 N4 O4'   580.716 
# 
_exptl.absorpt_coefficient_mu     ? 
_exptl.absorpt_correction_T_max   ? 
_exptl.absorpt_correction_T_min   ? 
_exptl.absorpt_correction_type    ? 
_exptl.absorpt_process_details    ? 
_exptl.entry_id                   8D78 
_exptl.crystals_number            1 
_exptl.details                    ? 
_exptl.method                     'X-RAY DIFFRACTION' 
_exptl.method_details             ? 
# 
_exptl_crystal.colour                       ? 
_exptl_crystal.density_diffrn               ? 
_exptl_crystal.density_Matthews             2.68 
_exptl_crystal.density_method               ? 
_exptl_crystal.density_percent_sol          54.1 
_exptl_crystal.description                  ? 
_exptl_crystal.F_000                        ? 
_exptl_crystal.id                           1 
_exptl_crystal.preparation                  ? 
_exptl_crystal.size_max                     ? 
_exptl_crystal.size_mid                     ? 
_exptl_crystal.size_min                     ? 
_exptl_crystal.size_rad                     ? 
_exptl_crystal.colour_lustre                ? 
_exptl_crystal.colour_modifier              ? 
_exptl_crystal.colour_primary               ? 
_exptl_crystal.density_meas                 ? 
_exptl_crystal.density_meas_esd             ? 
_exptl_crystal.density_meas_gt              ? 
_exptl_crystal.density_meas_lt              ? 
_exptl_crystal.density_meas_temp            ? 
_exptl_crystal.density_meas_temp_esd        ? 
_exptl_crystal.density_meas_temp_gt         ? 
_exptl_crystal.density_meas_temp_lt         ? 
_exptl_crystal.pdbx_crystal_image_url       ? 
_exptl_crystal.pdbx_crystal_image_format    ? 
_exptl_crystal.pdbx_mosaicity               ? 
_exptl_crystal.pdbx_mosaicity_esd           ? 
_exptl_crystal.pdbx_mosaic_method           ? 
_exptl_crystal.pdbx_mosaic_block_size       ? 
_exptl_crystal.pdbx_mosaic_block_size_esd   ? 
# 
_exptl_crystal_grow.apparatus       ? 
_exptl_crystal_grow.atmosphere      ? 
_exptl_crystal_grow.crystal_id      1 
_exptl_crystal_grow.details         ? 
_exptl_crystal_grow.method          'VAPOR DIFFUSION, HANGING DROP' 
_exptl_crystal_grow.method_ref      ? 
_exptl_crystal_grow.pH              ? 
_exptl_crystal_grow.pressure        ? 
_exptl_crystal_grow.pressure_esd    ? 
_exptl_crystal_grow.seeding         ? 
_exptl_crystal_grow.seeding_ref     ? 
_exptl_crystal_grow.temp            298 
_exptl_crystal_grow.temp_details    ? 
_exptl_crystal_grow.temp_esd        ? 
_exptl_crystal_grow.time            ? 
_exptl_crystal_grow.pdbx_details    'Well condition contained 0.6-1 M sodium formate, 12-16% PEG 20K, 0.05 M Bis Tris pH 7.0' 
_exptl_crystal_grow.pdbx_pH_range   ? 
# 
_diffrn.ambient_environment              ? 
_diffrn.ambient_temp                     196 
_diffrn.ambient_temp_details             ? 
_diffrn.ambient_temp_esd                 ? 
_diffrn.crystal_id                       1 
_diffrn.crystal_support                  ? 
_diffrn.crystal_treatment                ? 
_diffrn.details                          ? 
_diffrn.id                               1 
_diffrn.ambient_pressure                 ? 
_diffrn.ambient_pressure_esd             ? 
_diffrn.ambient_pressure_gt              ? 
_diffrn.ambient_pressure_lt              ? 
_diffrn.ambient_temp_gt                  ? 
_diffrn.ambient_temp_lt                  ? 
_diffrn.pdbx_serial_crystal_experiment   N 
# 
_diffrn_detector.details                      ? 
_diffrn_detector.detector                     PIXEL 
_diffrn_detector.diffrn_id                    1 
_diffrn_detector.type                         'DECTRIS EIGER X 16M' 
_diffrn_detector.area_resol_mean              ? 
_diffrn_detector.dtime                        ? 
_diffrn_detector.pdbx_frames_total            ? 
_diffrn_detector.pdbx_collection_time_total   ? 
_diffrn_detector.pdbx_collection_date         2021-02-12 
_diffrn_detector.pdbx_frequency               ? 
# 
_diffrn_radiation.collimation                      ? 
_diffrn_radiation.diffrn_id                        1 
_diffrn_radiation.filter_edge                      ? 
_diffrn_radiation.inhomogeneity                    ? 
_diffrn_radiation.monochromator                    ? 
_diffrn_radiation.polarisn_norm                    ? 
_diffrn_radiation.polarisn_ratio                   ? 
_diffrn_radiation.probe                            ? 
_diffrn_radiation.type                             ? 
_diffrn_radiation.xray_symbol                      ? 
_diffrn_radiation.wavelength_id                    1 
_diffrn_radiation.pdbx_monochromatic_or_laue_m_l   M 
_diffrn_radiation.pdbx_wavelength_list             ? 
_diffrn_radiation.pdbx_wavelength                  ? 
_diffrn_radiation.pdbx_diffrn_protocol             'SINGLE WAVELENGTH' 
_diffrn_radiation.pdbx_analyzer                    ? 
_diffrn_radiation.pdbx_scattering_type             x-ray 
# 
_diffrn_radiation_wavelength.id           1 
_diffrn_radiation_wavelength.wavelength   0.97918 
_diffrn_radiation_wavelength.wt           1.0 
# 
_diffrn_source.current                     ? 
_diffrn_source.details                     ? 
_diffrn_source.diffrn_id                   1 
_diffrn_source.power                       ? 
_diffrn_source.size                        ? 
_diffrn_source.source                      SYNCHROTRON 
_diffrn_source.target                      ? 
_diffrn_source.type                        'APS BEAMLINE 24-ID-C' 
_diffrn_source.voltage                     ? 
_diffrn_source.take-off_angle              ? 
_diffrn_source.pdbx_wavelength_list        0.97918 
_diffrn_source.pdbx_wavelength             ? 
_diffrn_source.pdbx_synchrotron_beamline   24-ID-C 
_diffrn_source.pdbx_synchrotron_site       APS 
# 
_reflns.B_iso_Wilson_estimate                          50.54 
_reflns.entry_id                                       8D78 
_reflns.data_reduction_details                         ? 
_reflns.data_reduction_method                          ? 
_reflns.d_resolution_high                              2.12 
_reflns.d_resolution_low                               103.19 
_reflns.details                                        ? 
_reflns.limit_h_max                                    ? 
_reflns.limit_h_min                                    ? 
_reflns.limit_k_max                                    ? 
_reflns.limit_k_min                                    ? 
_reflns.limit_l_max                                    ? 
_reflns.limit_l_min                                    ? 
_reflns.number_all                                     ? 
_reflns.number_obs                                     4315 
_reflns.observed_criterion                             ? 
_reflns.observed_criterion_F_max                       ? 
_reflns.observed_criterion_F_min                       ? 
_reflns.observed_criterion_I_max                       ? 
_reflns.observed_criterion_I_min                       ? 
_reflns.observed_criterion_sigma_F                     ? 
_reflns.observed_criterion_sigma_I                     ? 
_reflns.percent_possible_obs                           98.9 
_reflns.R_free_details                                 ? 
_reflns.Rmerge_F_all                                   ? 
_reflns.Rmerge_F_obs                                   ? 
_reflns.Friedel_coverage                               ? 
_reflns.number_gt                                      ? 
_reflns.threshold_expression                           ? 
_reflns.pdbx_redundancy                                4.4 
_reflns.pdbx_Rmerge_I_obs                              0.110 
_reflns.pdbx_Rmerge_I_all                              ? 
_reflns.pdbx_Rsym_value                                ? 
_reflns.pdbx_netI_over_av_sigmaI                       ? 
_reflns.pdbx_netI_over_sigmaI                          6.9 
_reflns.pdbx_res_netI_over_av_sigmaI_2                 ? 
_reflns.pdbx_res_netI_over_sigmaI_2                    ? 
_reflns.pdbx_chi_squared                               ? 
_reflns.pdbx_scaling_rejects                           ? 
_reflns.pdbx_d_res_high_opt                            ? 
_reflns.pdbx_d_res_low_opt                             ? 
_reflns.pdbx_d_res_opt_method                          ? 
_reflns.phase_calculation_details                      ? 
_reflns.pdbx_Rrim_I_all                                0.127 
_reflns.pdbx_Rpim_I_all                                0.061 
_reflns.pdbx_d_opt                                     ? 
_reflns.pdbx_number_measured_all                       ? 
_reflns.pdbx_diffrn_id                                 1 
_reflns.pdbx_ordinal                                   1 
_reflns.pdbx_CC_half                                   0.997 
_reflns.pdbx_CC_star                                   ? 
_reflns.pdbx_R_split                                   ? 
_reflns.pdbx_aniso_diffraction_limit_axis_1_ortho[1]   ? 
_reflns.pdbx_aniso_diffraction_limit_axis_1_ortho[2]   ? 
_reflns.pdbx_aniso_diffraction_limit_axis_1_ortho[3]   ? 
_reflns.pdbx_aniso_diffraction_limit_axis_2_ortho[1]   ? 
_reflns.pdbx_aniso_diffraction_limit_axis_2_ortho[2]   ? 
_reflns.pdbx_aniso_diffraction_limit_axis_2_ortho[3]   ? 
_reflns.pdbx_aniso_diffraction_limit_axis_3_ortho[1]   ? 
_reflns.pdbx_aniso_diffraction_limit_axis_3_ortho[2]   ? 
_reflns.pdbx_aniso_diffraction_limit_axis_3_ortho[3]   ? 
_reflns.pdbx_aniso_diffraction_limit_1                 ? 
_reflns.pdbx_aniso_diffraction_limit_2                 ? 
_reflns.pdbx_aniso_diffraction_limit_3                 ? 
_reflns.pdbx_aniso_B_tensor_eigenvector_1_ortho[1]     ? 
_reflns.pdbx_aniso_B_tensor_eigenvector_1_ortho[2]     ? 
_reflns.pdbx_aniso_B_tensor_eigenvector_1_ortho[3]     ? 
_reflns.pdbx_aniso_B_tensor_eigenvector_2_ortho[1]     ? 
_reflns.pdbx_aniso_B_tensor_eigenvector_2_ortho[2]     ? 
_reflns.pdbx_aniso_B_tensor_eigenvector_2_ortho[3]     ? 
_reflns.pdbx_aniso_B_tensor_eigenvector_3_ortho[1]     ? 
_reflns.pdbx_aniso_B_tensor_eigenvector_3_ortho[2]     ? 
_reflns.pdbx_aniso_B_tensor_eigenvector_3_ortho[3]     ? 
_reflns.pdbx_aniso_B_tensor_eigenvalue_1               ? 
_reflns.pdbx_aniso_B_tensor_eigenvalue_2               ? 
_reflns.pdbx_aniso_B_tensor_eigenvalue_3               ? 
_reflns.pdbx_orthogonalization_convention              ? 
_reflns.pdbx_percent_possible_ellipsoidal              ? 
_reflns.pdbx_percent_possible_spherical                ? 
_reflns.pdbx_percent_possible_ellipsoidal_anomalous    ? 
_reflns.pdbx_percent_possible_spherical_anomalous      ? 
_reflns.pdbx_redundancy_anomalous                      ? 
_reflns.pdbx_CC_half_anomalous                         ? 
_reflns.pdbx_absDiff_over_sigma_anomalous              ? 
_reflns.pdbx_percent_possible_anomalous                ? 
_reflns.pdbx_observed_signal_threshold                 ? 
_reflns.pdbx_signal_type                               ? 
_reflns.pdbx_signal_details                            ? 
_reflns.pdbx_signal_software_id                        ? 
_reflns.pdbx_CC_split_method                           ? 
# 
_reflns_shell.d_res_high                                    2.12 
_reflns_shell.d_res_low                                     2.18 
_reflns_shell.meanI_over_sigI_all                           ? 
_reflns_shell.meanI_over_sigI_obs                           1.3 
_reflns_shell.number_measured_all                           ? 
_reflns_shell.number_measured_obs                           ? 
_reflns_shell.number_possible                               ? 
_reflns_shell.number_unique_all                             ? 
_reflns_shell.number_unique_obs                             368 
_reflns_shell.percent_possible_all                          100.0 
_reflns_shell.percent_possible_obs                          ? 
_reflns_shell.Rmerge_F_all                                  ? 
_reflns_shell.Rmerge_F_obs                                  ? 
_reflns_shell.Rmerge_I_all                                  ? 
_reflns_shell.Rmerge_I_obs                                  1.071 
_reflns_shell.meanI_over_sigI_gt                            ? 
_reflns_shell.meanI_over_uI_all                             ? 
_reflns_shell.meanI_over_uI_gt                              ? 
_reflns_shell.number_measured_gt                            ? 
_reflns_shell.number_unique_gt                              ? 
_reflns_shell.percent_possible_gt                           ? 
_reflns_shell.Rmerge_F_gt                                   ? 
_reflns_shell.Rmerge_I_gt                                   ? 
_reflns_shell.pdbx_redundancy                               4.8 
_reflns_shell.pdbx_Rsym_value                               ? 
_reflns_shell.pdbx_chi_squared                              ? 
_reflns_shell.pdbx_netI_over_sigmaI_all                     ? 
_reflns_shell.pdbx_netI_over_sigmaI_obs                     ? 
_reflns_shell.pdbx_Rrim_I_all                               ? 
_reflns_shell.pdbx_Rpim_I_all                               0.552 
_reflns_shell.pdbx_rejects                                  ? 
_reflns_shell.pdbx_ordinal                                  1 
_reflns_shell.pdbx_diffrn_id                                1 
_reflns_shell.pdbx_CC_half                                  0.727 
_reflns_shell.pdbx_CC_star                                  ? 
_reflns_shell.pdbx_R_split                                  ? 
_reflns_shell.pdbx_percent_possible_ellipsoidal             ? 
_reflns_shell.pdbx_percent_possible_spherical               ? 
_reflns_shell.pdbx_percent_possible_ellipsoidal_anomalous   ? 
_reflns_shell.pdbx_percent_possible_spherical_anomalous     ? 
_reflns_shell.pdbx_redundancy_anomalous                     ? 
_reflns_shell.pdbx_CC_half_anomalous                        ? 
_reflns_shell.pdbx_absDiff_over_sigma_anomalous             ? 
_reflns_shell.pdbx_percent_possible_anomalous               ? 
# 
_refine.aniso_B[1][1]                            ? 
_refine.aniso_B[1][2]                            ? 
_refine.aniso_B[1][3]                            ? 
_refine.aniso_B[2][2]                            ? 
_refine.aniso_B[2][3]                            ? 
_refine.aniso_B[3][3]                            ? 
_refine.B_iso_max                                ? 
_refine.B_iso_mean                               97.17 
_refine.B_iso_min                                ? 
_refine.correlation_coeff_Fo_to_Fc               ? 
_refine.correlation_coeff_Fo_to_Fc_free          ? 
_refine.details                                  ? 
_refine.diff_density_max                         ? 
_refine.diff_density_max_esd                     ? 
_refine.diff_density_min                         ? 
_refine.diff_density_min_esd                     ? 
_refine.diff_density_rms                         ? 
_refine.diff_density_rms_esd                     ? 
_refine.entry_id                                 8D78 
_refine.pdbx_refine_id                           'X-RAY DIFFRACTION' 
_refine.ls_abs_structure_details                 ? 
_refine.ls_abs_structure_Flack                   ? 
_refine.ls_abs_structure_Flack_esd               ? 
_refine.ls_abs_structure_Rogers                  ? 
_refine.ls_abs_structure_Rogers_esd              ? 
_refine.ls_d_res_high                            2.12 
_refine.ls_d_res_low                             34.40 
_refine.ls_extinction_coef                       ? 
_refine.ls_extinction_coef_esd                   ? 
_refine.ls_extinction_expression                 ? 
_refine.ls_extinction_method                     ? 
_refine.ls_goodness_of_fit_all                   ? 
_refine.ls_goodness_of_fit_all_esd               ? 
_refine.ls_goodness_of_fit_obs                   ? 
_refine.ls_goodness_of_fit_obs_esd               ? 
_refine.ls_hydrogen_treatment                    ? 
_refine.ls_matrix_type                           ? 
_refine.ls_number_constraints                    ? 
_refine.ls_number_parameters                     ? 
_refine.ls_number_reflns_all                     ? 
_refine.ls_number_reflns_obs                     4201 
_refine.ls_number_reflns_R_free                  413 
_refine.ls_number_reflns_R_work                  3788 
_refine.ls_number_restraints                     ? 
_refine.ls_percent_reflns_obs                    96.71 
_refine.ls_percent_reflns_R_free                 9.83 
_refine.ls_R_factor_all                          ? 
_refine.ls_R_factor_obs                          0.2561 
_refine.ls_R_factor_R_free                       0.2644 
_refine.ls_R_factor_R_free_error                 ? 
_refine.ls_R_factor_R_free_error_details         ? 
_refine.ls_R_factor_R_work                       0.2552 
_refine.ls_R_Fsqd_factor_obs                     ? 
_refine.ls_R_I_factor_obs                        ? 
_refine.ls_redundancy_reflns_all                 ? 
_refine.ls_redundancy_reflns_obs                 ? 
_refine.ls_restrained_S_all                      ? 
_refine.ls_restrained_S_obs                      ? 
_refine.ls_shift_over_esd_max                    ? 
_refine.ls_shift_over_esd_mean                   ? 
_refine.ls_structure_factor_coef                 ? 
_refine.ls_weighting_details                     ? 
_refine.ls_weighting_scheme                      ? 
_refine.ls_wR_factor_all                         ? 
_refine.ls_wR_factor_obs                         ? 
_refine.ls_wR_factor_R_free                      ? 
_refine.ls_wR_factor_R_work                      ? 
_refine.occupancy_max                            ? 
_refine.occupancy_min                            ? 
_refine.solvent_model_details                    'FLAT BULK SOLVENT MODEL' 
_refine.solvent_model_param_bsol                 ? 
_refine.solvent_model_param_ksol                 ? 
_refine.pdbx_R_complete                          ? 
_refine.ls_R_factor_gt                           ? 
_refine.ls_goodness_of_fit_gt                    ? 
_refine.ls_goodness_of_fit_ref                   ? 
_refine.ls_shift_over_su_max                     ? 
_refine.ls_shift_over_su_max_lt                  ? 
_refine.ls_shift_over_su_mean                    ? 
_refine.ls_shift_over_su_mean_lt                 ? 
_refine.pdbx_ls_sigma_I                          ? 
_refine.pdbx_ls_sigma_F                          1.36 
_refine.pdbx_ls_sigma_Fsqd                       ? 
_refine.pdbx_data_cutoff_high_absF               ? 
_refine.pdbx_data_cutoff_high_rms_absF           ? 
_refine.pdbx_data_cutoff_low_absF                ? 
_refine.pdbx_isotropic_thermal_model             ? 
_refine.pdbx_ls_cross_valid_method               'FREE R-VALUE' 
_refine.pdbx_method_to_determine_struct          'MOLECULAR REPLACEMENT' 
_refine.pdbx_starting_model                      6W9P 
_refine.pdbx_stereochemistry_target_values       'GeoStd + Monomer Library + CDL v1.2' 
_refine.pdbx_R_Free_selection_details            ? 
_refine.pdbx_stereochem_target_val_spec_case     ? 
_refine.pdbx_overall_ESU_R                       ? 
_refine.pdbx_overall_ESU_R_Free                  ? 
_refine.pdbx_solvent_vdw_probe_radii             1.1100 
_refine.pdbx_solvent_ion_probe_radii             ? 
_refine.pdbx_solvent_shrinkage_radii             0.9000 
_refine.pdbx_real_space_R                        ? 
_refine.pdbx_density_correlation                 ? 
_refine.pdbx_pd_number_of_powder_patterns        ? 
_refine.pdbx_pd_number_of_points                 ? 
_refine.pdbx_pd_meas_number_of_points            ? 
_refine.pdbx_pd_proc_ls_prof_R_factor            ? 
_refine.pdbx_pd_proc_ls_prof_wR_factor           ? 
_refine.pdbx_pd_Marquardt_correlation_coeff      ? 
_refine.pdbx_pd_Fsqrd_R_factor                   ? 
_refine.pdbx_pd_ls_matrix_band_width             ? 
_refine.pdbx_overall_phase_error                 46.8543 
_refine.pdbx_overall_SU_R_free_Cruickshank_DPI   ? 
_refine.pdbx_overall_SU_R_free_Blow_DPI          ? 
_refine.pdbx_overall_SU_R_Blow_DPI               ? 
_refine.pdbx_TLS_residual_ADP_flag               ? 
_refine.pdbx_diffrn_id                           1 
_refine.overall_SU_B                             ? 
_refine.overall_SU_ML                            0.3294 
_refine.overall_SU_R_Cruickshank_DPI             ? 
_refine.overall_SU_R_free                        ? 
_refine.overall_FOM_free_R_set                   ? 
_refine.overall_FOM_work_R_set                   ? 
_refine.pdbx_average_fsc_overall                 ? 
_refine.pdbx_average_fsc_work                    ? 
_refine.pdbx_average_fsc_free                    ? 
# 
_refine_hist.pdbx_refine_id                   'X-RAY DIFFRACTION' 
_refine_hist.cycle_id                         LAST 
_refine_hist.details                          ? 
_refine_hist.d_res_high                       2.12 
_refine_hist.d_res_low                        34.40 
_refine_hist.number_atoms_solvent             21 
_refine_hist.number_atoms_total               525 
_refine_hist.number_reflns_all                ? 
_refine_hist.number_reflns_obs                ? 
_refine_hist.number_reflns_R_free             ? 
_refine_hist.number_reflns_R_work             ? 
_refine_hist.R_factor_all                     ? 
_refine_hist.R_factor_obs                     ? 
_refine_hist.R_factor_R_free                  ? 
_refine_hist.R_factor_R_work                  ? 
_refine_hist.pdbx_number_residues_total       ? 
_refine_hist.pdbx_B_iso_mean_ligand           ? 
_refine_hist.pdbx_B_iso_mean_solvent          ? 
_refine_hist.pdbx_number_atoms_protein        0 
_refine_hist.pdbx_number_atoms_nucleic_acid   469 
_refine_hist.pdbx_number_atoms_ligand         35 
_refine_hist.pdbx_number_atoms_lipid          ? 
_refine_hist.pdbx_number_atoms_carb           ? 
_refine_hist.pdbx_pseudo_atom_details         ? 
# 
loop_
_refine_ls_restr.pdbx_refine_id 
_refine_ls_restr.criterion 
_refine_ls_restr.dev_ideal 
_refine_ls_restr.dev_ideal_target 
_refine_ls_restr.number 
_refine_ls_restr.rejects 
_refine_ls_restr.type 
_refine_ls_restr.weight 
_refine_ls_restr.pdbx_restraint_function 
'X-RAY DIFFRACTION' ? 0.0037  ? 565 ? f_bond_d           ? ? 
'X-RAY DIFFRACTION' ? 1.2326  ? 878 ? f_angle_d          ? ? 
'X-RAY DIFFRACTION' ? 0.0245  ? 87  ? f_chiral_restr     ? ? 
'X-RAY DIFFRACTION' ? 0.0042  ? 26  ? f_plane_restr      ? ? 
'X-RAY DIFFRACTION' ? 31.8194 ? 216 ? f_dihedral_angle_d ? ? 
# 
loop_
_refine_ls_shell.pdbx_refine_id 
_refine_ls_shell.d_res_high 
_refine_ls_shell.d_res_low 
_refine_ls_shell.number_reflns_all 
_refine_ls_shell.number_reflns_obs 
_refine_ls_shell.number_reflns_R_free 
_refine_ls_shell.number_reflns_R_work 
_refine_ls_shell.percent_reflns_obs 
_refine_ls_shell.percent_reflns_R_free 
_refine_ls_shell.R_factor_all 
_refine_ls_shell.R_factor_obs 
_refine_ls_shell.R_factor_R_free 
_refine_ls_shell.R_factor_R_free_error 
_refine_ls_shell.R_factor_R_work 
_refine_ls_shell.redundancy_reflns_all 
_refine_ls_shell.redundancy_reflns_obs 
_refine_ls_shell.wR_factor_all 
_refine_ls_shell.wR_factor_obs 
_refine_ls_shell.wR_factor_R_free 
_refine_ls_shell.wR_factor_R_work 
_refine_ls_shell.pdbx_R_complete 
_refine_ls_shell.pdbx_total_number_of_bins_used 
_refine_ls_shell.pdbx_phase_error 
_refine_ls_shell.pdbx_fsc_work 
_refine_ls_shell.pdbx_fsc_free 
'X-RAY DIFFRACTION' 2.12 2.43  . . 140 1272 99.02 . . . 0.4088 . 0.3967 . . . . . . . . . . . 
'X-RAY DIFFRACTION' 2.43 3.05  . . 135 1247 96.98 . . . 0.3953 . 0.3346 . . . . . . . . . . . 
'X-RAY DIFFRACTION' 3.06 34.40 . . 138 1269 94.24 . . . 0.2105 . 0.2155 . . . . . . . . . . . 
# 
_struct.entry_id                     8D78 
_struct.title                        
;Crystal structure of a Ba stabilized four-tetrad, parallel Tetrahymena thermophila telomeric G-quadruplex in complex with N-methyl mesoporphyrin IX
;
_struct.pdbx_model_details           ? 
_struct.pdbx_formula_weight          ? 
_struct.pdbx_formula_weight_method   ? 
_struct.pdbx_model_type_details      ? 
_struct.pdbx_CASP_flag               N 
# 
_struct_keywords.entry_id        8D78 
_struct_keywords.text            'G-quadruplex, Parallel, Four-quartets, DNA' 
_struct_keywords.pdbx_keywords   DNA 
# 
loop_
_struct_asym.id 
_struct_asym.pdbx_blank_PDB_chainid_flag 
_struct_asym.pdbx_modified 
_struct_asym.entity_id 
_struct_asym.details 
A N N 1 ? 
B N N 2 ? 
C N N 3 ? 
D N N 3 ? 
E N N 4 ? 
# 
loop_
_struct_conn.id 
_struct_conn.conn_type_id 
_struct_conn.pdbx_leaving_atom_flag 
_struct_conn.pdbx_PDB_id 
_struct_conn.ptnr1_label_asym_id 
_struct_conn.ptnr1_label_comp_id 
_struct_conn.ptnr1_label_seq_id 
_struct_conn.ptnr1_label_atom_id 
_struct_conn.pdbx_ptnr1_label_alt_id 
_struct_conn.pdbx_ptnr1_PDB_ins_code 
_struct_conn.pdbx_ptnr1_standard_comp_id 
_struct_conn.ptnr1_symmetry 
_struct_conn.ptnr2_label_asym_id 
_struct_conn.ptnr2_label_comp_id 
_struct_conn.ptnr2_label_seq_id 
_struct_conn.ptnr2_label_atom_id 
_struct_conn.pdbx_ptnr2_label_alt_id 
_struct_conn.pdbx_ptnr2_PDB_ins_code 
_struct_conn.ptnr1_auth_asym_id 
_struct_conn.ptnr1_auth_comp_id 
_struct_conn.ptnr1_auth_seq_id 
_struct_conn.ptnr2_auth_asym_id 
_struct_conn.ptnr2_auth_comp_id 
_struct_conn.ptnr2_auth_seq_id 
_struct_conn.ptnr2_symmetry 
_struct_conn.pdbx_ptnr3_label_atom_id 
_struct_conn.pdbx_ptnr3_label_seq_id 
_struct_conn.pdbx_ptnr3_label_comp_id 
_struct_conn.pdbx_ptnr3_label_asym_id 
_struct_conn.pdbx_ptnr3_label_alt_id 
_struct_conn.pdbx_ptnr3_PDB_ins_code 
_struct_conn.details 
_struct_conn.pdbx_dist_value 
_struct_conn.pdbx_value_order 
_struct_conn.pdbx_role 
metalc1  metalc ? ? A DG 1  O6 ? ? ? 1_555 D BA .  BA ? ? A DG 1  A BA 103 1_555 ? ? ? ? ? ? ?           2.662 ? ? 
metalc2  metalc ? ? A DG 2  O6 ? ? ? 1_555 D BA .  BA ? ? A DG 2  A BA 103 1_555 ? ? ? ? ? ? ?           2.818 ? ? 
metalc3  metalc ? ? A DG 3  O6 ? ? ? 1_555 C BA .  BA ? ? A DG 3  A BA 102 1_555 ? ? ? ? ? ? ?           2.716 ? ? 
metalc4  metalc ? ? A DG 4  O6 ? ? ? 1_555 C BA .  BA ? ? A DG 4  A BA 102 1_555 ? ? ? ? ? ? ?           2.820 ? ? 
metalc5  metalc ? ? A DG 7  O6 ? ? ? 1_555 D BA .  BA ? ? A DG 7  A BA 103 1_555 ? ? ? ? ? ? ?           2.842 ? ? 
metalc6  metalc ? ? A DG 8  O6 ? ? ? 1_555 D BA .  BA ? ? A DG 8  A BA 103 1_555 ? ? ? ? ? ? ?           2.782 ? ? 
metalc7  metalc ? ? A DG 9  O6 ? ? ? 1_555 C BA .  BA ? ? A DG 9  A BA 102 1_555 ? ? ? ? ? ? ?           2.805 ? ? 
metalc8  metalc ? ? A DG 10 O6 ? ? ? 1_555 C BA .  BA ? ? A DG 10 A BA 102 1_555 ? ? ? ? ? ? ?           2.942 ? ? 
metalc9  metalc ? ? A DG 13 O6 ? ? ? 1_555 D BA .  BA ? ? A DG 13 A BA 103 1_555 ? ? ? ? ? ? ?           2.930 ? ? 
metalc10 metalc ? ? A DG 14 O6 ? ? ? 1_555 D BA .  BA ? ? A DG 14 A BA 103 1_555 ? ? ? ? ? ? ?           2.713 ? ? 
metalc11 metalc ? ? A DG 15 O6 ? ? ? 1_555 C BA .  BA ? ? A DG 15 A BA 102 1_555 ? ? ? ? ? ? ?           2.809 ? ? 
metalc12 metalc ? ? A DG 16 O6 ? ? ? 1_555 C BA .  BA ? ? A DG 16 A BA 102 1_555 ? ? ? ? ? ? ?           2.684 ? ? 
metalc13 metalc ? ? A DG 19 O6 ? ? ? 1_555 D BA .  BA ? ? A DG 19 A BA 103 1_555 ? ? ? ? ? ? ?           2.772 ? ? 
metalc14 metalc ? ? A DG 20 O6 ? ? ? 1_555 D BA .  BA ? ? A DG 20 A BA 103 1_555 ? ? ? ? ? ? ?           2.736 ? ? 
metalc15 metalc ? ? A DG 21 O6 ? ? ? 1_555 C BA .  BA ? ? A DG 21 A BA 102 1_555 ? ? ? ? ? ? ?           2.683 ? ? 
metalc16 metalc ? ? A DG 22 O6 ? ? ? 1_555 C BA .  BA ? ? A DG 22 A BA 102 1_555 ? ? ? ? ? ? ?           3.086 ? ? 
hydrog1  hydrog ? ? A DG 1  N1 ? ? ? 1_555 A DG 7  O6 ? ? A DG 1  A DG 7   1_555 ? ? ? ? ? ? TYPE_6_PAIR ?     ? ? 
hydrog2  hydrog ? ? A DG 1  N2 ? ? ? 1_555 A DG 7  N7 ? ? A DG 1  A DG 7   1_555 ? ? ? ? ? ? TYPE_6_PAIR ?     ? ? 
hydrog3  hydrog ? ? A DG 1  N7 ? ? ? 1_555 A DG 19 N2 ? ? A DG 1  A DG 19  1_555 ? ? ? ? ? ? TYPE_6_PAIR ?     ? ? 
hydrog4  hydrog ? ? A DG 1  O6 ? ? ? 1_555 A DG 19 N1 ? ? A DG 1  A DG 19  1_555 ? ? ? ? ? ? TYPE_6_PAIR ?     ? ? 
hydrog5  hydrog ? ? A DG 2  N1 ? ? ? 1_555 A DG 8  O6 ? ? A DG 2  A DG 8   1_555 ? ? ? ? ? ? TYPE_6_PAIR ?     ? ? 
hydrog6  hydrog ? ? A DG 2  N2 ? ? ? 1_555 A DG 8  N7 ? ? A DG 2  A DG 8   1_555 ? ? ? ? ? ? TYPE_6_PAIR ?     ? ? 
hydrog7  hydrog ? ? A DG 2  N7 ? ? ? 1_555 A DG 20 N2 ? ? A DG 2  A DG 20  1_555 ? ? ? ? ? ? TYPE_6_PAIR ?     ? ? 
hydrog8  hydrog ? ? A DG 2  O6 ? ? ? 1_555 A DG 20 N1 ? ? A DG 2  A DG 20  1_555 ? ? ? ? ? ? TYPE_6_PAIR ?     ? ? 
hydrog9  hydrog ? ? A DG 3  N1 ? ? ? 1_555 A DG 9  O6 ? ? A DG 3  A DG 9   1_555 ? ? ? ? ? ? TYPE_6_PAIR ?     ? ? 
hydrog10 hydrog ? ? A DG 3  N2 ? ? ? 1_555 A DG 9  N7 ? ? A DG 3  A DG 9   1_555 ? ? ? ? ? ? TYPE_6_PAIR ?     ? ? 
hydrog11 hydrog ? ? A DG 3  N7 ? ? ? 1_555 A DG 21 N2 ? ? A DG 3  A DG 21  1_555 ? ? ? ? ? ? TYPE_6_PAIR ?     ? ? 
hydrog12 hydrog ? ? A DG 3  O6 ? ? ? 1_555 A DG 21 N1 ? ? A DG 3  A DG 21  1_555 ? ? ? ? ? ? TYPE_6_PAIR ?     ? ? 
hydrog13 hydrog ? ? A DG 4  N1 ? ? ? 1_555 A DG 10 O6 ? ? A DG 4  A DG 10  1_555 ? ? ? ? ? ? TYPE_6_PAIR ?     ? ? 
hydrog14 hydrog ? ? A DG 4  N2 ? ? ? 1_555 A DG 10 N7 ? ? A DG 4  A DG 10  1_555 ? ? ? ? ? ? TYPE_6_PAIR ?     ? ? 
hydrog15 hydrog ? ? A DG 4  N7 ? ? ? 1_555 A DG 22 N2 ? ? A DG 4  A DG 22  1_555 ? ? ? ? ? ? TYPE_6_PAIR ?     ? ? 
hydrog16 hydrog ? ? A DG 4  O6 ? ? ? 1_555 A DG 22 N1 ? ? A DG 4  A DG 22  1_555 ? ? ? ? ? ? TYPE_6_PAIR ?     ? ? 
hydrog17 hydrog ? ? A DG 7  N1 ? ? ? 1_555 A DG 13 O6 ? ? A DG 7  A DG 13  1_555 ? ? ? ? ? ? TYPE_6_PAIR ?     ? ? 
hydrog18 hydrog ? ? A DG 7  N2 ? ? ? 1_555 A DG 13 N7 ? ? A DG 7  A DG 13  1_555 ? ? ? ? ? ? TYPE_6_PAIR ?     ? ? 
hydrog19 hydrog ? ? A DG 8  N1 ? ? ? 1_555 A DG 14 O6 ? ? A DG 8  A DG 14  1_555 ? ? ? ? ? ? TYPE_6_PAIR ?     ? ? 
hydrog20 hydrog ? ? A DG 8  N2 ? ? ? 1_555 A DG 14 N7 ? ? A DG 8  A DG 14  1_555 ? ? ? ? ? ? TYPE_6_PAIR ?     ? ? 
hydrog21 hydrog ? ? A DG 9  N1 ? ? ? 1_555 A DG 15 O6 ? ? A DG 9  A DG 15  1_555 ? ? ? ? ? ? TYPE_6_PAIR ?     ? ? 
hydrog22 hydrog ? ? A DG 9  N2 ? ? ? 1_555 A DG 15 N7 ? ? A DG 9  A DG 15  1_555 ? ? ? ? ? ? TYPE_6_PAIR ?     ? ? 
hydrog23 hydrog ? ? A DG 10 N1 ? ? ? 1_555 A DG 16 O6 ? ? A DG 10 A DG 16  1_555 ? ? ? ? ? ? TYPE_6_PAIR ?     ? ? 
hydrog24 hydrog ? ? A DG 10 N2 ? ? ? 1_555 A DG 16 N7 ? ? A DG 10 A DG 16  1_555 ? ? ? ? ? ? TYPE_6_PAIR ?     ? ? 
hydrog25 hydrog ? ? A DG 13 N1 ? ? ? 1_555 A DG 19 O6 ? ? A DG 13 A DG 19  1_555 ? ? ? ? ? ? TYPE_6_PAIR ?     ? ? 
hydrog26 hydrog ? ? A DG 13 N2 ? ? ? 1_555 A DG 19 N7 ? ? A DG 13 A DG 19  1_555 ? ? ? ? ? ? TYPE_6_PAIR ?     ? ? 
hydrog27 hydrog ? ? A DG 14 N1 ? ? ? 1_555 A DG 20 O6 ? ? A DG 14 A DG 20  1_555 ? ? ? ? ? ? TYPE_6_PAIR ?     ? ? 
hydrog28 hydrog ? ? A DG 14 N2 ? ? ? 1_555 A DG 20 N7 ? ? A DG 14 A DG 20  1_555 ? ? ? ? ? ? TYPE_6_PAIR ?     ? ? 
hydrog29 hydrog ? ? A DG 15 N1 ? ? ? 1_555 A DG 21 O6 ? ? A DG 15 A DG 21  1_555 ? ? ? ? ? ? TYPE_6_PAIR ?     ? ? 
hydrog30 hydrog ? ? A DG 15 N2 ? ? ? 1_555 A DG 21 N7 ? ? A DG 15 A DG 21  1_555 ? ? ? ? ? ? TYPE_6_PAIR ?     ? ? 
hydrog31 hydrog ? ? A DG 16 N1 ? ? ? 1_555 A DG 22 O6 ? ? A DG 16 A DG 22  1_555 ? ? ? ? ? ? TYPE_6_PAIR ?     ? ? 
hydrog32 hydrog ? ? A DG 16 N2 ? ? ? 1_555 A DG 22 N7 ? ? A DG 16 A DG 22  1_555 ? ? ? ? ? ? TYPE_6_PAIR ?     ? ? 
# 
loop_
_struct_conn_type.id 
_struct_conn_type.criteria 
_struct_conn_type.reference 
metalc ? ? 
hydrog ? ? 
# 
_atom_sites.entry_id                    8D78 
_atom_sites.Cartn_transf_matrix[1][1]   ? 
_atom_sites.Cartn_transf_matrix[1][2]   ? 
_atom_sites.Cartn_transf_matrix[1][3]   ? 
_atom_sites.Cartn_transf_matrix[2][1]   ? 
_atom_sites.Cartn_transf_matrix[2][2]   ? 
_atom_sites.Cartn_transf_matrix[2][3]   ? 
_atom_sites.Cartn_transf_matrix[3][1]   ? 
_atom_sites.Cartn_transf_matrix[3][2]   ? 
_atom_sites.Cartn_transf_matrix[3][3]   ? 
_atom_sites.Cartn_transf_vector[1]      ? 
_atom_sites.Cartn_transf_vector[2]      ? 
_atom_sites.Cartn_transf_vector[3]      ? 
_atom_sites.fract_transf_matrix[1][1]   0.01578528 
_atom_sites.fract_transf_matrix[1][2]   0.02179792 
_atom_sites.fract_transf_matrix[1][3]   0.01894931 
_atom_sites.fract_transf_matrix[2][1]   -0.01653970 
_atom_sites.fract_transf_matrix[2][2]   0.01697097 
_atom_sites.fract_transf_matrix[2][3]   0.02284342 
_atom_sites.fract_transf_matrix[3][1]   0.00182151 
_atom_sites.fract_transf_matrix[3][2]   -0.00696173 
_atom_sites.fract_transf_matrix[3][3]   0.00649091 
_atom_sites.fract_transf_vector[1]      -0.112694 
_atom_sites.fract_transf_vector[2]      -0.046475 
_atom_sites.fract_transf_vector[3]      -0.078180 
_atom_sites.solution_primary            ? 
_atom_sites.solution_secondary          ? 
_atom_sites.solution_hydrogens          ? 
_atom_sites.special_details             ? 
# 
loop_
_atom_type.symbol 
_atom_type.scat_dispersion_real 
_atom_type.scat_dispersion_imag 
_atom_type.scat_Cromer_Mann_a1 
_atom_type.scat_Cromer_Mann_a2 
_atom_type.scat_Cromer_Mann_a3 
_atom_type.scat_Cromer_Mann_a4 
_atom_type.scat_Cromer_Mann_b1 
_atom_type.scat_Cromer_Mann_b2 
_atom_type.scat_Cromer_Mann_b3 
_atom_type.scat_Cromer_Mann_b4 
_atom_type.scat_Cromer_Mann_c 
_atom_type.scat_source 
_atom_type.scat_dispersion_source 
BA ? ? 46.69444 9.00985 ? ? 2.07616  47.04031 ? ? 0.0 
;2-Gaussian fit: Grosse-Kunstleve RW, Sauter NK, Adams PD: Newsletter of the IUCr Commission on Crystallographic Computing 2004, 3, 22-31.
;
? 
C  ? ? 3.54356  2.42580 ? ? 25.62398 1.50364  ? ? 0.0 
;2-Gaussian fit: Grosse-Kunstleve RW, Sauter NK, Adams PD: Newsletter of the IUCr Commission on Crystallographic Computing 2004, 3, 22-31.
;
? 
N  ? ? 4.01032  2.96436 ? ? 19.97189 1.75589  ? ? 0.0 
;2-Gaussian fit: Grosse-Kunstleve RW, Sauter NK, Adams PD: Newsletter of the IUCr Commission on Crystallographic Computing 2004, 3, 22-31.
;
? 
O  ? ? 4.49882  3.47563 ? ? 15.80542 1.70748  ? ? 0.0 
;2-Gaussian fit: Grosse-Kunstleve RW, Sauter NK, Adams PD: Newsletter of the IUCr Commission on Crystallographic Computing 2004, 3, 22-31.
;
? 
P  ? ? 9.51135  5.44231 ? ? 1.42069  35.72801 ? ? 0.0 
;2-Gaussian fit: Grosse-Kunstleve RW, Sauter NK, Adams PD: Newsletter of the IUCr Commission on Crystallographic Computing 2004, 3, 22-31.
;
? 
# 
loop_
_atom_site.group_PDB 
_atom_site.id 
_atom_site.type_symbol 
_atom_site.label_atom_id 
_atom_site.label_alt_id 
_atom_site.label_comp_id 
_atom_site.label_asym_id 
_atom_site.label_entity_id 
_atom_site.label_seq_id 
_atom_site.pdbx_PDB_ins_code 
_atom_site.Cartn_x 
_atom_site.Cartn_y 
_atom_site.Cartn_z 
_atom_site.occupancy 
_atom_site.B_iso_or_equiv 
_atom_site.pdbx_formal_charge 
_atom_site.auth_seq_id 
_atom_site.auth_comp_id 
_atom_site.auth_asym_id 
_atom_site.auth_atom_id 
_atom_site.pdbx_PDB_model_num 
ATOM   1   O  "O5'" . DG  A 1 1  ? 9.83663   0.64327   4.64655   1.000 85.86726  ? 1   DG  A "O5'" 1 
ATOM   2   C  "C5'" . DG  A 1 1  ? 11.25015  0.48672   4.71887   1.000 89.72322  ? 1   DG  A "C5'" 1 
ATOM   3   C  "C4'" . DG  A 1 1  ? 11.65664  -0.92148  4.32417   1.000 86.45438  ? 1   DG  A "C4'" 1 
ATOM   4   O  "O4'" . DG  A 1 1  ? 11.05622  -1.86691  5.24309   1.000 91.31915  ? 1   DG  A "O4'" 1 
ATOM   5   C  "C3'" . DG  A 1 1  ? 11.21372  -1.34799  2.93078   1.000 82.56289  ? 1   DG  A "C3'" 1 
ATOM   6   O  "O3'" . DG  A 1 1  ? 12.26419  -1.11772  2.00356   1.000 92.81938  ? 1   DG  A "O3'" 1 
ATOM   7   C  "C2'" . DG  A 1 1  ? 10.94049  -2.83851  3.09500   1.000 82.59637  ? 1   DG  A "C2'" 1 
ATOM   8   C  "C1'" . DG  A 1 1  ? 10.43988  -2.92055  4.53260   1.000 84.22954  ? 1   DG  A "C1'" 1 
ATOM   9   N  N9    . DG  A 1 1  ? 8.99269   -2.78127  4.67506   1.000 77.71858  ? 1   DG  A N9    1 
ATOM   10  C  C8    . DG  A 1 1  ? 8.33143   -1.91547  5.51263   1.000 78.15235  ? 1   DG  A C8    1 
ATOM   11  N  N7    . DG  A 1 1  ? 7.03558   -2.01096  5.44207   1.000 79.41741  ? 1   DG  A N7    1 
ATOM   12  C  C5    . DG  A 1 1  ? 6.81880   -3.00664  4.49992   1.000 77.99364  ? 1   DG  A C5    1 
ATOM   13  C  C6    . DG  A 1 1  ? 5.60777   -3.54100  4.01068   1.000 76.89199  ? 1   DG  A C6    1 
ATOM   14  O  O6    . DG  A 1 1  ? 4.45287   -3.22902  4.32495   1.000 74.53607  ? 1   DG  A O6    1 
ATOM   15  N  N1    . DG  A 1 1  ? 5.82857   -4.53664  3.06220   1.000 77.81138  ? 1   DG  A N1    1 
ATOM   16  C  C2    . DG  A 1 1  ? 7.06647   -4.95966  2.64032   1.000 78.77328  ? 1   DG  A C2    1 
ATOM   17  N  N2    . DG  A 1 1  ? 7.07885   -5.93209  1.71630   1.000 78.80724  ? 1   DG  A N2    1 
ATOM   18  N  N3    . DG  A 1 1  ? 8.21252   -4.46751  3.09347   1.000 77.15811  ? 1   DG  A N3    1 
ATOM   19  C  C4    . DG  A 1 1  ? 8.01286   -3.49491  4.01849   1.000 76.61728  ? 1   DG  A C4    1 
ATOM   20  P  P     . DG  A 1 2  ? 11.92800  -0.70991  0.48667   1.000 100.12828 ? 2   DG  A P     1 
ATOM   21  O  OP1   . DG  A 1 2  ? 13.21291  -0.58073  -0.23508  1.000 100.01400 ? 2   DG  A OP1   1 
ATOM   22  O  OP2   . DG  A 1 2  ? 10.98422  0.43043   0.52060   1.000 95.21406  ? 2   DG  A OP2   1 
ATOM   23  O  "O5'" . DG  A 1 2  ? 11.14818  -1.98191  -0.08792  1.000 90.73096  ? 2   DG  A "O5'" 1 
ATOM   24  C  "C5'" . DG  A 1 2  ? 11.86359  -3.16334  -0.42838  1.000 84.07698  ? 2   DG  A "C5'" 1 
ATOM   25  C  "C4'" . DG  A 1 2  ? 11.15226  -3.92659  -1.53286  1.000 86.42255  ? 2   DG  A "C4'" 1 
ATOM   26  O  "O4'" . DG  A 1 2  ? 9.84738   -4.34952  -1.06683  1.000 85.71452  ? 2   DG  A "O4'" 1 
ATOM   27  C  "C3'" . DG  A 1 2  ? 10.90180  -3.13472  -2.81078  1.000 91.65995  ? 2   DG  A "C3'" 1 
ATOM   28  O  "O3'" . DG  A 1 2  ? 10.97395  -3.99611  -3.93793  1.000 94.26917  ? 2   DG  A "O3'" 1 
ATOM   29  C  "C2'" . DG  A 1 2  ? 9.48998   -2.59034  -2.60957  1.000 87.21446  ? 2   DG  A "C2'" 1 
ATOM   30  C  "C1'" . DG  A 1 2  ? 8.82605   -3.70295  -1.80393  1.000 82.60406  ? 2   DG  A "C1'" 1 
ATOM   31  N  N9    . DG  A 1 2  ? 7.82719   -3.21701  -0.85810  1.000 76.41283  ? 2   DG  A N9    1 
ATOM   32  C  C8    . DG  A 1 2  ? 8.02283   -2.31378  0.15812   1.000 77.31077  ? 2   DG  A C8    1 
ATOM   33  N  N7    . DG  A 1 2  ? 6.94634   -2.07128  0.85166   1.000 76.65559  ? 2   DG  A N7    1 
ATOM   34  C  C5    . DG  A 1 2  ? 5.97488   -2.86794  0.26036   1.000 77.88602  ? 2   DG  A C5    1 
ATOM   35  C  C6    . DG  A 1 2  ? 4.60729   -3.02771  0.58394   1.000 78.51939  ? 2   DG  A C6    1 
ATOM   36  O  O6    . DG  A 1 2  ? 3.96371   -2.47810  1.48820   1.000 78.57972  ? 2   DG  A O6    1 
ATOM   37  N  N1    . DG  A 1 2  ? 3.97935   -3.93365  -0.26679  1.000 76.90564  ? 2   DG  A N1    1 
ATOM   38  C  C2    . DG  A 1 2  ? 4.59641   -4.59985  -1.29902  1.000 77.94746  ? 2   DG  A C2    1 
ATOM   39  N  N2    . DG  A 1 2  ? 3.82696   -5.43509  -2.01138  1.000 81.78160  ? 2   DG  A N2    1 
ATOM   40  N  N3    . DG  A 1 2  ? 5.87773   -4.45968  -1.61166  1.000 73.69559  ? 2   DG  A N3    1 
ATOM   41  C  C4    . DG  A 1 2  ? 6.50227   -3.58084  -0.79284  1.000 74.69289  ? 2   DG  A C4    1 
ATOM   42  P  P     . DG  A 1 3  ? 11.08461  -3.38050  -5.41712  1.000 94.76028  ? 3   DG  A P     1 
ATOM   43  O  OP1   . DG  A 1 3  ? 11.93449  -4.28918  -6.21837  1.000 94.99668  ? 3   DG  A OP1   1 
ATOM   44  O  OP2   . DG  A 1 3  ? 11.44556  -1.95161  -5.27931  1.000 86.75467  ? 3   DG  A OP2   1 
ATOM   45  O  "O5'" . DG  A 1 3  ? 9.59118   -3.46558  -5.97889  1.000 91.78513  ? 3   DG  A "O5'" 1 
ATOM   46  C  "C5'" . DG  A 1 3  ? 8.98572   -4.73337  -6.18312  1.000 87.24963  ? 3   DG  A "C5'" 1 
ATOM   47  C  "C4'" . DG  A 1 3  ? 7.50836   -4.58037  -6.48630  1.000 84.72903  ? 3   DG  A "C4'" 1 
ATOM   48  O  "O4'" . DG  A 1 3  ? 6.81290   -4.13906  -5.29986  1.000 84.06470  ? 3   DG  A "O4'" 1 
ATOM   49  C  "C3'" . DG  A 1 3  ? 7.17535   -3.55779  -7.58016  1.000 87.27944  ? 3   DG  A "C3'" 1 
ATOM   50  O  "O3'" . DG  A 1 3  ? 6.55984   -4.21109  -8.68350  1.000 89.98595  ? 3   DG  A "O3'" 1 
ATOM   51  C  "C2'" . DG  A 1 3  ? 6.21861   -2.56609  -6.90079  1.000 81.88371  ? 3   DG  A "C2'" 1 
ATOM   52  C  "C1'" . DG  A 1 3  ? 5.72795   -3.34833  -5.69558  1.000 83.88271  ? 3   DG  A "C1'" 1 
ATOM   53  N  N9    . DG  A 1 3  ? 5.33667   -2.49604  -4.58129  1.000 80.38203  ? 3   DG  A N9    1 
ATOM   54  C  C8    . DG  A 1 3  ? 6.13345   -1.61341  -3.89345  1.000 79.66949  ? 3   DG  A C8    1 
ATOM   55  N  N7    . DG  A 1 3  ? 5.50405   -0.97841  -2.94589  1.000 79.25581  ? 3   DG  A N7    1 
ATOM   56  C  C5    . DG  A 1 3  ? 4.20682   -1.46944  -3.01199  1.000 77.14684  ? 3   DG  A C5    1 
ATOM   57  C  C6    . DG  A 1 3  ? 3.07319   -1.15163  -2.23212  1.000 75.64026  ? 3   DG  A C6    1 
ATOM   58  O  O6    . DG  A 1 3  ? 2.99032   -0.34598  -1.29657  1.000 80.61470  ? 3   DG  A O6    1 
ATOM   59  N  N1    . DG  A 1 3  ? 1.95288   -1.87891  -2.62831  1.000 73.49786  ? 3   DG  A N1    1 
ATOM   60  C  C2    . DG  A 1 3  ? 1.93477   -2.79784  -3.65138  1.000 80.02859  ? 3   DG  A C2    1 
ATOM   61  N  N2    . DG  A 1 3  ? 0.76040   -3.40022  -3.89059  1.000 79.96191  ? 3   DG  A N2    1 
ATOM   62  N  N3    . DG  A 1 3  ? 2.99123   -3.10300  -4.39161  1.000 79.02801  ? 3   DG  A N3    1 
ATOM   63  C  C4    . DG  A 1 3  ? 4.08902   -2.40384  -4.01404  1.000 78.37045  ? 3   DG  A C4    1 
ATOM   64  P  P     . DG  A 1 4  ? 6.12633   -3.37834  -9.98836  1.000 90.53524  ? 4   DG  A P     1 
ATOM   65  O  OP1   . DG  A 1 4  ? 6.47780   -4.20388  -11.16483 1.000 88.99878  ? 4   DG  A OP1   1 
ATOM   66  O  OP2   . DG  A 1 4  ? 6.66470   -2.00420  -9.87741  1.000 78.36651  ? 4   DG  A OP2   1 
ATOM   67  O  "O5'" . DG  A 1 4  ? 4.53212   -3.30743  -9.87887  1.000 85.94559  ? 4   DG  A "O5'" 1 
ATOM   68  C  "C5'" . DG  A 1 4  ? 3.76908   -4.51080  -9.89757  1.000 84.29422  ? 4   DG  A "C5'" 1 
ATOM   69  C  "C4'" . DG  A 1 4  ? 2.28286   -4.22220  -9.76630  1.000 83.82343  ? 4   DG  A "C4'" 1 
ATOM   70  O  "O4'" . DG  A 1 4  ? 2.00124   -3.68892  -8.44626  1.000 80.22849  ? 4   DG  A "O4'" 1 
ATOM   71  C  "C3'" . DG  A 1 4  ? 1.72684   -3.20244  -10.75997 1.000 86.44189  ? 4   DG  A "C3'" 1 
ATOM   72  O  "O3'" . DG  A 1 4  ? 0.43945   -3.61009  -11.19361 1.000 89.48898  ? 4   DG  A "O3'" 1 
ATOM   73  C  "C2'" . DG  A 1 4  ? 1.65219   -1.92452  -9.92962  1.000 85.05844  ? 4   DG  A "C2'" 1 
ATOM   74  C  "C1'" . DG  A 1 4  ? 1.27567   -2.48724  -8.57151  1.000 79.05371  ? 4   DG  A "C1'" 1 
ATOM   75  N  N9    . DG  A 1 4  ? 1.63117   -1.62066  -7.45694  1.000 74.33027  ? 4   DG  A N9    1 
ATOM   76  C  C8    . DG  A 1 4  ? 2.89262   -1.22939  -7.08346  1.000 77.80731  ? 4   DG  A C8    1 
ATOM   77  N  N7    . DG  A 1 4  ? 2.90545   -0.45418  -6.03636  1.000 80.93085  ? 4   DG  A N7    1 
ATOM   78  C  C5    . DG  A 1 4  ? 1.56675   -0.32932  -5.68966  1.000 81.51641  ? 4   DG  A C5    1 
ATOM   79  C  C6    . DG  A 1 4  ? 0.96302   0.38824   -4.63108  1.000 80.05474  ? 4   DG  A C6    1 
ATOM   80  O  O6    . DG  A 1 4  ? 1.51112   1.07977   -3.76290  1.000 76.09012  ? 4   DG  A O6    1 
ATOM   81  N  N1    . DG  A 1 4  ? -0.42236  0.24814   -4.63835  1.000 84.05976  ? 4   DG  A N1    1 
ATOM   82  C  C2    . DG  A 1 4  ? -1.13254  -0.49154  -5.55427  1.000 80.71893  ? 4   DG  A C2    1 
ATOM   83  N  N2    . DG  A 1 4  ? -2.46456  -0.50690  -5.40175  1.000 79.04960  ? 4   DG  A N2    1 
ATOM   84  N  N3    . DG  A 1 4  ? -0.57766  -1.16962  -6.54953  1.000 71.78374  ? 4   DG  A N3    1 
ATOM   85  C  C4    . DG  A 1 4  ? 0.77038   -1.04311  -6.55463  1.000 73.96498  ? 4   DG  A C4    1 
ATOM   86  P  P     . DT  A 1 5  ? 0.20320   -4.04473  -12.72091 1.000 90.01552  ? 5   DT  A P     1 
ATOM   87  O  OP1   . DT  A 1 5  ? 0.85058   -3.02463  -13.57503 1.000 94.34901  ? 5   DT  A OP1   1 
ATOM   88  O  OP2   . DT  A 1 5  ? -1.23797  -4.34064  -12.88094 1.000 97.73728  ? 5   DT  A OP2   1 
ATOM   89  O  "O5'" . DT  A 1 5  ? 1.03133   -5.40657  -12.86768 1.000 95.32426  ? 5   DT  A "O5'" 1 
ATOM   90  C  "C5'" . DT  A 1 5  ? 0.62036   -6.56889  -12.15527 1.000 100.40801 ? 5   DT  A "C5'" 1 
ATOM   91  C  "C4'" . DT  A 1 5  ? 1.53110   -7.74461  -12.46284 1.000 103.68996 ? 5   DT  A "C4'" 1 
ATOM   92  O  "O4'" . DT  A 1 5  ? 1.48322   -8.03935  -13.88388 1.000 102.72610 ? 5   DT  A "O4'" 1 
ATOM   93  C  "C3'" . DT  A 1 5  ? 3.00730   -7.52890  -12.11926 1.000 102.56986 ? 5   DT  A "C3'" 1 
ATOM   94  O  "O3'" . DT  A 1 5  ? 3.53666   -8.69155  -11.49252 1.000 103.12394 ? 5   DT  A "O3'" 1 
ATOM   95  C  "C2'" . DT  A 1 5  ? 3.65359   -7.28176  -13.48123 1.000 102.00200 ? 5   DT  A "C2'" 1 
ATOM   96  C  "C1'" . DT  A 1 5  ? 2.79475   -8.14934  -14.38503 1.000 102.24577 ? 5   DT  A "C1'" 1 
ATOM   97  N  N1    . DT  A 1 5  ? 2.79645   -7.71130  -15.81028 1.000 106.24690 ? 5   DT  A N1    1 
ATOM   98  C  C2    . DT  A 1 5  ? 3.69187   -8.27867  -16.68632 1.000 106.59936 ? 5   DT  A C2    1 
ATOM   99  O  O2    . DT  A 1 5  ? 4.49704   -9.13177  -16.35911 1.000 107.69984 ? 5   DT  A O2    1 
ATOM   100 N  N3    . DT  A 1 5  ? 3.61172   -7.80947  -17.97043 1.000 108.93865 ? 5   DT  A N3    1 
ATOM   101 C  C4    . DT  A 1 5  ? 2.74398   -6.84940  -18.45653 1.000 102.14222 ? 5   DT  A C4    1 
ATOM   102 O  O4    . DT  A 1 5  ? 2.74997   -6.49410  -19.63044 1.000 102.99222 ? 5   DT  A O4    1 
ATOM   103 C  C5    . DT  A 1 5  ? 1.83033   -6.29481  -17.48588 1.000 103.89561 ? 5   DT  A C5    1 
ATOM   104 C  C7    . DT  A 1 5  ? 0.84093   -5.24487  -17.89613 1.000 105.85978 ? 5   DT  A C7    1 
ATOM   105 C  C6    . DT  A 1 5  ? 1.89971   -6.74720  -16.22425 1.000 104.83192 ? 5   DT  A C6    1 
ATOM   106 P  P     . DT  A 1 6  ? 4.27436   -8.57763  -10.06907 1.000 105.54705 ? 6   DT  A P     1 
ATOM   107 O  OP1   . DT  A 1 6  ? 3.45741   -7.69838  -9.20390  1.000 101.65524 ? 6   DT  A OP1   1 
ATOM   108 O  OP2   . DT  A 1 6  ? 5.69375   -8.24805  -10.32735 1.000 99.99494  ? 6   DT  A OP2   1 
ATOM   109 O  "O5'" . DT  A 1 6  ? 4.18805   -10.05888 -9.47200  1.000 113.64313 ? 6   DT  A "O5'" 1 
ATOM   110 C  "C5'" . DT  A 1 6  ? 4.14720   -10.25809 -8.06256  1.000 109.53714 ? 6   DT  A "C5'" 1 
ATOM   111 C  "C4'" . DT  A 1 6  ? 3.82262   -11.70398 -7.73400  1.000 109.39152 ? 6   DT  A "C4'" 1 
ATOM   112 O  "O4'" . DT  A 1 6  ? 3.19717   -12.32094 -8.87843  1.000 117.35432 ? 6   DT  A "O4'" 1 
ATOM   113 C  "C3'" . DT  A 1 6  ? 5.02829   -12.57194 -7.42573  1.000 106.12918 ? 6   DT  A "C3'" 1 
ATOM   114 O  "O3'" . DT  A 1 6  ? 5.32544   -12.50089 -6.03374  1.000 103.55319 ? 6   DT  A "O3'" 1 
ATOM   115 C  "C2'" . DT  A 1 6  ? 4.55214   -13.97049 -7.82160  1.000 117.17736 ? 6   DT  A "C2'" 1 
ATOM   116 C  "C1'" . DT  A 1 6  ? 3.52759   -13.69471 -8.92900  1.000 121.32424 ? 6   DT  A "C1'" 1 
ATOM   117 N  N1    . DT  A 1 6  ? 4.01900   -14.01528 -10.30266 1.000 121.21333 ? 6   DT  A N1    1 
ATOM   118 C  C2    . DT  A 1 6  ? 3.69874   -15.22876 -10.86436 1.000 123.19362 ? 6   DT  A C2    1 
ATOM   119 O  O2    . DT  A 1 6  ? 3.03133   -16.07280 -10.29428 1.000 128.30639 ? 6   DT  A O2    1 
ATOM   120 N  N3    . DT  A 1 6  ? 4.19286   -15.42368 -12.12635 1.000 122.16543 ? 6   DT  A N3    1 
ATOM   121 C  C4    . DT  A 1 6  ? 4.95825   -14.54398 -12.86906 1.000 120.88837 ? 6   DT  A C4    1 
ATOM   122 O  O4    . DT  A 1 6  ? 5.35586   -14.81197 -13.99836 1.000 121.92464 ? 6   DT  A O4    1 
ATOM   123 C  C5    . DT  A 1 6  ? 5.25653   -13.28792 -12.22270 1.000 119.86099 ? 6   DT  A C5    1 
ATOM   124 C  C7    . DT  A 1 6  ? 6.07949   -12.25222 -12.93037 1.000 117.84270 ? 6   DT  A C7    1 
ATOM   125 C  C6    . DT  A 1 6  ? 4.77687   -13.08626 -10.98574 1.000 121.06609 ? 6   DT  A C6    1 
ATOM   126 P  P     . DG  A 1 7  ? 6.75518   -11.96324 -5.53480  1.000 101.52966 ? 7   DG  A P     1 
ATOM   127 O  OP1   . DG  A 1 7  ? 7.28564   -11.06729 -6.58668  1.000 106.94274 ? 7   DG  A OP1   1 
ATOM   128 O  OP2   . DG  A 1 7  ? 7.54660   -13.13227 -5.09011  1.000 106.74227 ? 7   DG  A OP2   1 
ATOM   129 O  "O5'" . DG  A 1 7  ? 6.40618   -11.07013 -4.25347  1.000 98.14701  ? 7   DG  A "O5'" 1 
ATOM   130 C  "C5'" . DG  A 1 7  ? 5.43782   -10.03367 -4.35158  1.000 94.89697  ? 7   DG  A "C5'" 1 
ATOM   131 C  "C4'" . DG  A 1 7  ? 4.12673   -10.46399 -3.72129  1.000 91.97800  ? 7   DG  A "C4'" 1 
ATOM   132 O  "O4'" . DG  A 1 7  ? 4.28575   -10.53672 -2.28765  1.000 87.57173  ? 7   DG  A "O4'" 1 
ATOM   133 C  "C3'" . DG  A 1 7  ? 2.96971   -9.50830  -3.93899  1.000 90.46546  ? 7   DG  A "C3'" 1 
ATOM   134 O  "O3'" . DG  A 1 7  ? 2.31900   -9.81784  -5.15822  1.000 93.30933  ? 7   DG  A "O3'" 1 
ATOM   135 C  "C2'" . DG  A 1 7  ? 2.07298   -9.80465  -2.74268  1.000 88.74707  ? 7   DG  A "C2'" 1 
ATOM   136 C  "C1'" . DG  A 1 7  ? 3.08612   -10.13922 -1.64820  1.000 86.14961  ? 7   DG  A "C1'" 1 
ATOM   137 N  N9    . DG  A 1 7  ? 3.38364   -9.02036  -0.75969  1.000 83.24363  ? 7   DG  A N9    1 
ATOM   138 C  C8    . DG  A 1 7  ? 4.59604   -8.39676  -0.59147  1.000 82.23732  ? 7   DG  A C8    1 
ATOM   139 N  N7    . DG  A 1 7  ? 4.56373   -7.42525  0.27757   1.000 82.50291  ? 7   DG  A N7    1 
ATOM   140 C  C5    . DG  A 1 7  ? 3.24526   -7.40318  0.71371   1.000 80.92850  ? 7   DG  A C5    1 
ATOM   141 C  C6    . DG  A 1 7  ? 2.61115   -6.56133  1.65729   1.000 75.52837  ? 7   DG  A C6    1 
ATOM   142 O  O6    . DG  A 1 7  ? 3.10670   -5.63845  2.31717   1.000 70.21214  ? 7   DG  A O6    1 
ATOM   143 N  N1    . DG  A 1 7  ? 1.26298   -6.87667  1.80501   1.000 79.54004  ? 7   DG  A N1    1 
ATOM   144 C  C2    . DG  A 1 7  ? 0.61077   -7.87925  1.12664   1.000 81.33083  ? 7   DG  A C2    1 
ATOM   145 N  N2    . DG  A 1 7  ? -0.69261  -8.03365  1.40164   1.000 80.35966  ? 7   DG  A N2    1 
ATOM   146 N  N3    . DG  A 1 7  ? 1.19319   -8.67458  0.24027   1.000 79.94313  ? 7   DG  A N3    1 
ATOM   147 C  C4    . DG  A 1 7  ? 2.50648   -8.38003  0.08504   1.000 81.18312  ? 7   DG  A C4    1 
ATOM   148 P  P     . DG  A 1 8  ? 1.49155   -8.68620  -5.93955  1.000 95.85387  ? 8   DG  A P     1 
ATOM   149 O  OP1   . DG  A 1 8  ? 1.12103   -9.24135  -7.26069  1.000 104.73077 ? 8   DG  A OP1   1 
ATOM   150 O  OP2   . DG  A 1 8  ? 2.25972   -7.42356  -5.84794  1.000 89.31491  ? 8   DG  A OP2   1 
ATOM   151 O  "O5'" . DG  A 1 8  ? 0.16028   -8.51639  -5.07325  1.000 83.01367  ? 8   DG  A "O5'" 1 
ATOM   152 C  "C5'" . DG  A 1 8  ? -0.75699  -9.59472  -4.96880  1.000 82.74054  ? 8   DG  A "C5'" 1 
ATOM   153 C  "C4'" . DG  A 1 8  ? -1.98770  -9.18188  -4.18459  1.000 80.77023  ? 8   DG  A "C4'" 1 
ATOM   154 O  "O4'" . DG  A 1 8  ? -1.58472  -8.62231  -2.90752  1.000 77.97981  ? 8   DG  A "O4'" 1 
ATOM   155 C  "C3'" . DG  A 1 8  ? -2.85157  -8.11808  -4.85235  1.000 82.46367  ? 8   DG  A "C3'" 1 
ATOM   156 O  "O3'" . DG  A 1 8  ? -4.21783  -8.36378  -4.56241  1.000 84.96965  ? 8   DG  A "O3'" 1 
ATOM   157 C  "C2'" . DG  A 1 8  ? -2.36291  -6.82629  -4.20260  1.000 79.14109  ? 8   DG  A "C2'" 1 
ATOM   158 C  "C1'" . DG  A 1 8  ? -2.06498  -7.29818  -2.78819  1.000 81.43380  ? 8   DG  A "C1'" 1 
ATOM   159 N  N9    . DG  A 1 8  ? -1.04778  -6.50620  -2.10399  1.000 79.26359  ? 8   DG  A N9    1 
ATOM   160 C  C8    . DG  A 1 8  ? 0.30306   -6.50612  -2.35194  1.000 81.49137  ? 8   DG  A C8    1 
ATOM   161 N  N7    . DG  A 1 8  ? 0.97414   -5.70418  -1.57387  1.000 81.03249  ? 8   DG  A N7    1 
ATOM   162 C  C5    . DG  A 1 8  ? 0.00746   -5.13863  -0.75284  1.000 80.93843  ? 8   DG  A C5    1 
ATOM   163 C  C6    . DG  A 1 8  ? 0.13947   -4.19295  0.29161   1.000 76.84471  ? 8   DG  A C6    1 
ATOM   164 O  O6    . DG  A 1 8  ? 1.17182   -3.65174  0.71039   1.000 70.45985  ? 8   DG  A O6    1 
ATOM   165 N  N1    . DG  A 1 8  ? -1.09082  -3.88770  0.86859   1.000 78.62978  ? 8   DG  A N1    1 
ATOM   166 C  C2    . DG  A 1 8  ? -2.29541  -4.42807  0.48309   1.000 82.83778  ? 8   DG  A C2    1 
ATOM   167 N  N2    . DG  A 1 8  ? -3.37645  -4.01093  1.15707   1.000 85.39683  ? 8   DG  A N2    1 
ATOM   168 N  N3    . DG  A 1 8  ? -2.43244  -5.31536  -0.49442  1.000 79.69926  ? 8   DG  A N3    1 
ATOM   169 C  C4    . DG  A 1 8  ? -1.24307  -5.62339  -1.06534  1.000 78.32861  ? 8   DG  A C4    1 
ATOM   170 P  P     . DG  A 1 9  ? -5.36284  -7.82857  -5.55254  1.000 95.40680  ? 9   DG  A P     1 
ATOM   171 O  OP1   . DG  A 1 9  ? -6.46806  -8.81407  -5.52861  1.000 90.69760  ? 9   DG  A OP1   1 
ATOM   172 O  OP2   . DG  A 1 9  ? -4.71678  -7.47620  -6.83640  1.000 92.29270  ? 9   DG  A OP2   1 
ATOM   173 O  "O5'" . DG  A 1 9  ? -5.86315  -6.47795  -4.85786  1.000 86.81845  ? 9   DG  A "O5'" 1 
ATOM   174 C  "C5'" . DG  A 1 9  ? -6.48685  -6.53195  -3.58143  1.000 90.45024  ? 9   DG  A "C5'" 1 
ATOM   175 C  "C4'" . DG  A 1 9  ? -6.84215  -5.14098  -3.09180  1.000 92.56307  ? 9   DG  A "C4'" 1 
ATOM   176 O  "O4'" . DG  A 1 9  ? -5.71601  -4.56913  -2.37473  1.000 85.04481  ? 9   DG  A "O4'" 1 
ATOM   177 C  "C3'" . DG  A 1 9  ? -7.20100  -4.13809  -4.19306  1.000 94.72342  ? 9   DG  A "C3'" 1 
ATOM   178 O  "O3'" . DG  A 1 9  ? -8.35788  -3.40496  -3.81701  1.000 101.44979 ? 9   DG  A "O3'" 1 
ATOM   179 C  "C2'" . DG  A 1 9  ? -5.96711  -3.24042  -4.26140  1.000 88.42853  ? 9   DG  A "C2'" 1 
ATOM   180 C  "C1'" . DG  A 1 9  ? -5.51980  -3.24701  -2.81399  1.000 86.98395  ? 9   DG  A "C1'" 1 
ATOM   181 N  N9    . DG  A 1 9  ? -4.11645  -2.89868  -2.64209  1.000 78.97786  ? 9   DG  A N9    1 
ATOM   182 C  C8    . DG  A 1 9  ? -3.06644  -3.27775  -3.44240  1.000 78.43478  ? 9   DG  A C8    1 
ATOM   183 N  N7    . DG  A 1 9  ? -1.91713  -2.81167  -3.04501  1.000 78.80200  ? 9   DG  A N7    1 
ATOM   184 C  C5    . DG  A 1 9  ? -2.22537  -2.07459  -1.90847  1.000 80.09259  ? 9   DG  A C5    1 
ATOM   185 C  C6    . DG  A 1 9  ? -1.38260  -1.33723  -1.04716  1.000 76.60409  ? 9   DG  A C6    1 
ATOM   186 O  O6    . DG  A 1 9  ? -0.15638  -1.18449  -1.12078  1.000 75.86752  ? 9   DG  A O6    1 
ATOM   187 N  N1    . DG  A 1 9  ? -2.10006  -0.73859  -0.01368  1.000 77.49043  ? 9   DG  A N1    1 
ATOM   188 C  C2    . DG  A 1 9  ? -3.45953  -0.84116  0.16264   1.000 77.81259  ? 9   DG  A C2    1 
ATOM   189 N  N2    . DG  A 1 9  ? -3.97314  -0.19280  1.21787   1.000 80.69963  ? 9   DG  A N2    1 
ATOM   190 N  N3    . DG  A 1 9  ? -4.26050  -1.52925  -0.63871  1.000 77.97476  ? 9   DG  A N3    1 
ATOM   191 C  C4    . DG  A 1 9  ? -3.57576  -2.11755  -1.64943  1.000 78.41124  ? 9   DG  A C4    1 
ATOM   192 P  P     . DG  A 1 10 ? -9.10122  -2.45152  -4.87546  1.000 112.99057 ? 10  DG  A P     1 
ATOM   193 O  OP1   . DG  A 1 10 ? -10.47176 -2.97972  -5.05051  1.000 122.98695 ? 10  DG  A OP1   1 
ATOM   194 O  OP2   . DG  A 1 10 ? -8.23743  -2.27754  -6.06429  1.000 111.07800 ? 10  DG  A OP2   1 
ATOM   195 O  "O5'" . DG  A 1 10 ? -9.19235  -1.04828  -4.11645  1.000 114.60711 ? 10  DG  A "O5'" 1 
ATOM   196 C  "C5'" . DG  A 1 10 ? -10.08892 -0.89994  -3.03036  1.000 119.86779 ? 10  DG  A "C5'" 1 
ATOM   197 C  "C4'" . DG  A 1 10 ? -9.77764  0.34609   -2.22746  1.000 120.91095 ? 10  DG  A "C4'" 1 
ATOM   198 O  "O4'" . DG  A 1 10 ? -8.39021  0.32547   -1.81142  1.000 108.82032 ? 10  DG  A "O4'" 1 
ATOM   199 C  "C3'" . DG  A 1 10 ? -9.98554  1.66437   -2.97433  1.000 117.40813 ? 10  DG  A "C3'" 1 
ATOM   200 O  "O3'" . DG  A 1 10 ? -10.71828 2.56239   -2.15744  1.000 126.36871 ? 10  DG  A "O3'" 1 
ATOM   201 C  "C2'" . DG  A 1 10 ? -8.56164  2.16311   -3.23033  1.000 104.00037 ? 10  DG  A "C2'" 1 
ATOM   202 C  "C1'" . DG  A 1 10 ? -7.82247  1.59173   -2.03345  1.000 102.23934 ? 10  DG  A "C1'" 1 
ATOM   203 N  N9    . DG  A 1 10 ? -6.39222  1.41638   -2.25084  1.000 88.06835  ? 10  DG  A N9    1 
ATOM   204 C  C8    . DG  A 1 10 ? -5.78883  0.57211   -3.15033  1.000 85.81834  ? 10  DG  A C8    1 
ATOM   205 N  N7    . DG  A 1 10 ? -4.48731  0.62144   -3.11420  1.000 80.30441  ? 10  DG  A N7    1 
ATOM   206 C  C5    . DG  A 1 10 ? -4.21071  1.55294   -2.12264  1.000 81.23527  ? 10  DG  A C5    1 
ATOM   207 C  C6    . DG  A 1 10 ? -2.97042  2.02218   -1.63547  1.000 81.19354  ? 10  DG  A C6    1 
ATOM   208 O  O6    . DG  A 1 10 ? -1.83422  1.69101   -1.99264  1.000 83.37427  ? 10  DG  A O6    1 
ATOM   209 N  N1    . DG  A 1 10 ? -3.13593  2.96770   -0.62596  1.000 80.12696  ? 10  DG  A N1    1 
ATOM   210 C  C2    . DG  A 1 10 ? -4.34923  3.40205   -0.14838  1.000 80.59832  ? 10  DG  A C2    1 
ATOM   211 N  N2    . DG  A 1 10 ? -4.31068  4.31566   0.83246   1.000 74.54166  ? 10  DG  A N2    1 
ATOM   212 N  N3    . DG  A 1 10 ? -5.51946  2.96910   -0.59692  1.000 84.92043  ? 10  DG  A N3    1 
ATOM   213 C  C4    . DG  A 1 10 ? -5.37308  2.04902   -1.58040  1.000 83.64480  ? 10  DG  A C4    1 
ATOM   214 P  P     . DT  A 1 11 ? -12.29174 2.77142   -2.40417  1.000 142.08279 ? 11  DT  A P     1 
ATOM   215 O  OP1   . DT  A 1 11 ? -12.46020 2.96807   -3.86040  1.000 147.60003 ? 11  DT  A OP1   1 
ATOM   216 O  OP2   . DT  A 1 11 ? -12.76400 3.80808   -1.45921  1.000 149.14451 ? 11  DT  A OP2   1 
ATOM   217 O  "O5'" . DT  A 1 11 ? -12.95083 1.35982   -2.00866  1.000 150.58478 ? 11  DT  A "O5'" 1 
ATOM   218 C  "C5'" . DT  A 1 11 ? -14.35924 1.27905   -1.74751  1.000 156.62984 ? 11  DT  A "C5'" 1 
ATOM   219 C  "C4'" . DT  A 1 11 ? -14.87045 -0.15460  -1.82945  1.000 161.80796 ? 11  DT  A "C4'" 1 
ATOM   220 O  "O4'" . DT  A 1 11 ? -16.18568 -0.14914  -2.44552  1.000 163.94586 ? 11  DT  A "O4'" 1 
ATOM   221 C  "C3'" . DT  A 1 11 ? -14.07341 -1.07459  -2.72886  1.000 158.15812 ? 11  DT  A "C3'" 1 
ATOM   222 O  "O3'" . DT  A 1 11 ? -14.51180 -2.41777  -2.52614  1.000 157.64038 ? 11  DT  A "O3'" 1 
ATOM   223 C  "C2'" . DT  A 1 11 ? -14.54974 -0.57738  -4.07767  1.000 162.36096 ? 11  DT  A "C2'" 1 
ATOM   224 C  "C1'" . DT  A 1 11 ? -16.05540 -0.53853  -3.80798  1.000 166.75863 ? 11  DT  A "C1'" 1 
ATOM   225 N  N1    . DT  A 1 11 ? -16.83887 0.42766   -4.65278  1.000 172.33679 ? 11  DT  A N1    1 
ATOM   226 C  C2    . DT  A 1 11 ? -16.68253 0.44653   -6.02943  1.000 173.11316 ? 11  DT  A C2    1 
ATOM   227 O  O2    . DT  A 1 11 ? -15.91387 -0.27827  -6.63855  1.000 173.47390 ? 11  DT  A O2    1 
ATOM   228 N  N3    . DT  A 1 11 ? -17.46658 1.36451   -6.67617  1.000 173.19516 ? 11  DT  A N3    1 
ATOM   229 C  C4    . DT  A 1 11 ? -18.37574 2.23837   -6.10888  1.000 170.87794 ? 11  DT  A C4    1 
ATOM   230 O  O4    . DT  A 1 11 ? -19.03210 3.02708   -6.77758  1.000 171.46920 ? 11  DT  A O4    1 
ATOM   231 C  C5    . DT  A 1 11 ? -18.49763 2.15933   -4.67483  1.000 171.60437 ? 11  DT  A C5    1 
ATOM   232 C  C7    . DT  A 1 11 ? -19.45639 3.05608   -3.94881  1.000 171.67781 ? 11  DT  A C7    1 
ATOM   233 C  C6    . DT  A 1 11 ? -17.73775 1.26713   -4.02672  1.000 171.23368 ? 11  DT  A C6    1 
ATOM   234 P  P     . DT  A 1 12 ? -13.61660 -3.47759  -1.71643  1.000 147.97601 ? 12  DT  A P     1 
ATOM   235 O  OP1   . DT  A 1 12 ? -13.96781 -4.82408  -2.22055  1.000 146.30123 ? 12  DT  A OP1   1 
ATOM   236 O  OP2   . DT  A 1 12 ? -13.76163 -3.17908  -0.27611  1.000 148.65998 ? 12  DT  A OP2   1 
ATOM   237 O  "O5'" . DT  A 1 12 ? -12.12239 -3.16656  -2.18655  1.000 143.10339 ? 12  DT  A "O5'" 1 
ATOM   238 C  "C5'" . DT  A 1 12 ? -11.14517 -4.19850  -2.16866  1.000 135.90154 ? 12  DT  A "C5'" 1 
ATOM   239 C  "C4'" . DT  A 1 12 ? -10.17394 -4.00833  -1.01796  1.000 134.10881 ? 12  DT  A "C4'" 1 
ATOM   240 O  "O4'" . DT  A 1 12 ? -10.34448 -2.69101  -0.44577  1.000 140.13592 ? 12  DT  A "O4'" 1 
ATOM   241 C  "C3'" . DT  A 1 12 ? -10.33852 -5.00232  0.13445   1.000 132.05918 ? 12  DT  A "C3'" 1 
ATOM   242 O  "O3'" . DT  A 1 12 ? -9.12849  -5.71293  0.33277   1.000 121.99391 ? 12  DT  A "O3'" 1 
ATOM   243 C  "C2'" . DT  A 1 12 ? -10.69102 -4.12939  1.34692   1.000 135.23195 ? 12  DT  A "C2'" 1 
ATOM   244 C  "C1'" . DT  A 1 12 ? -10.14819 -2.76898  0.94027   1.000 139.78668 ? 12  DT  A "C1'" 1 
ATOM   245 N  N1    . DT  A 1 12 ? -10.86116 -1.62379  1.58066   1.000 143.56868 ? 12  DT  A N1    1 
ATOM   246 C  C2    . DT  A 1 12 ? -10.16484 -0.47340  1.87001   1.000 143.76897 ? 12  DT  A C2    1 
ATOM   247 O  O2    . DT  A 1 12 ? -8.97847  -0.33211  1.63093   1.000 137.79472 ? 12  DT  A O2    1 
ATOM   248 N  N3    . DT  A 1 12 ? -10.91240 0.51586   2.45329   1.000 150.54147 ? 12  DT  A N3    1 
ATOM   249 C  C4    . DT  A 1 12 ? -12.25867 0.47033   2.77003   1.000 155.45849 ? 12  DT  A C4    1 
ATOM   250 O  O4    . DT  A 1 12 ? -12.84243 1.41362   3.29447   1.000 159.74971 ? 12  DT  A O4    1 
ATOM   251 C  C5    . DT  A 1 12 ? -12.92854 -0.76510  2.43998   1.000 154.06683 ? 12  DT  A C5    1 
ATOM   252 C  C7    . DT  A 1 12 ? -14.38996 -0.93409  2.73566   1.000 156.10840 ? 12  DT  A C7    1 
ATOM   253 C  C6    . DT  A 1 12 ? -12.20540 -1.74016  1.86944   1.000 149.89470 ? 12  DT  A C6    1 
ATOM   254 P  P     . DG  A 1 13 ? -9.16421  -7.29195  0.62137   1.000 124.24074 ? 13  DG  A P     1 
ATOM   255 O  OP1   . DG  A 1 13 ? -8.01309  -7.90186  -0.08031  1.000 120.41576 ? 13  DG  A OP1   1 
ATOM   256 O  OP2   . DG  A 1 13 ? -10.53561 -7.77106  0.33789   1.000 123.57421 ? 13  DG  A OP2   1 
ATOM   257 O  "O5'" . DG  A 1 13 ? -8.89081  -7.39579  2.19260   1.000 117.30266 ? 13  DG  A "O5'" 1 
ATOM   258 C  "C5'" . DG  A 1 13 ? -7.57847  -7.18846  2.69680   1.000 105.44551 ? 13  DG  A "C5'" 1 
ATOM   259 C  "C4'" . DG  A 1 13 ? -7.62115  -6.60015  4.09426   1.000 102.30504 ? 13  DG  A "C4'" 1 
ATOM   260 O  "O4'" . DG  A 1 13 ? -6.32986  -6.78124  4.72418   1.000 90.43724  ? 13  DG  A "O4'" 1 
ATOM   261 C  "C3'" . DG  A 1 13 ? -7.87141  -5.10396  4.14884   1.000 105.48335 ? 13  DG  A "C3'" 1 
ATOM   262 O  "O3'" . DG  A 1 13 ? -8.38213  -4.74576  5.42794   1.000 108.11868 ? 13  DG  A "O3'" 1 
ATOM   263 C  "C2'" . DG  A 1 13 ? -6.46694  -4.55888  3.94351   1.000 98.67035  ? 13  DG  A "C2'" 1 
ATOM   264 C  "C1'" . DG  A 1 13 ? -5.64157  -5.54615  4.76609   1.000 91.98773  ? 13  DG  A "C1'" 1 
ATOM   265 N  N9    . DG  A 1 13 ? -4.29638  -5.74947  4.24410   1.000 85.19566  ? 13  DG  A N9    1 
ATOM   266 C  C8    . DG  A 1 13 ? -3.93019  -6.53836  3.18038   1.000 84.00382  ? 13  DG  A C8    1 
ATOM   267 N  N7    . DG  A 1 13 ? -2.64886  -6.52053  2.93892   1.000 86.35227  ? 13  DG  A N7    1 
ATOM   268 C  C5    . DG  A 1 13 ? -2.13338  -5.66490  3.90535   1.000 83.56540  ? 13  DG  A C5    1 
ATOM   269 C  C6    . DG  A 1 13 ? -0.80002  -5.25449  4.14388   1.000 76.44701  ? 13  DG  A C6    1 
ATOM   270 O  O6    . DG  A 1 13 ? 0.22583   -5.57701  3.52799   1.000 70.80702  ? 13  DG  A O6    1 
ATOM   271 N  N1    . DG  A 1 13 ? -0.71727  -4.37827  5.22290   1.000 76.50210  ? 13  DG  A N1    1 
ATOM   272 C  C2    . DG  A 1 13 ? -1.78608  -3.95425  5.97564   1.000 79.09222  ? 13  DG  A C2    1 
ATOM   273 N  N2    . DG  A 1 13 ? -1.50909  -3.10783  6.97722   1.000 81.39047  ? 13  DG  A N2    1 
ATOM   274 N  N3    . DG  A 1 13 ? -3.03864  -4.33062  5.76235   1.000 78.56237  ? 13  DG  A N3    1 
ATOM   275 C  C4    . DG  A 1 13 ? -3.13654  -5.18308  4.71507   1.000 81.71100  ? 13  DG  A C4    1 
ATOM   276 P  P     . DG  A 1 14 ? -9.33128  -3.45877  5.59558   1.000 123.63600 ? 14  DG  A P     1 
ATOM   277 O  OP1   . DG  A 1 14 ? -9.96640  -3.55744  6.92910   1.000 117.46249 ? 14  DG  A OP1   1 
ATOM   278 O  OP2   . DG  A 1 14 ? -10.17082 -3.34790  4.38290   1.000 119.31994 ? 14  DG  A OP2   1 
ATOM   279 O  "O5'" . DG  A 1 14 ? -8.31609  -2.22158  5.59730   1.000 103.32107 ? 14  DG  A "O5'" 1 
ATOM   280 C  "C5'" . DG  A 1 14 ? -7.19111  -2.23062  6.46699   1.000 99.78053  ? 14  DG  A "C5'" 1 
ATOM   281 C  "C4'" . DG  A 1 14 ? -6.89814  -0.84013  6.99743   1.000 97.98300  ? 14  DG  A "C4'" 1 
ATOM   282 O  "O4'" . DG  A 1 14 ? -5.47251  -0.60875  6.96175   1.000 91.15227  ? 14  DG  A "O4'" 1 
ATOM   283 C  "C3'" . DG  A 1 14 ? -7.49828  0.29929   6.19474   1.000 97.22074  ? 14  DG  A "C3'" 1 
ATOM   284 O  "O3'" . DG  A 1 14 ? -7.65620  1.44322   7.02808   1.000 97.49866  ? 14  DG  A "O3'" 1 
ATOM   285 C  "C2'" . DG  A 1 14 ? -6.44538  0.52927   5.11423   1.000 92.85120  ? 14  DG  A "C2'" 1 
ATOM   286 C  "C1'" . DG  A 1 14 ? -5.13918  0.17334   5.82936   1.000 90.02084  ? 14  DG  A "C1'" 1 
ATOM   287 N  N9    . DG  A 1 14 ? -4.22665  -0.59569  4.99218   1.000 83.48253  ? 14  DG  A N9    1 
ATOM   288 C  C8    . DG  A 1 14 ? -4.56339  -1.57916  4.09537   1.000 85.67431  ? 14  DG  A C8    1 
ATOM   289 N  N7    . DG  A 1 14 ? -3.53745  -2.09306  3.47918   1.000 83.16059  ? 14  DG  A N7    1 
ATOM   290 C  C5    . DG  A 1 14 ? -2.45026  -1.40521  3.99861   1.000 77.74156  ? 14  DG  A C5    1 
ATOM   291 C  C6    . DG  A 1 14 ? -1.07380  -1.53086  3.70866   1.000 74.28294  ? 14  DG  A C6    1 
ATOM   292 O  O6    . DG  A 1 14 ? -0.52856  -2.30073  2.90775   1.000 75.78664  ? 14  DG  A O6    1 
ATOM   293 N  N1    . DG  A 1 14 ? -0.30552  -0.64419  4.45848   1.000 69.27795  ? 14  DG  A N1    1 
ATOM   294 C  C2    . DG  A 1 14 ? -0.80842  0.25087   5.37334   1.000 77.96746  ? 14  DG  A C2    1 
ATOM   295 N  N2    . DG  A 1 14 ? 0.08703   1.02680   6.00106   1.000 82.30170  ? 14  DG  A N2    1 
ATOM   296 N  N3    . DG  A 1 14 ? -2.09872  0.37885   5.65340   1.000 78.87967  ? 14  DG  A N3    1 
ATOM   297 C  C4    . DG  A 1 14 ? -2.85754  -0.47880  4.93134   1.000 78.51698  ? 14  DG  A C4    1 
ATOM   298 P  P     . DG  A 1 15 ? -8.16602  2.84084   6.41793   1.000 110.31011 ? 15  DG  A P     1 
ATOM   299 O  OP1   . DG  A 1 15 ? -8.98076  3.49230   7.46740   1.000 112.62439 ? 15  DG  A OP1   1 
ATOM   300 O  OP2   . DG  A 1 15 ? -8.76009  2.59590   5.08418   1.000 106.94082 ? 15  DG  A OP2   1 
ATOM   301 O  "O5'" . DG  A 1 15 ? -6.81981  3.68578   6.22783   1.000 100.08447 ? 15  DG  A "O5'" 1 
ATOM   302 C  "C5'" . DG  A 1 15 ? -6.02712  4.00982   7.36580   1.000 94.10549  ? 15  DG  A "C5'" 1 
ATOM   303 C  "C4'" . DG  A 1 15 ? -4.77468  4.77470   6.96997   1.000 91.60058  ? 15  DG  A "C4'" 1 
ATOM   304 O  "O4'" . DG  A 1 15 ? -3.84199  3.88741   6.30202   1.000 87.13875  ? 15  DG  A "O4'" 1 
ATOM   305 C  "C3'" . DG  A 1 15 ? -4.99601  5.95947   6.02083   1.000 91.53516  ? 15  DG  A "C3'" 1 
ATOM   306 O  "O3'" . DG  A 1 15 ? -4.32335  7.10314   6.52926   1.000 89.92873  ? 15  DG  A "O3'" 1 
ATOM   307 C  "C2'" . DG  A 1 15 ? -4.37756  5.48206   4.70419   1.000 85.68836  ? 15  DG  A "C2'" 1 
ATOM   308 C  "C1'" . DG  A 1 15 ? -3.28004  4.56352   5.20575   1.000 85.18515  ? 15  DG  A "C1'" 1 
ATOM   309 N  N9    . DG  A 1 15 ? -2.84632  3.57644   4.22435   1.000 78.28834  ? 15  DG  A N9    1 
ATOM   310 C  C8    . DG  A 1 15 ? -3.63943  2.69999   3.52594   1.000 77.33604  ? 15  DG  A C8    1 
ATOM   311 N  N7    . DG  A 1 15 ? -2.97037  1.92761   2.71642   1.000 78.06771  ? 15  DG  A N7    1 
ATOM   312 C  C5    . DG  A 1 15 ? -1.64793  2.31553   2.89156   1.000 76.64812  ? 15  DG  A C5    1 
ATOM   313 C  C6    . DG  A 1 15 ? -0.46743  1.83257   2.27948   1.000 73.82354  ? 15  DG  A C6    1 
ATOM   314 O  O6    . DG  A 1 15 ? -0.35394  0.93632   1.43365   1.000 79.13206  ? 15  DG  A O6    1 
ATOM   315 N  N1    . DG  A 1 15 ? 0.66356   2.49999   2.74180   1.000 72.91389  ? 15  DG  A N1    1 
ATOM   316 C  C2    . DG  A 1 15 ? 0.65378   3.50834   3.67542   1.000 80.05435  ? 15  DG  A C2    1 
ATOM   317 N  N2    . DG  A 1 15 ? 1.84494   4.03481   3.99403   1.000 81.05288  ? 15  DG  A N2    1 
ATOM   318 N  N3    . DG  A 1 15 ? -0.44582  3.97106   4.25563   1.000 80.62380  ? 15  DG  A N3    1 
ATOM   319 C  C4    . DG  A 1 15 ? -1.55540  3.32850   3.81774   1.000 78.55623  ? 15  DG  A C4    1 
ATOM   320 P  P     . DG  A 1 16 ? -4.51379  8.54372   5.84457   1.000 95.08823  ? 16  DG  A P     1 
ATOM   321 O  OP1   . DG  A 1 16 ? -4.87110  9.49171   6.92312   1.000 95.73813  ? 16  DG  A OP1   1 
ATOM   322 O  OP2   . DG  A 1 16 ? -5.40491  8.40429   4.67124   1.000 91.54381  ? 16  DG  A OP2   1 
ATOM   323 O  "O5'" . DG  A 1 16 ? -3.04686  8.90750   5.32233   1.000 96.20170  ? 16  DG  A "O5'" 1 
ATOM   324 C  "C5'" . DG  A 1 16 ? -1.97074  9.00599   6.24990   1.000 94.56246  ? 16  DG  A "C5'" 1 
ATOM   325 C  "C4'" . DG  A 1 16 ? -0.66618  9.33778   5.54470   1.000 92.89046  ? 16  DG  A "C4'" 1 
ATOM   326 O  "O4'" . DG  A 1 16 ? -0.19074  8.17368   4.81870   1.000 88.18988  ? 16  DG  A "O4'" 1 
ATOM   327 C  "C3'" . DG  A 1 16 ? -0.74856  10.46883  4.52140   1.000 93.85963  ? 16  DG  A "C3'" 1 
ATOM   328 O  "O3'" . DG  A 1 16 ? 0.44049   11.24891  4.57211   1.000 98.85857  ? 16  DG  A "O3'" 1 
ATOM   329 C  "C2'" . DG  A 1 16 ? -0.86568  9.71604   3.19696   1.000 89.12935  ? 16  DG  A "C2'" 1 
ATOM   330 C  "C1'" . DG  A 1 16 ? 0.02575   8.51495   3.46666   1.000 85.24032  ? 16  DG  A "C1'" 1 
ATOM   331 N  N9    . DG  A 1 16 ? -0.28322  7.34709   2.64876   1.000 83.51410  ? 16  DG  A N9    1 
ATOM   332 C  C8    . DG  A 1 16 ? -1.49113  6.70010   2.55084   1.000 84.53653  ? 16  DG  A C8    1 
ATOM   333 N  N7    . DG  A 1 16 ? -1.46542  5.67170   1.74994   1.000 83.37954  ? 16  DG  A N7    1 
ATOM   334 C  C5    . DG  A 1 16 ? -0.15434  5.62926   1.29398   1.000 82.83210  ? 16  DG  A C5    1 
ATOM   335 C  C6    . DG  A 1 16 ? 0.46961   4.72830   0.40217   1.000 76.63516  ? 16  DG  A C6    1 
ATOM   336 O  O6    . DG  A 1 16 ? -0.03234  3.76090   -0.18084  1.000 71.54626  ? 16  DG  A O6    1 
ATOM   337 N  N1    . DG  A 1 16 ? 1.81381   5.04109   0.20728   1.000 78.17042  ? 16  DG  A N1    1 
ATOM   338 C  C2    . DG  A 1 16 ? 2.46913   6.09461   0.80208   1.000 79.75047  ? 16  DG  A C2    1 
ATOM   339 N  N2    . DG  A 1 16 ? 3.76632   6.24062   0.49415   1.000 77.15189  ? 16  DG  A N2    1 
ATOM   340 N  N3    . DG  A 1 16 ? 1.89452   6.94522   1.64153   1.000 78.66019  ? 16  DG  A N3    1 
ATOM   341 C  C4    . DG  A 1 16 ? 0.58646   6.65231   1.83994   1.000 81.93515  ? 16  DG  A C4    1 
ATOM   342 P  P     . DT  A 1 17 ? 0.47180   12.63271  5.38925   1.000 101.96439 ? 17  DT  A P     1 
ATOM   343 O  OP1   . DT  A 1 17 ? -0.86322  13.25708  5.26223   1.000 107.63961 ? 17  DT  A OP1   1 
ATOM   344 O  OP2   . DT  A 1 17 ? 1.68199   13.37411  4.96995   1.000 105.61667 ? 17  DT  A OP2   1 
ATOM   345 O  "O5'" . DT  A 1 17 ? 0.65007   12.18369  6.91472   1.000 110.39068 ? 17  DT  A "O5'" 1 
ATOM   346 C  "C5'" . DT  A 1 17 ? 0.92817   13.16198  7.91123   1.000 112.99084 ? 17  DT  A "C5'" 1 
ATOM   347 C  "C4'" . DT  A 1 17 ? 0.34639   12.75535  9.25392   1.000 117.70986 ? 17  DT  A "C4'" 1 
ATOM   348 O  "O4'" . DT  A 1 17 ? -0.15227  13.93752  9.93943   1.000 119.40619 ? 17  DT  A "O4'" 1 
ATOM   349 C  "C3'" . DT  A 1 17 ? -0.83596  11.79279  9.18114   1.000 119.68122 ? 17  DT  A "C3'" 1 
ATOM   350 O  "O3'" . DT  A 1 17 ? -0.83914  10.93900  10.32325  1.000 123.68402 ? 17  DT  A "O3'" 1 
ATOM   351 C  "C2'" . DT  A 1 17 ? -2.02899  12.74068  9.19060   1.000 123.17470 ? 17  DT  A "C2'" 1 
ATOM   352 C  "C1'" . DT  A 1 17 ? -1.54311  13.80743  10.16145  1.000 123.10915 ? 17  DT  A "C1'" 1 
ATOM   353 N  N1    . DT  A 1 17 ? -2.20155  15.14572  9.97837   1.000 122.00228 ? 17  DT  A N1    1 
ATOM   354 C  C2    . DT  A 1 17 ? -1.89754  15.91914  8.87586   1.000 119.81324 ? 17  DT  A C2    1 
ATOM   355 O  O2    . DT  A 1 17 ? -1.10751  15.58205  8.01303   1.000 116.23071 ? 17  DT  A O2    1 
ATOM   356 N  N3    . DT  A 1 17 ? -2.56109  17.11584  8.81823   1.000 124.89251 ? 17  DT  A N3    1 
ATOM   357 C  C4    . DT  A 1 17 ? -3.47726  17.61000  9.72844   1.000 130.73414 ? 17  DT  A C4    1 
ATOM   358 O  O4    . DT  A 1 17 ? -4.02023  18.70133  9.58646   1.000 131.80490 ? 17  DT  A O4    1 
ATOM   359 C  C5    . DT  A 1 17 ? -3.75018  16.75225  10.85720  1.000 128.33164 ? 17  DT  A C5    1 
ATOM   360 C  C7    . DT  A 1 17 ? -4.72702  17.18061  11.91197  1.000 133.57872 ? 17  DT  A C7    1 
ATOM   361 C  C6    . DT  A 1 17 ? -3.10750  15.57760  10.92588  1.000 123.80326 ? 17  DT  A C6    1 
ATOM   362 P  P     . DT  A 1 18 ? -1.21586  9.38397   10.17092  1.000 125.38659 ? 18  DT  A P     1 
ATOM   363 O  OP1   . DT  A 1 18 ? -0.36553  8.81338   9.10344   1.000 120.80708 ? 18  DT  A OP1   1 
ATOM   364 O  OP2   . DT  A 1 18 ? -2.68938  9.28981   10.07366  1.000 124.72638 ? 18  DT  A OP2   1 
ATOM   365 O  "O5'" . DT  A 1 18 ? -0.77932  8.73967   11.56737  1.000 131.41163 ? 18  DT  A "O5'" 1 
ATOM   366 C  "C5'" . DT  A 1 18 ? -0.46707  7.35244   11.64053  1.000 132.84868 ? 18  DT  A "C5'" 1 
ATOM   367 C  "C4'" . DT  A 1 18 ? -0.56726  6.84530   13.06908  1.000 133.96377 ? 18  DT  A "C4'" 1 
ATOM   368 O  "O4'" . DT  A 1 18 ? 0.12327   7.76123   13.95861  1.000 136.33781 ? 18  DT  A "O4'" 1 
ATOM   369 C  "C3'" . DT  A 1 18 ? -1.98905  6.72109   13.61164  1.000 139.13102 ? 18  DT  A "C3'" 1 
ATOM   370 O  "O3'" . DT  A 1 18 ? -2.08792  5.59290   14.47541  1.000 136.94970 ? 18  DT  A "O3'" 1 
ATOM   371 C  "C2'" . DT  A 1 18 ? -2.17486  8.02727   14.37526  1.000 141.73885 ? 18  DT  A "C2'" 1 
ATOM   372 C  "C1'" . DT  A 1 18 ? -0.77482  8.26334   14.92645  1.000 140.50161 ? 18  DT  A "C1'" 1 
ATOM   373 N  N1    . DT  A 1 18 ? -0.46451  9.70091   15.14997  1.000 139.25759 ? 18  DT  A N1    1 
ATOM   374 C  C2    . DT  A 1 18 ? -0.80339  10.28491  16.34732  1.000 142.33562 ? 18  DT  A C2    1 
ATOM   375 O  O2    . DT  A 1 18 ? -1.35076  9.68215   17.25287  1.000 145.05120 ? 18  DT  A O2    1 
ATOM   376 N  N3    . DT  A 1 18 ? -0.47622  11.61076  16.44946  1.000 144.00625 ? 18  DT  A N3    1 
ATOM   377 C  C4    . DT  A 1 18 ? 0.14198   12.39502  15.49262  1.000 139.46885 ? 18  DT  A C4    1 
ATOM   378 O  O4    . DT  A 1 18 ? 0.39538   13.58125  15.67956  1.000 144.17229 ? 18  DT  A O4    1 
ATOM   379 C  C5    . DT  A 1 18 ? 0.47037   11.71869  14.25927  1.000 137.52185 ? 18  DT  A C5    1 
ATOM   380 C  C7    . DT  A 1 18 ? 1.14438   12.46334  13.14549  1.000 133.27806 ? 18  DT  A C7    1 
ATOM   381 C  C6    . DT  A 1 18 ? 0.15420   10.42055  14.14958  1.000 138.45579 ? 18  DT  A C6    1 
ATOM   382 P  P     . DG  A 1 19 ? -2.32626  4.12541   13.86449  1.000 125.03992 ? 19  DG  A P     1 
ATOM   383 O  OP1   . DG  A 1 19 ? -3.12710  4.27208   12.62817  1.000 119.74057 ? 19  DG  A OP1   1 
ATOM   384 O  OP2   . DG  A 1 19 ? -2.81560  3.25462   14.95555  1.000 117.14847 ? 19  DG  A OP2   1 
ATOM   385 O  "O5'" . DG  A 1 19 ? -0.85872  3.64897   13.44940  1.000 113.53015 ? 19  DG  A "O5'" 1 
ATOM   386 C  "C5'" . DG  A 1 19 ? -0.68693  2.53324   12.59292  1.000 103.15100 ? 19  DG  A "C5'" 1 
ATOM   387 C  "C4'" . DG  A 1 19 ? 0.72632   2.49905   12.04527  1.000 98.67049  ? 19  DG  A "C4'" 1 
ATOM   388 O  "O4'" . DG  A 1 19 ? 0.96908   1.22118   11.40071  1.000 91.29019  ? 19  DG  A "O4'" 1 
ATOM   389 C  "C3'" . DG  A 1 19 ? 1.03558   3.57376   10.99545  1.000 97.06726  ? 19  DG  A "C3'" 1 
ATOM   390 O  "O3'" . DG  A 1 19 ? 2.27229   4.20685   11.29009  1.000 102.05789 ? 19  DG  A "O3'" 1 
ATOM   391 C  "C2'" . DG  A 1 19 ? 1.11440   2.78176   9.69577   1.000 89.12020  ? 19  DG  A "C2'" 1 
ATOM   392 C  "C1'" . DG  A 1 19 ? 1.63861   1.44958   10.18984  1.000 80.40895  ? 19  DG  A "C1'" 1 
ATOM   393 N  N9    . DG  A 1 19 ? 1.34809   0.36176   9.27366   1.000 76.93392  ? 19  DG  A N9    1 
ATOM   394 C  C8    . DG  A 1 19 ? 0.13274   -0.23807  9.05871   1.000 75.41103  ? 19  DG  A C8    1 
ATOM   395 N  N7    . DG  A 1 19 ? 0.17215   -1.17543  8.15484   1.000 77.19146  ? 19  DG  A N7    1 
ATOM   396 C  C5    . DG  A 1 19 ? 1.49760   -1.18944  7.73868   1.000 79.23779  ? 19  DG  A C5    1 
ATOM   397 C  C6    . DG  A 1 19 ? 2.14100   -1.99629  6.77247   1.000 76.86792  ? 19  DG  A C6    1 
ATOM   398 O  O6    . DG  A 1 19 ? 1.65009   -2.88903  6.07010   1.000 73.83519  ? 19  DG  A O6    1 
ATOM   399 N  N1    . DG  A 1 19 ? 3.49395   -1.68411  6.65830   1.000 83.06993  ? 19  DG  A N1    1 
ATOM   400 C  C2    . DG  A 1 19 ? 4.14085   -0.71431  7.38727   1.000 83.77990  ? 19  DG  A C2    1 
ATOM   401 N  N2    . DG  A 1 19 ? 5.44914   -0.55707  7.13930   1.000 82.11328  ? 19  DG  A N2    1 
ATOM   402 N  N3    . DG  A 1 19 ? 3.54792   0.04916   8.29417   1.000 81.10886  ? 19  DG  A N3    1 
ATOM   403 C  C4    . DG  A 1 19 ? 2.23104   -0.24424  8.41562   1.000 78.83476  ? 19  DG  A C4    1 
ATOM   404 P  P     . DG  A 1 20 ? 2.70178   5.54983   10.51667  1.000 114.95594 ? 20  DG  A P     1 
ATOM   405 O  OP1   . DG  A 1 20 ? 2.79723   6.62448   11.52877  1.000 117.86330 ? 20  DG  A OP1   1 
ATOM   406 O  OP2   . DG  A 1 20 ? 1.82408   5.73168   9.33820   1.000 100.11842 ? 20  DG  A OP2   1 
ATOM   407 O  "O5'" . DG  A 1 20 ? 4.17593   5.23109   9.99045   1.000 97.65649  ? 20  DG  A "O5'" 1 
ATOM   408 C  "C5'" . DG  A 1 20 ? 4.43181   4.04376   9.25765   1.000 89.18676  ? 20  DG  A "C5'" 1 
ATOM   409 C  "C4'" . DG  A 1 20 ? 5.82354   4.08324   8.66242   1.000 88.05268  ? 20  DG  A "C4'" 1 
ATOM   410 O  "O4'" . DG  A 1 20 ? 6.00842   2.94278   7.79669   1.000 83.76522  ? 20  DG  A "O4'" 1 
ATOM   411 C  "C3'" . DG  A 1 20 ? 6.09631   5.28237   7.77896   1.000 94.52223  ? 20  DG  A "C3'" 1 
ATOM   412 O  "O3'" . DG  A 1 20 ? 7.49451   5.51172   7.69541   1.000 92.42067  ? 20  DG  A "O3'" 1 
ATOM   413 C  "C2'" . DG  A 1 20 ? 5.51793   4.83024   6.44110   1.000 88.54511  ? 20  DG  A "C2'" 1 
ATOM   414 C  "C1'" . DG  A 1 20 ? 5.82530   3.33080   6.44533   1.000 85.29611  ? 20  DG  A "C1'" 1 
ATOM   415 N  N9    . DG  A 1 20 ? 4.75491   2.51499   5.88745   1.000 79.96955  ? 20  DG  A N9    1 
ATOM   416 C  C8    . DG  A 1 20 ? 3.43093   2.52877   6.25191   1.000 82.35910  ? 20  DG  A C8    1 
ATOM   417 N  N7    . DG  A 1 20 ? 2.70116   1.67888   5.58653   1.000 85.44312  ? 20  DG  A N7    1 
ATOM   418 C  C5    . DG  A 1 20 ? 3.60006   1.05736   4.72887   1.000 82.59521  ? 20  DG  A C5    1 
ATOM   419 C  C6    . DG  A 1 20 ? 3.38848   0.04086   3.76791   1.000 77.94827  ? 20  DG  A C6    1 
ATOM   420 O  O6    . DG  A 1 20 ? 2.32855   -0.52747  3.47429   1.000 69.68828  ? 20  DG  A O6    1 
ATOM   421 N  N1    . DG  A 1 20 ? 4.56924   -0.30431  3.11380   1.000 79.75618  ? 20  DG  A N1    1 
ATOM   422 C  C2    . DG  A 1 20 ? 5.79859   0.26131   3.36124   1.000 79.81772  ? 20  DG  A C2    1 
ATOM   423 N  N2    . DG  A 1 20 ? 6.82355   -0.20120  2.63100   1.000 80.01643  ? 20  DG  A N2    1 
ATOM   424 N  N3    . DG  A 1 20 ? 6.01000   1.21300   4.26125   1.000 73.45109  ? 20  DG  A N3    1 
ATOM   425 C  C4    . DG  A 1 20 ? 4.86924   1.56040   4.90413   1.000 77.56270  ? 20  DG  A C4    1 
ATOM   426 P  P     . DG  A 1 21 ? 8.05532   6.80052   6.91857   1.000 95.97374  ? 21  DG  A P     1 
ATOM   427 O  OP1   . DG  A 1 21 ? 9.33624   7.17758   7.55628   1.000 94.89208  ? 21  DG  A OP1   1 
ATOM   428 O  OP2   . DG  A 1 21 ? 6.95621   7.78809   6.82666   1.000 92.07249  ? 21  DG  A OP2   1 
ATOM   429 O  "O5'" . DG  A 1 21 ? 8.35696   6.25432   5.44673   1.000 87.11505  ? 21  DG  A "O5'" 1 
ATOM   430 C  "C5'" . DG  A 1 21 ? 9.30839   5.21498   5.26382   1.000 88.50446  ? 21  DG  A "C5'" 1 
ATOM   431 C  "C4'" . DG  A 1 21 ? 9.44649   4.85452   3.79572   1.000 87.91517  ? 21  DG  A "C4'" 1 
ATOM   432 O  "O4'" . DG  A 1 21 ? 8.38981   3.93706   3.40973   1.000 84.89185  ? 21  DG  A "O4'" 1 
ATOM   433 C  "C3'" . DG  A 1 21 ? 9.36481   6.03511   2.82406   1.000 89.74562  ? 21  DG  A "C3'" 1 
ATOM   434 O  "O3'" . DG  A 1 21 ? 10.39676  5.92721   1.85985   1.000 93.30830  ? 21  DG  A "O3'" 1 
ATOM   435 C  "C2'" . DG  A 1 21 ? 7.98557   5.87081   2.18603   1.000 85.30797  ? 21  DG  A "C2'" 1 
ATOM   436 C  "C1'" . DG  A 1 21 ? 7.83692   4.36109   2.18787   1.000 85.26234  ? 21  DG  A "C1'" 1 
ATOM   437 N  N9    . DG  A 1 21 ? 6.45264   3.91283   2.12925   1.000 80.13303  ? 21  DG  A N9    1 
ATOM   438 C  C8    . DG  A 1 21 ? 5.40391   4.36946   2.88857   1.000 79.41294  ? 21  DG  A C8    1 
ATOM   439 N  N7    . DG  A 1 21 ? 4.27410   3.78061   2.61969   1.000 78.47746  ? 21  DG  A N7    1 
ATOM   440 C  C5    . DG  A 1 21 ? 4.59468   2.87295   1.61929   1.000 79.29210  ? 21  DG  A C5    1 
ATOM   441 C  C6    . DG  A 1 21 ? 3.77384   1.95236   0.93127   1.000 75.13877  ? 21  DG  A C6    1 
ATOM   442 O  O6    . DG  A 1 21 ? 2.56189   1.75168   1.07633   1.000 70.73979  ? 21  DG  A O6    1 
ATOM   443 N  N1    . DG  A 1 21 ? 4.49490   1.22168   -0.00963  1.000 74.78219  ? 21  DG  A N1    1 
ATOM   444 C  C2    . DG  A 1 21 ? 5.84079   1.36349   -0.25161  1.000 79.40478  ? 21  DG  A C2    1 
ATOM   445 N  N2    . DG  A 1 21 ? 6.36138   0.56859   -1.19729  1.000 80.30751  ? 21  DG  A N2    1 
ATOM   446 N  N3    . DG  A 1 21 ? 6.62235   2.22404   0.38748   1.000 78.31223  ? 21  DG  A N3    1 
ATOM   447 C  C4    . DG  A 1 21 ? 5.93260   2.94255   1.30600   1.000 77.99244  ? 21  DG  A C4    1 
ATOM   448 P  P     . DG  A 1 22 ? 10.78166  7.18148   0.93493   1.000 95.96498  ? 22  DG  A P     1 
ATOM   449 O  OP1   . DG  A 1 22 ? 12.21005  7.47756   1.18251   1.000 96.00346  ? 22  DG  A OP1   1 
ATOM   450 O  OP2   . DG  A 1 22 ? 9.77010   8.24226   1.13988   1.000 98.64391  ? 22  DG  A OP2   1 
ATOM   451 O  "O5'" . DG  A 1 22 ? 10.61028  6.61938   -0.55294  1.000 86.35925  ? 22  DG  A "O5'" 1 
ATOM   452 C  "C5'" . DG  A 1 22 ? 11.37010  5.49341   -0.97591  1.000 86.05544  ? 22  DG  A "C5'" 1 
ATOM   453 C  "C4'" . DG  A 1 22 ? 10.84923  4.94971   -2.29501  1.000 91.11100  ? 22  DG  A "C4'" 1 
ATOM   454 O  "O4'" . DG  A 1 22 ? 9.57336   4.29124   -2.08100  1.000 88.69909  ? 22  DG  A "O4'" 1 
ATOM   455 C  "C3'" . DG  A 1 22 ? 10.61472  6.00049   -3.38401  1.000 93.67819  ? 22  DG  A "C3'" 1 
ATOM   456 O  "O3'" . DG  A 1 22 ? 11.11722  5.53116   -4.62997  1.000 103.56101 ? 22  DG  A "O3'" 1 
ATOM   457 C  "C2'" . DG  A 1 22 ? 9.09385   6.14803   -3.41229  1.000 89.89439  ? 22  DG  A "C2'" 1 
ATOM   458 C  "C1'" . DG  A 1 22 ? 8.64396   4.74527   -3.03636  1.000 87.37915  ? 22  DG  A "C1'" 1 
ATOM   459 N  N9    . DG  A 1 22 ? 7.31061   4.69967   -2.44206  1.000 78.54791  ? 22  DG  A N9    1 
ATOM   460 C  C8    . DG  A 1 22 ? 6.85079   5.44426   -1.38230  1.000 79.34776  ? 22  DG  A C8    1 
ATOM   461 N  N7    . DG  A 1 22 ? 5.61063   5.19036   -1.06801  1.000 76.50373  ? 22  DG  A N7    1 
ATOM   462 C  C5    . DG  A 1 22 ? 5.22291   4.21358   -1.97623  1.000 77.71524  ? 22  DG  A C5    1 
ATOM   463 C  C6    . DG  A 1 22 ? 3.98337   3.54609   -2.12355  1.000 76.81070  ? 22  DG  A C6    1 
ATOM   464 O  O6    . DG  A 1 22 ? 2.94852   3.69127   -1.45763  1.000 72.78561  ? 22  DG  A O6    1 
ATOM   465 N  N1    . DG  A 1 22 ? 4.01477   2.62789   -3.16960  1.000 78.74945  ? 22  DG  A N1    1 
ATOM   466 C  C2    . DG  A 1 22 ? 5.10558   2.38570   -3.97124  1.000 83.04301  ? 22  DG  A C2    1 
ATOM   467 N  N2    . DG  A 1 22 ? 4.94502   1.46200   -4.92985  1.000 87.03056  ? 22  DG  A N2    1 
ATOM   468 N  N3    . DG  A 1 22 ? 6.27255   3.00379   -3.84352  1.000 80.62498  ? 22  DG  A N3    1 
ATOM   469 C  C4    . DG  A 1 22 ? 6.25858   3.90107   -2.82920  1.000 75.31348  ? 22  DG  A C4    1 
HETATM 470 C  C1    . MMP B 2 .  ? -0.69273  3.55060   -4.10947  1.000 87.83097  ? 101 MMP A C1    1 
HETATM 471 N  N1    . MMP B 2 .  ? -1.76394  3.73862   -5.07826  1.000 84.91368  ? 101 MMP A N1    1 
HETATM 472 C  C11   . MMP B 2 .  ? -1.66761  3.33026   -6.34097  1.000 88.37487  ? 101 MMP A C11   1 
HETATM 473 C  C12   . MMP B 2 .  ? -2.85015  3.65768   -7.01451  1.000 98.85379  ? 101 MMP A C12   1 
HETATM 474 C  C13   . MMP B 2 .  ? -3.69972  4.23763   -6.08959  1.000 100.54970 ? 101 MMP A C13   1 
HETATM 475 C  C14   . MMP B 2 .  ? -3.04911  4.29797   -4.88324  1.000 84.90802  ? 101 MMP A C14   1 
HETATM 476 C  C15   . MMP B 2 .  ? -3.60780  4.88417   -3.58711  1.000 82.44592  ? 101 MMP A C15   1 
HETATM 477 C  C16   . MMP B 2 .  ? -3.15308  3.38512   -8.48265  1.000 101.24645 ? 101 MMP A C16   1 
HETATM 478 C  C17   . MMP B 2 .  ? -5.11957  4.72719   -6.36825  1.000 101.76678 ? 101 MMP A C17   1 
HETATM 479 N  N2    . MMP B 2 .  ? -1.29779  6.33978   -3.66887  1.000 78.53758  ? 101 MMP A N2    1 
HETATM 480 C  C21   . MMP B 2 .  ? -2.61763  5.98428   -3.06428  1.000 81.94040  ? 101 MMP A C21   1 
HETATM 481 C  C22   . MMP B 2 .  ? -2.76856  6.87642   -1.88239  1.000 84.61480  ? 101 MMP A C22   1 
HETATM 482 C  C23   . MMP B 2 .  ? -1.77163  7.74915   -1.60721  1.000 83.76405  ? 101 MMP A C23   1 
HETATM 483 C  C24   . MMP B 2 .  ? -0.66239  7.73408   -2.46096  1.000 82.78811  ? 101 MMP A C24   1 
HETATM 484 C  C25   . MMP B 2 .  ? 0.64074   8.57984   -2.45774  1.000 90.97791  ? 101 MMP A C25   1 
HETATM 485 C  C26   . MMP B 2 .  ? -4.00771  6.81990   -1.00964  1.000 91.18808  ? 101 MMP A C26   1 
HETATM 486 C  C27   . MMP B 2 .  ? -1.84328  8.70267   -0.41762  1.000 82.13129  ? 101 MMP A C27   1 
HETATM 487 N  N3    . MMP B 2 .  ? 1.91206   7.07487   -4.21697  1.000 89.39629  ? 101 MMP A N3    1 
HETATM 488 C  C31   . MMP B 2 .  ? 1.86147   7.98874   -3.22687  1.000 94.44703  ? 101 MMP A C31   1 
HETATM 489 C  C32   . MMP B 2 .  ? 3.18540   8.39097   -2.96226  1.000 98.44301  ? 101 MMP A C32   1 
HETATM 490 C  C33   . MMP B 2 .  ? 4.02863   7.69627   -3.80749  1.000 97.89292  ? 101 MMP A C33   1 
HETATM 491 C  C34   . MMP B 2 .  ? 3.28294   6.87991   -4.58736  1.000 91.74821  ? 101 MMP A C34   1 
HETATM 492 C  C35   . MMP B 2 .  ? 3.91581   5.97258   -5.64061  1.000 87.35083  ? 101 MMP A C35   1 
HETATM 493 C  C36   . MMP B 2 .  ? 3.61515   9.41852   -1.91193  1.000 96.17256  ? 101 MMP A C36   1 
HETATM 494 C  C37   . MMP B 2 .  ? 5.54861   7.81547   -3.85765  1.000 97.96783  ? 101 MMP A C37   1 
HETATM 495 N  N4    . MMP B 2 .  ? 1.57412   4.79738   -5.81753  1.000 79.86745  ? 101 MMP A N4    1 
HETATM 496 C  C41   . MMP B 2 .  ? 2.99142   4.93106   -6.19316  1.000 85.69961  ? 101 MMP A C41   1 
HETATM 497 C  C42   . MMP B 2 .  ? 3.27231   3.86081   -7.19033  1.000 91.10809  ? 101 MMP A C42   1 
HETATM 498 C  C43   . MMP B 2 .  ? 2.26518   3.03050   -7.53827  1.000 91.14484  ? 101 MMP A C43   1 
HETATM 499 C  C44   . MMP B 2 .  ? 1.04729   3.27608   -6.89530  1.000 83.81119  ? 101 MMP A C44   1 
HETATM 500 C  C45   . MMP B 2 .  ? -0.36967  2.75456   -6.85965  1.000 88.28525  ? 101 MMP A C45   1 
HETATM 501 C  C46   . MMP B 2 .  ? 2.44438   1.90288   -8.54582  1.000 89.39251  ? 101 MMP A C46   1 
HETATM 502 C  C47   . MMP B 2 .  ? 4.66966   3.71358   -7.79934  1.000 94.58996  ? 101 MMP A C47   1 
HETATM 503 BA BA    . BA  C 3 .  ? 0.92804   1.40006   -1.02202  1.000 71.39434  ? 102 BA  A BA    1 
HETATM 504 BA BA    . BA  D 3 .  ? 1.98031   -3.23777  3.33984   1.000 72.51018  ? 103 BA  A BA    1 
HETATM 505 O  O     . HOH E 4 .  ? -2.13130  -9.50817  0.11000   1.000 70.19817  ? 201 HOH A O     1 
HETATM 506 O  O     . HOH E 4 .  ? 13.54765  -6.16991  -4.89728  1.000 95.47671  ? 202 HOH A O     1 
HETATM 507 O  O     . HOH E 4 .  ? 2.87925   9.75958   2.27351   1.000 88.99972  ? 203 HOH A O     1 
HETATM 508 O  O     . HOH E 4 .  ? -6.78861  -3.11943  0.51670   1.000 94.50168  ? 204 HOH A O     1 
HETATM 509 O  O     . HOH E 4 .  ? -3.24304  -1.09433  -8.68625  1.000 91.88841  ? 205 HOH A O     1 
HETATM 510 O  O     . HOH E 4 .  ? -0.94547  -4.56720  -6.95292  1.000 80.40094  ? 206 HOH A O     1 
HETATM 511 O  O     . HOH E 4 .  ? 6.21980   0.06590   10.46478  0.500 83.27452  ? 207 HOH A O     1 
HETATM 512 O  O     . HOH E 4 .  ? -1.30845  -6.88580  -7.98731  1.000 80.98003  ? 208 HOH A O     1 
HETATM 513 O  O     . HOH E 4 .  ? 12.26428  4.83515   7.56319   1.000 95.00260  ? 209 HOH A O     1 
HETATM 514 O  O     . HOH E 4 .  ? -18.23517 1.87347   -0.04150  1.000 124.33692 ? 210 HOH A O     1 
HETATM 515 O  O     . HOH E 4 .  ? -6.72959  -5.76615  -9.66862  1.000 107.22561 ? 211 HOH A O     1 
HETATM 516 O  O     . HOH E 4 .  ? -7.02760  -2.55026  -10.08975 1.000 82.85890  ? 212 HOH A O     1 
HETATM 517 O  O     . HOH E 4 .  ? 10.33552  -3.53327  -13.46134 1.000 92.53384  ? 213 HOH A O     1 
HETATM 518 O  O     . HOH E 4 .  ? 15.63468  -0.20489  -5.91316  1.000 99.50981  ? 214 HOH A O     1 
HETATM 519 O  O     . HOH E 4 .  ? 10.14572  -6.06379  -13.30341 1.000 92.01510  ? 215 HOH A O     1 
HETATM 520 O  O     . HOH E 4 .  ? -7.66452  11.44286  10.30547  1.000 105.26224 ? 216 HOH A O     1 
HETATM 521 O  O     . HOH E 4 .  ? -8.00637  7.07204   -1.14395  1.000 103.60272 ? 217 HOH A O     1 
HETATM 522 O  O     . HOH E 4 .  ? -8.71310  -12.96046 -3.45091  1.000 89.90958  ? 218 HOH A O     1 
HETATM 523 O  O     . HOH E 4 .  ? -6.69061  12.79133  11.95366  1.000 112.84288 ? 219 HOH A O     1 
HETATM 524 O  O     . HOH E 4 .  ? -9.09319  1.20563   -10.35357 1.000 88.40777  ? 220 HOH A O     1 
HETATM 525 O  O     . HOH E 4 .  ? -12.78149 8.58005   1.58527   1.000 95.15545  ? 221 HOH A O     1 
# 
loop_
_atom_site_anisotrop.id 
_atom_site_anisotrop.type_symbol 
_atom_site_anisotrop.pdbx_label_atom_id 
_atom_site_anisotrop.pdbx_label_alt_id 
_atom_site_anisotrop.pdbx_label_comp_id 
_atom_site_anisotrop.pdbx_label_asym_id 
_atom_site_anisotrop.pdbx_label_seq_id 
_atom_site_anisotrop.pdbx_PDB_ins_code 
_atom_site_anisotrop.U[1][1] 
_atom_site_anisotrop.U[2][2] 
_atom_site_anisotrop.U[3][3] 
_atom_site_anisotrop.U[1][2] 
_atom_site_anisotrop.U[1][3] 
_atom_site_anisotrop.U[2][3] 
_atom_site_anisotrop.pdbx_auth_seq_id 
_atom_site_anisotrop.pdbx_auth_comp_id 
_atom_site_anisotrop.pdbx_auth_asym_id 
_atom_site_anisotrop.pdbx_auth_atom_id 
1   O  "O5'" . DG  A 1  ? 1.48661 0.98587 0.79009 -0.38273 -0.32663 -0.06091 1   DG  A "O5'" 
2   C  "C5'" . DG  A 1  ? 1.50028 1.06499 0.84380 -0.41029 -0.33321 -0.04500 1   DG  A "C5'" 
3   C  "C4'" . DG  A 1  ? 1.41736 1.03928 0.82824 -0.38572 -0.32599 -0.00642 1   DG  A "C4'" 
4   O  "O4'" . DG  A 1  ? 1.45740 1.12809 0.88422 -0.36104 -0.33202 0.01155  1   DG  A "O4'" 
5   C  "C3'" . DG  A 1  ? 1.38484 0.94710 0.80507 -0.35843 -0.30521 -0.00320 1   DG  A "C3'" 
6   O  "O3'" . DG  A 1  ? 1.50938 1.06769 0.94965 -0.37387 -0.29328 0.00362  1   DG  A "O3'" 
7   C  "C2'" . DG  A 1  ? 1.35299 0.96074 0.82457 -0.32640 -0.29989 0.02490  1   DG  A "C2'" 
8   C  "C1'" . DG  A 1  ? 1.36308 1.01426 0.82300 -0.32515 -0.31578 0.02758  1   DG  A "C1'" 
9   N  N9    . DG  A 1  ? 1.31018 0.90916 0.73361 -0.30499 -0.31473 0.00956  1   DG  A N9    
10  C  C8    . DG  A 1  ? 1.34018 0.91964 0.70961 -0.31252 -0.32395 -0.01310 1   DG  A C8    
11  N  N7    . DG  A 1  ? 1.37491 0.91307 0.72952 -0.28742 -0.31785 -0.02129 1   DG  A N7    
12  C  C5    . DG  A 1  ? 1.34400 0.87476 0.74464 -0.26565 -0.30737 -0.00609 1   DG  A C5    
13  C  C6    . DG  A 1  ? 1.33667 0.83488 0.74999 -0.23853 -0.30049 -0.00826 1   DG  A C6    
14  O  O6    . DG  A 1  ? 1.32256 0.79587 0.71360 -0.22523 -0.30124 -0.01943 1   DG  A O6    
15  N  N1    . DG  A 1  ? 1.33291 0.83121 0.79237 -0.22757 -0.29106 0.00308  1   DG  A N1    
16  C  C2    . DG  A 1  ? 1.32635 0.85060 0.81608 -0.23684 -0.28447 0.01774  1   DG  A C2    
17  N  N2    . DG  A 1  ? 1.31792 0.83049 0.84591 -0.22234 -0.27103 0.02310  1   DG  A N2    
18  N  N3    . DG  A 1  ? 1.29517 0.85621 0.78028 -0.25962 -0.28987 0.02536  1   DG  A N3    
19  C  C4    . DG  A 1  ? 1.30274 0.86597 0.74241 -0.27509 -0.30342 0.01144  1   DG  A C4    
20  P  P     . DG  A 2  ? 1.64055 1.11240 1.05147 -0.36212 -0.27347 -0.00825 2   DG  A P     
21  O  OP1   . DG  A 2  ? 1.62358 1.11242 1.06408 -0.37955 -0.25875 0.00621  2   DG  A OP1   
22  O  OP2   . DG  A 2  ? 1.62428 1.02239 0.97103 -0.36552 -0.27784 -0.03670 2   DG  A OP2   
23  O  "O5'" . DG  A 2  ? 1.51741 0.98168 0.94826 -0.32193 -0.26429 0.00074  2   DG  A "O5'" 
24  C  "C5'" . DG  A 2  ? 1.39859 0.90817 0.88778 -0.30904 -0.25027 0.02565  2   DG  A "C5'" 
25  C  "C4'" . DG  A 2  ? 1.44525 0.90818 0.93023 -0.27915 -0.23549 0.01863  2   DG  A "C4'" 
26  O  "O4'" . DG  A 2  ? 1.44260 0.89341 0.92075 -0.26110 -0.24703 0.00887  2   DG  A "O4'" 
27  C  "C3'" . DG  A 2  ? 1.55397 0.94490 0.98379 -0.27799 -0.22684 -0.00033 2   DG  A "C3'" 
28  O  "O3'" . DG  A 2  ? 1.58965 0.96337 1.02878 -0.25757 -0.20750 -0.00001 2   DG  A "O3'" 
29  C  "C2'" . DG  A 2  ? 1.52810 0.87446 0.91119 -0.26909 -0.24363 -0.02167 2   DG  A "C2'" 
30  C  "C1'" . DG  A 2  ? 1.44373 0.82763 0.86722 -0.25314 -0.25145 -0.01587 2   DG  A "C1'" 
31  N  N9    . DG  A 2  ? 1.37412 0.75331 0.77590 -0.25231 -0.26834 -0.02540 2   DG  A N9    
32  C  C8    . DG  A 2  ? 1.38842 0.77988 0.76915 -0.27201 -0.27856 -0.02831 2   DG  A C8    
33  N  N7    . DG  A 2  ? 1.39036 0.77103 0.75118 -0.26279 -0.28794 -0.03812 2   DG  A N7    
34  C  C5    . DG  A 2  ? 1.40552 0.77136 0.78244 -0.23698 -0.28588 -0.03937 2   DG  A C5    
35  C  C6    . DG  A 2  ? 1.41719 0.77341 0.79278 -0.21788 -0.29205 -0.04576 2   DG  A C6    
36  O  O6    . DG  A 2  ? 1.42481 0.78049 0.78036 -0.21614 -0.29725 -0.05048 2   DG  A O6    
37  N  N1    . DG  A 2  ? 1.39078 0.73851 0.79278 -0.20033 -0.29018 -0.04793 2   DG  A N1    
38  C  C2    . DG  A 2  ? 1.40024 0.74269 0.81872 -0.19985 -0.28131 -0.04764 2   DG  A C2    
39  N  N2    . DG  A 2  ? 1.44567 0.77743 0.88424 -0.18558 -0.28186 -0.05713 2   DG  A N2    
40  N  N3    . DG  A 2  ? 1.34494 0.69348 0.76168 -0.21339 -0.27133 -0.04002 2   DG  A N3    
41  C  C4    . DG  A 2  ? 1.35847 0.72154 0.75798 -0.23204 -0.27518 -0.03448 2   DG  A C4    
42  P  P     . DG  A 3  ? 1.63314 0.94823 1.01909 -0.25375 -0.19185 -0.01060 3   DG  A P     
43  O  OP1   . DG  A 3  ? 1.62198 0.95019 1.03727 -0.24291 -0.16442 -0.00044 3   DG  A OP1   
44  O  OP2   . DG  A 3  ? 1.54910 0.84459 0.90259 -0.27748 -0.19511 -0.00969 3   DG  A OP2   
45  O  "O5'" . DG  A 3  ? 1.62672 0.89349 0.96719 -0.23233 -0.20501 -0.03459 3   DG  A "O5'" 
46  C  "C5'" . DG  A 3  ? 1.55888 0.83174 0.92446 -0.21347 -0.20483 -0.04408 3   DG  A "C5'" 
47  C  "C4'" . DG  A 3  ? 1.55035 0.79032 0.87864 -0.20033 -0.22528 -0.06583 3   DG  A "C4'" 
48  O  "O4'" . DG  A 3  ? 1.53413 0.78826 0.87169 -0.20501 -0.24456 -0.06324 3   DG  A "O4'" 
49  C  "C3'" . DG  A 3  ? 1.62288 0.81463 0.87871 -0.19483 -0.22755 -0.07498 3   DG  A "C3'" 
50  O  "O3'" . DG  A 3  ? 1.67130 0.84471 0.90304 -0.17824 -0.22934 -0.09437 3   DG  A "O3'" 
51  C  "C2'" . DG  A 3  ? 1.56636 0.74465 0.80020 -0.19516 -0.24843 -0.07657 3   DG  A "C2'" 
52  C  "C1'" . DG  A 3  ? 1.56032 0.77781 0.84903 -0.19573 -0.25955 -0.07640 3   DG  A "C1'" 
53  N  N9    . DG  A 3  ? 1.51694 0.73691 0.80029 -0.20273 -0.27049 -0.07249 3   DG  A N9    
54  C  C8    . DG  A 3  ? 1.51016 0.73184 0.78508 -0.22296 -0.26595 -0.06438 3   DG  A C8    
55  N  N7    . DG  A 3  ? 1.50989 0.72759 0.77387 -0.22499 -0.27596 -0.06855 3   DG  A N7    
56  C  C5    . DG  A 3  ? 1.48098 0.69832 0.75194 -0.20267 -0.28673 -0.07523 3   DG  A C5    
57  C  C6    . DG  A 3  ? 1.46339 0.67932 0.73127 -0.19175 -0.29633 -0.07954 3   DG  A C6    
58  O  O6    . DG  A 3  ? 1.53478 0.74331 0.78491 -0.19884 -0.29585 -0.08147 3   DG  A O6    
59  N  N1    . DG  A 3  ? 1.42642 0.65104 0.71513 -0.17154 -0.30575 -0.08376 3   DG  A N1    
60  C  C2    . DG  A 3  ? 1.50218 0.73181 0.80675 -0.16573 -0.30746 -0.08901 3   DG  A C2    
61  N  N2    . DG  A 3  ? 1.48995 0.73092 0.81732 -0.15135 -0.31982 -0.09678 3   DG  A N2    
62  N  N3    . DG  A 3  ? 1.49301 0.71747 0.79223 -0.17436 -0.29644 -0.08842 3   DG  A N3    
63  C  C4    . DG  A 3  ? 1.49086 0.71119 0.77567 -0.19128 -0.28565 -0.07878 3   DG  A C4    
64  P  P     . DG  A 4  ? 1.71844 0.85088 0.87061 -0.16585 -0.23312 -0.10152 4   DG  A P     
65  O  OP1   . DG  A 4  ? 1.70863 0.83266 0.84027 -0.15715 -0.21780 -0.11605 4   DG  A OP1   
66  O  OP2   . DG  A 4  ? 1.58146 0.69229 0.70382 -0.17442 -0.22460 -0.08135 4   DG  A OP2   
67  O  "O5'" . DG  A 4  ? 1.66362 0.79589 0.80602 -0.15349 -0.26479 -0.11565 4   DG  A "O5'" 
68  C  "C5'" . DG  A 4  ? 1.62456 0.77688 0.80135 -0.14933 -0.27769 -0.13711 4   DG  A "C5'" 
69  C  "C4'" . DG  A 4  ? 1.61762 0.77713 0.79015 -0.13901 -0.30775 -0.14456 4   DG  A "C4'" 
70  O  "O4'" . DG  A 4  ? 1.55760 0.72853 0.76218 -0.14271 -0.31204 -0.12862 4   DG  A "O4'" 
71  C  "C3'" . DG  A 4  ? 1.67945 0.82049 0.78446 -0.12257 -0.31923 -0.14077 4   DG  A "C3'" 
72  O  "O3'" . DG  A 4  ? 1.70259 0.87506 0.82253 -0.11031 -0.34222 -0.15437 4   DG  A "O3'" 
73  C  "C2'" . DG  A 4  ? 1.67122 0.79414 0.76648 -0.12176 -0.31871 -0.11845 4   DG  A "C2'" 
74  C  "C1'" . DG  A 4  ? 1.56115 0.71586 0.72667 -0.12977 -0.32323 -0.11955 4   DG  A "C1'" 
75  N  N9    . DG  A 4  ? 1.50379 0.64706 0.67336 -0.13843 -0.31474 -0.10446 4   DG  A N9    
76  C  C8    . DG  A 4  ? 1.55207 0.68523 0.71903 -0.15608 -0.29507 -0.09411 4   DG  A C8    
77  N  N7    . DG  A 4  ? 1.59244 0.71972 0.76284 -0.16400 -0.29315 -0.08723 4   DG  A N7    
78  C  C5    . DG  A 4  ? 1.59690 0.72803 0.77232 -0.14685 -0.30868 -0.09092 4   DG  A C5    
79  C  C6    . DG  A 4  ? 1.58011 0.70461 0.75700 -0.14364 -0.30986 -0.08842 4   DG  A C6    
80  O  O6    . DG  A 4  ? 1.53702 0.64838 0.70568 -0.15855 -0.29935 -0.08670 4   DG  A O6    
81  N  N1    . DG  A 4  ? 1.62235 0.75940 0.81214 -0.12136 -0.32439 -0.09009 4   DG  A N1    
82  C  C2    . DG  A 4  ? 1.56918 0.72702 0.77074 -0.10844 -0.34061 -0.09583 4   DG  A C2    
83  N  N2    . DG  A 4  ? 1.53468 0.71187 0.75699 -0.08975 -0.35509 -0.09505 4   DG  A N2    
84  N  N3    . DG  A 4  ? 1.45743 0.61873 0.65130 -0.11429 -0.34188 -0.10355 4   DG  A N3    
85  C  C4    . DG  A 4  ? 1.49509 0.64025 0.67499 -0.13159 -0.32329 -0.09959 4   DG  A C4    
86  P  P     . DT  A 5  ? 1.72112 0.90103 0.79803 -0.10167 -0.34962 -0.17470 5   DT  A P     
87  O  OP1   . DT  A 5  ? 1.81811 0.95848 0.80824 -0.09200 -0.34032 -0.15944 5   DT  A OP1   
88  O  OP2   . DT  A 5  ? 1.79545 1.01757 0.90055 -0.09427 -0.37919 -0.18692 5   DT  A OP2   
89  O  "O5'" . DT  A 5  ? 1.77881 0.95806 0.88502 -0.11659 -0.32915 -0.19830 5   DT  A "O5'" 
90  C  "C5'" . DT  A 5  ? 1.80834 1.01330 0.99342 -0.12753 -0.33118 -0.21379 5   DT  A "C5'" 
91  C  "C4'" . DT  A 5  ? 1.85257 1.03795 1.04922 -0.13813 -0.30726 -0.23540 5   DT  A "C4'" 
92  O  "O4'" . DT  A 5  ? 1.85931 1.04023 1.00358 -0.13306 -0.30682 -0.26239 5   DT  A "O4'" 
93  C  "C3'" . DT  A 5  ? 1.85750 1.00487 1.03481 -0.14417 -0.28029 -0.21839 5   DT  A "C3'" 
94  O  "O3'" . DT  A 5  ? 1.83853 0.99230 1.08739 -0.15206 -0.25802 -0.22059 5   DT  A "O3'" 
95  C  "C2'" . DT  A 5  ? 1.88528 1.00635 0.98398 -0.13631 -0.26531 -0.22761 5   DT  A "C2'" 
96  C  "C1'" . DT  A 5  ? 1.88351 1.02114 0.98022 -0.13370 -0.27761 -0.26483 5   DT  A "C1'" 
97  N  N1    . DT  A 5  ? 1.96532 1.09618 0.97540 -0.12147 -0.27911 -0.27541 5   DT  A N1    
98  C  C2    . DT  A 5  ? 1.99695 1.09408 0.95927 -0.12057 -0.25133 -0.29665 5   DT  A C2    
99  O  O2    . DT  A 5  ? 2.01136 1.07896 1.00178 -0.12868 -0.22390 -0.30749 5   DT  A O2    
100 N  N3    . DT  A 5  ? 2.05451 1.15210 0.93256 -0.10723 -0.25392 -0.30296 5   DT  A N3    
101 C  C4    . DT  A 5  ? 1.97111 1.09861 0.81123 -0.09440 -0.28252 -0.28773 5   DT  A C4    
102 O  O4    . DT  A 5  ? 2.00730 1.13634 0.76959 -0.08100 -0.28243 -0.29098 5   DT  A O4    
103 C  C5    . DT  A 5  ? 1.96534 1.12115 0.86107 -0.09537 -0.31002 -0.26604 5   DT  A C5    
104 C  C7    . DT  A 5  ? 1.99313 1.17559 0.85347 -0.07869 -0.33961 -0.24665 5   DT  A C7    
105 C  C6    . DT  A 5  ? 1.95040 1.10658 0.92615 -0.10894 -0.30613 -0.26226 5   DT  A C6    
106 P  P     . DT  A 6  ? 1.84049 1.01726 1.15255 -0.15722 -0.24255 -0.18360 6   DT  A P     
107 O  OP1   . DT  A 6  ? 1.78428 0.97827 1.09988 -0.15777 -0.26807 -0.16850 6   DT  A OP1   
108 O  OP2   . DT  A 6  ? 1.77839 0.94794 1.07302 -0.15702 -0.21326 -0.16482 6   DT  A OP2   
109 O  "O5'" . DT  A 6  ? 1.91139 1.09991 1.30662 -0.16082 -0.22928 -0.19031 6   DT  A "O5'" 
110 C  "C5'" . DT  A 6  ? 1.82609 1.04686 1.28896 -0.16354 -0.22856 -0.16274 6   DT  A "C5'" 
111 C  "C4'" . DT  A 6  ? 1.79857 1.02198 1.33584 -0.16450 -0.21558 -0.17121 6   DT  A "C4'" 
112 O  "O4'" . DT  A 6  ? 1.91686 1.10914 1.43292 -0.16769 -0.22062 -0.21505 6   DT  A "O4'" 
113 C  "C3'" . DT  A 6  ? 1.73848 0.96618 1.32777 -0.15955 -0.17757 -0.15057 6   DT  A "C3'" 
114 O  "O3'" . DT  A 6  ? 1.67427 0.94526 1.31502 -0.15803 -0.17527 -0.10905 6   DT  A "O3'" 
115 C  "C2'" . DT  A 6  ? 1.87220 1.07289 1.50711 -0.16049 -0.16241 -0.17890 6   DT  A "C2'" 
116 C  "C1'" . DT  A 6  ? 1.95373 1.12875 1.52729 -0.16842 -0.19072 -0.22575 6   DT  A "C1'" 
117 N  N1    . DT  A 6  ? 1.98361 1.11789 1.50406 -0.16695 -0.17416 -0.26129 6   DT  A N1    
118 C  C2    . DT  A 6  ? 2.01146 1.11248 1.55686 -0.17333 -0.16006 -0.30073 6   DT  A C2    
119 O  O2    . DT  A 6  ? 2.05202 1.15446 1.66858 -0.18145 -0.15967 -0.30577 6   DT  A O2    
120 N  N3    . DT  A 6  ? 2.03183 1.09489 1.51502 -0.17064 -0.14349 -0.33521 6   DT  A N3    
121 C  C4    . DT  A 6  ? 2.04395 1.10239 1.44688 -0.16062 -0.13815 -0.32891 6   DT  A C4    
122 O  O4    . DT  A 6  ? 2.08733 1.11155 1.43370 -0.15672 -0.11973 -0.36062 6   DT  A O4    
123 C  C5    . DT  A 6  ? 2.02366 1.11760 1.41290 -0.15584 -0.15290 -0.28359 6   DT  A C5    
124 C  C7    . DT  A 6  ? 2.02523 1.11442 1.33783 -0.14735 -0.14506 -0.27033 6   DT  A C7    
125 C  C6    . DT  A 6  ? 2.00857 1.13659 1.45480 -0.16006 -0.17071 -0.25517 6   DT  A C6    
126 P  P     . DG  A 7  ? 1.63727 0.94045 1.27995 -0.15656 -0.16054 -0.07135 7   DG  A P     
127 O  OP1   . DG  A 7  ? 1.73790 1.01647 1.30896 -0.15983 -0.16091 -0.08553 7   DG  A OP1   
128 O  OP2   . DG  A 7  ? 1.67173 0.99392 1.39006 -0.14637 -0.12769 -0.04550 7   DG  A OP2   
129 O  "O5'" . DG  A 7  ? 1.58154 0.92501 1.22259 -0.16291 -0.18574 -0.04727 7   DG  A "O5'" 
130 C  "C5'" . DG  A 7  ? 1.56379 0.89211 1.14975 -0.16830 -0.21477 -0.06525 7   DG  A "C5'" 
131 C  "C4'" . DG  A 7  ? 1.51283 0.84987 1.13205 -0.16515 -0.22845 -0.06933 7   DG  A "C4'" 
132 O  "O4'" . DG  A 7  ? 1.42854 0.81090 1.08789 -0.16387 -0.22625 -0.03549 7   DG  A "O4'" 
133 C  "C3'" . DG  A 7  ? 1.51487 0.83690 1.08551 -0.16591 -0.25642 -0.08828 7   DG  A "C3'" 
134 O  "O3'" . DG  A 7  ? 1.56776 0.85907 1.11851 -0.16494 -0.26430 -0.12129 7   DG  A "O3'" 
135 C  "C2'" . DG  A 7  ? 1.46712 0.81968 1.08518 -0.16246 -0.26240 -0.07319 7   DG  A "C2'" 
136 C  "C1'" . DG  A 7  ? 1.40932 0.79954 1.06442 -0.16237 -0.24492 -0.03792 7   DG  A "C1'" 
137 N  N9    . DG  A 7  ? 1.37741 0.78936 0.99612 -0.16699 -0.25523 -0.02277 7   DG  A N9    
138 C  C8    . DG  A 7  ? 1.36852 0.79357 0.96256 -0.17656 -0.25222 -0.01091 7   DG  A C8    
139 N  N7    . DG  A 7  ? 1.37760 0.81759 0.93955 -0.18349 -0.26409 -0.00543 7   DG  A N7    
140 C  C5    . DG  A 7  ? 1.35829 0.79417 0.92245 -0.17384 -0.27260 -0.01143 7   DG  A C5    
141 C  C6    . DG  A 7  ? 1.29742 0.74026 0.83205 -0.17301 -0.28220 -0.01113 7   DG  A C6    
142 O  O6    . DG  A 7  ? 1.24068 0.69092 0.73614 -0.18384 -0.28688 -0.00989 7   DG  A O6    
143 N  N1    . DG  A 7  ? 1.34197 0.78211 0.89808 -0.15914 -0.28471 -0.01483 7   DG  A N1    
144 C  C2    . DG  A 7  ? 1.35121 0.78470 0.95429 -0.15207 -0.28197 -0.02074 7   DG  A C2    
145 N  N2    . DG  A 7  ? 1.32901 0.76821 0.95607 -0.14198 -0.28595 -0.02246 7   DG  A N2    
146 N  N3    . DG  A 7  ? 1.32978 0.75161 0.95610 -0.15579 -0.27429 -0.02649 7   DG  A N3    
147 C  C4    . DG  A 7  ? 1.35283 0.77557 0.95619 -0.16446 -0.26838 -0.02028 7   DG  A C4    
148 P  P     . DG  A 8  ? 1.62973 0.90147 1.11081 -0.16198 -0.29106 -0.14010 8   DG  A P     
149 O  OP1   . DG  A 8  ? 1.75623 1.00564 1.21743 -0.16235 -0.29686 -0.17344 8   DG  A OP1   
150 O  OP2   . DG  A 8  ? 1.56766 0.83036 0.99554 -0.16272 -0.28903 -0.12444 8   DG  A OP2   
151 O  "O5'" . DG  A 8  ? 1.44898 0.74470 0.96046 -0.15791 -0.30972 -0.13458 8   DG  A "O5'" 
152 C  "C5'" . DG  A 8  ? 1.42009 0.73028 0.99338 -0.16003 -0.31328 -0.14552 8   DG  A "C5'" 
153 C  "C4'" . DG  A 8  ? 1.37910 0.71511 0.97469 -0.15375 -0.32906 -0.13565 8   DG  A "C4'" 
154 O  "O4'" . DG  A 8  ? 1.33833 0.69038 0.93416 -0.14939 -0.31832 -0.10584 8   DG  A "O4'" 
155 C  "C3'" . DG  A 8  ? 1.41976 0.74992 0.96356 -0.14509 -0.35497 -0.14695 8   DG  A "C3'" 
156 O  "O3'" . DG  A 8  ? 1.42581 0.78517 1.01748 -0.14155 -0.36982 -0.14874 8   DG  A "O3'" 
157 C  "C2'" . DG  A 8  ? 1.39702 0.71714 0.89284 -0.13767 -0.34947 -0.12576 8   DG  A "C2'" 
158 C  "C1'" . DG  A 8  ? 1.40119 0.74651 0.94641 -0.14075 -0.33189 -0.10344 8   DG  A "C1'" 
159 N  N9    . DG  A 8  ? 1.38781 0.72720 0.89664 -0.14395 -0.32085 -0.08745 8   DG  A N9    
160 C  C8    . DG  A 8  ? 1.42586 0.75511 0.91534 -0.15406 -0.30916 -0.08405 8   DG  A C8    
161 N  N7    . DG  A 8  ? 1.42751 0.76027 0.89109 -0.15984 -0.30432 -0.07105 8   DG  A N7    
162 C  C5    . DG  A 8  ? 1.42569 0.76505 0.88455 -0.15130 -0.31081 -0.06775 8   DG  A C5    
163 C  C6    . DG  A 8  ? 1.38348 0.72429 0.81197 -0.15390 -0.30833 -0.06081 8   DG  A C6    
164 O  O6    . DG  A 8  ? 1.31163 0.65204 0.71348 -0.16845 -0.30368 -0.05716 8   DG  A O6    
165 N  N1    . DG  A 8  ? 1.40348 0.74822 0.83587 -0.13899 -0.31124 -0.06034 8   DG  A N1    
166 C  C2    . DG  A 8  ? 1.44110 0.79540 0.91096 -0.12496 -0.31811 -0.06293 8   DG  A C2    
167 N  N2    . DG  A 8  ? 1.46910 0.83160 0.94399 -0.10983 -0.31709 -0.05829 8   DG  A N2    
168 N  N3    . DG  A 8  ? 1.39000 0.74695 0.89127 -0.12685 -0.32477 -0.07140 8   DG  A N3    
169 C  C4    . DG  A 8  ? 1.38033 0.72583 0.86997 -0.13963 -0.31967 -0.07486 8   DG  A C4    
170 P  P     . DG  A 9  ? 1.56316 0.93203 1.12983 -0.13396 -0.40150 -0.16569 9   DG  A P     
171 O  OP1   . DG  A 9  ? 1.46648 0.87000 1.10962 -0.14297 -0.41344 -0.17816 9   DG  A OP1   
172 O  OP2   . DG  A 9  ? 1.55790 0.89716 1.05164 -0.13443 -0.40867 -0.18313 9   DG  A OP2   
173 O  "O5'" . DG  A 9  ? 1.46170 0.83502 1.00199 -0.11378 -0.40378 -0.14087 9   DG  A "O5'" 
174 C  "C5'" . DG  A 9  ? 1.48154 0.88126 1.07390 -0.10761 -0.39364 -0.12110 9   DG  A "C5'" 
175 C  "C4'" . DG  A 9  ? 1.52522 0.91542 1.07634 -0.08692 -0.39169 -0.10382 9   DG  A "C4'" 
176 O  "O4'" . DG  A 9  ? 1.45415 0.81449 0.96267 -0.09042 -0.37079 -0.09392 9   DG  A "O4'" 
177 C  "C3'" . DG  A 9  ? 1.57684 0.95075 1.07147 -0.07207 -0.41073 -0.10827 9   DG  A "C3'" 
178 O  "O3'" . DG  A 9  ? 1.65114 1.04370 1.15978 -0.04901 -0.41517 -0.09301 9   DG  A "O3'" 
179 C  "C2'" . DG  A 9  ? 1.53843 0.86163 0.95982 -0.07381 -0.39543 -0.10449 9   DG  A "C2'" 
180 C  "C1'" . DG  A 9  ? 1.51417 0.83744 0.95339 -0.07966 -0.37259 -0.09275 9   DG  A "C1'" 
181 N  N9    . DG  A 9  ? 1.43776 0.72914 0.83391 -0.09392 -0.35757 -0.09244 9   DG  A N9    
182 C  C8    . DG  A 9  ? 1.44218 0.71891 0.81908 -0.10830 -0.35625 -0.10101 9   DG  A C8    
183 N  N7    . DG  A 9  ? 1.46312 0.71998 0.81102 -0.12024 -0.34157 -0.09571 9   DG  A N7    
184 C  C5    . DG  A 9  ? 1.48229 0.73724 0.82362 -0.11549 -0.33442 -0.08738 9   DG  A C5    
185 C  C6    . DG  A 9  ? 1.45316 0.69248 0.76496 -0.12789 -0.32140 -0.08403 9   DG  A C6    
186 O  O6    . DG  A 9  ? 1.45335 0.68288 0.74639 -0.14672 -0.31469 -0.08429 9   DG  A O6    
187 N  N1    . DG  A 9  ? 1.46650 0.70500 0.77280 -0.11764 -0.31577 -0.08151 9   DG  A N1    
188 C  C2    . DG  A 9  ? 1.45654 0.71065 0.78935 -0.09529 -0.31952 -0.07753 9   DG  A C2    
189 N  N2    . DG  A 9  ? 1.49893 0.74774 0.81955 -0.08526 -0.30760 -0.07527 9   DG  A N2    
190 N  N3    . DG  A 9  ? 1.43906 0.71491 0.80871 -0.08468 -0.33353 -0.07731 9   DG  A N3    
191 C  C4    . DG  A 9  ? 1.44562 0.71918 0.81446 -0.09708 -0.34161 -0.08460 9   DG  A C4    
192 P  P     . DG  A 10 ? 1.80941 1.20281 1.28090 -0.02563 -0.43668 -0.08804 10  DG  A P     
193 O  OP1   . DG  A 10 ? 1.89256 1.34802 1.43237 -0.01919 -0.45934 -0.08739 10  DG  A OP1   
194 O  OP2   . DG  A 10 ? 1.81756 1.17938 1.22353 -0.03249 -0.44494 -0.09973 10  DG  A OP2   
195 O  "O5'" . DG  A 10 ? 1.85384 1.21165 1.28906 -0.00127 -0.41440 -0.06649 10  DG  A "O5'" 
196 C  "C5'" . DG  A 10 ? 1.89742 1.27857 1.37845 0.01423  -0.40157 -0.05237 10  DG  A "C5'" 
197 C  "C4'" . DG  A 10 ? 1.94476 1.27321 1.37609 0.02915  -0.37276 -0.04221 10  DG  A "C4'" 
198 O  "O4'" . DG  A 10 ? 1.81866 1.10722 1.20880 0.00392  -0.35763 -0.05387 10  DG  A "O4'" 
199 C  "C3'" . DG  A 10 ? 1.93114 1.22026 1.30958 0.05540  -0.37229 -0.03013 10  DG  A "C3'" 
200 O  "O3'" . DG  A 10 ? 2.04861 1.32255 1.43027 0.08352  -0.34935 -0.01530 10  DG  A "O3'" 
201 C  "C2'" . DG  A 10 ? 1.80568 1.03153 1.11433 0.03625  -0.36050 -0.04003 10  DG  A "C2'" 
202 C  "C1'" . DG  A 10 ? 1.77885 1.00530 1.10049 0.01033  -0.34463 -0.05226 10  DG  A "C1'" 
203 N  N9    . DG  A 10 ? 1.62018 0.81945 0.90657 -0.01870 -0.34154 -0.06427 10  DG  A N9    
204 C  C8    . DG  A 10 ? 1.58520 0.79976 0.87575 -0.03579 -0.35682 -0.07260 10  DG  A C8    
205 N  N7    . DG  A 10 ? 1.53424 0.72208 0.79488 -0.05821 -0.34623 -0.07889 10  DG  A N7    
206 C  C5    . DG  A 10 ? 1.56575 0.72048 0.80034 -0.05997 -0.32640 -0.07730 10  DG  A C5    
207 C  C6    . DG  A 10 ? 1.58645 0.71027 0.78828 -0.08398 -0.31150 -0.08353 10  DG  A C6    
208 O  O6    . DG  A 10 ? 1.61656 0.73999 0.81130 -0.10625 -0.31131 -0.08692 10  DG  A O6    
209 N  N1    . DG  A 10 ? 1.59084 0.68447 0.76915 -0.08119 -0.29474 -0.08694 10  DG  A N1    
210 C  C2    . DG  A 10 ? 1.59548 0.68602 0.78087 -0.05390 -0.28828 -0.08230 10  DG  A C2    
211 N  N2    . DG  A 10 ? 1.54190 0.59472 0.69563 -0.05482 -0.26754 -0.09111 10  DG  A N2    
212 N  N3    . DG  A 10 ? 1.62646 0.75084 0.84928 -0.02837 -0.30063 -0.07111 10  DG  A N3    
213 C  C4    . DG  A 10 ? 1.59182 0.74854 0.83776 -0.03513 -0.32160 -0.07022 10  DG  A C4    
214 P  P     . DT  A 11 ? 2.21317 1.53781 1.64752 0.12079  -0.35937 0.00778  11  DT  A P     
215 O  OP1   . DT  A 11 ? 2.28505 1.62232 1.70076 0.13111  -0.38832 0.01602  11  DT  A OP1   
216 O  OP2   . DT  A 11 ? 2.31784 1.60695 1.74203 0.14989  -0.32415 0.02066  11  DT  A OP2   
217 O  "O5'" . DT  A 11 ? 2.26505 1.66954 1.78695 0.10558  -0.37484 0.00321  11  DT  A "O5'" 
218 C  "C5'" . DT  A 11 ? 2.29735 1.76237 1.89150 0.13100  -0.37725 0.02277  11  DT  A "C5'" 
219 C  "C4'" . DT  A 11 ? 2.30950 1.85024 1.98822 0.10781  -0.40079 0.01540  11  DT  A "C4'" 
220 O  "O4'" . DT  A 11 ? 2.29266 1.90328 2.03326 0.12861  -0.42551 0.03225  11  DT  A "O4'" 
221 C  "C3'" . DT  A 11 ? 2.26728 1.80913 1.93288 0.07201  -0.42819 -0.01017 11  DT  A "C3'" 
222 O  "O3'" . DT  A 11 ? 2.21387 1.81249 1.96325 0.04833  -0.43904 -0.01897 11  DT  A "O3'" 
223 C  "C2'" . DT  A 11 ? 2.32063 1.88233 1.96603 0.08834  -0.46048 -0.00499 11  DT  A "C2'" 
224 C  "C1'" . DT  A 11 ? 2.32482 1.95827 2.05298 0.11302  -0.46686 0.01799  11  DT  A "C1'" 
225 N  N1    . DT  A 11 ? 2.39131 2.04889 2.10782 0.15017  -0.48492 0.04252  11  DT  A N1    
226 C  C2    . DT  A 11 ? 2.40969 2.08113 2.08669 0.14642  -0.52192 0.03563  11  DT  A C2    
227 O  O2    . DT  A 11 ? 2.42813 2.08784 2.07525 0.11340  -0.53933 0.00639  11  DT  A O2    
228 N  N3    . DT  A 11 ? 2.40281 2.10344 2.07438 0.18625  -0.53556 0.06675  11  DT  A N3    
229 C  C4    . DT  A 11 ? 2.35725 2.07144 2.06389 0.22970  -0.51400 0.10317  11  DT  A C4    
230 O  O4    . DT  A 11 ? 2.35641 2.09910 2.05954 0.26758  -0.52681 0.13468  11  DT  A O4    
231 C  C5    . DT  A 11 ? 2.36012 2.05401 2.10606 0.23046  -0.47301 0.10401  11  DT  A C5    
232 C  C7    . DT  A 11 ? 2.34589 2.04803 2.12906 0.27807  -0.44130 0.13980  11  DT  A C7    
233 C  C6    . DT  A 11 ? 2.36342 2.03266 2.11002 0.19066  -0.46215 0.07429  11  DT  A C6    
234 P  P     . DT  A 12 ? 2.09171 1.67362 1.85709 0.01685  -0.41941 -0.03192 12  DT  A P     
235 O  OP1   . DT  A 12 ? 2.03073 1.65933 1.86872 -0.01066 -0.44153 -0.04803 12  DT  A OP1   
236 O  OP2   . DT  A 12 ? 2.09868 1.67455 1.87518 0.03148  -0.38318 -0.01262 12  DT  A OP2   
237 O  "O5'" . DT  A 12 ? 2.08246 1.59803 1.75678 0.00295  -0.41707 -0.04854 12  DT  A "O5'" 
238 C  "C5'" . DT  A 12 ? 1.99360 1.49713 1.67291 -0.02742 -0.41359 -0.06517 12  DT  A "C5'" 
239 C  "C4'" . DT  A 12 ? 1.99254 1.46179 1.64119 -0.03123 -0.38240 -0.05722 12  DT  A "C4'" 
240 O  "O4'" . DT  A 12 ? 2.09353 1.53578 1.69522 -0.00718 -0.36660 -0.04436 12  DT  A "O4'" 
241 C  "C3'" . DT  A 12 ? 1.93327 1.43491 1.64947 -0.03956 -0.36309 -0.04561 12  DT  A "C3'" 
242 O  "O3'" . DT  A 12 ? 1.81454 1.29911 1.52157 -0.06088 -0.35318 -0.05079 12  DT  A "O3'" 
243 C  "C2'" . DT  A 12 ? 1.98076 1.47859 1.67884 -0.01701 -0.33839 -0.02645 12  DT  A "C2'" 
244 C  "C1'" . DT  A 12 ? 2.08620 1.52976 1.69529 -0.00701 -0.33946 -0.03400 12  DT  A "C1'" 
245 N  N1    . DT  A 12 ? 2.14592 1.57630 1.73274 0.02206  -0.32186 -0.02215 12  DT  A N1    
246 C  C2    . DT  A 12 ? 2.19406 1.56621 1.70229 0.02629  -0.30669 -0.02814 12  DT  A C2    
247 O  O2    . DT  A 12 ? 2.14641 1.48336 1.60580 0.00585  -0.30891 -0.04061 12  DT  A O2    
248 N  N3    . DT  A 12 ? 2.29056 1.64610 1.78323 0.05482  -0.28624 -0.01953 12  DT  A N3    
249 C  C4    . DT  A 12 ? 2.32014 1.71688 1.86971 0.08192  -0.27887 -0.00193 12  DT  A C4    
250 O  O4    . DT  A 12 ? 2.38801 1.76302 1.91873 0.11008  -0.25533 0.00549  12  DT  A O4    
251 C  C5    . DT  A 12 ? 2.25049 1.71613 1.88722 0.07404  -0.29808 0.00627  12  DT  A C5    
252 C  C7    . DT  A 12 ? 2.23131 1.75415 1.94593 0.09881  -0.29215 0.02748  12  DT  A C7    
253 C  C6    . DT  A 12 ? 2.19009 1.66566 1.83956 0.04347  -0.31851 -0.00613 12  DT  A C6    
254 P  P     . DG  A 13 ? 1.80449 1.32039 1.59570 -0.07892 -0.34555 -0.04751 13  DG  A P     
255 O  OP1   . DG  A 13 ? 1.77119 1.26046 1.54361 -0.09865 -0.34843 -0.06404 13  DG  A OP1   
256 O  OP2   . DG  A 13 ? 1.75693 1.31474 1.62358 -0.07740 -0.35814 -0.04832 13  DG  A OP2   
257 O  "O5'" . DG  A 13 ? 1.70892 1.23793 1.51011 -0.07200 -0.31499 -0.01981 13  DG  A "O5'" 
258 C  "C5'" . DG  A 13 ? 1.58380 1.09076 1.33189 -0.07795 -0.30303 -0.01532 13  DG  A "C5'" 
259 C  "C4'" . DG  A 13 ? 1.54887 1.06704 1.27122 -0.06399 -0.28255 0.00470  13  DG  A "C4'" 
260 O  "O4'" . DG  A 13 ? 1.40891 0.92585 1.10144 -0.07466 -0.27242 0.01339  13  DG  A "O4'" 
261 C  "C3'" . DG  A 13 ? 1.62263 1.11090 1.27436 -0.04938 -0.28458 -0.00511 13  DG  A "C3'" 
262 O  "O3'" . DG  A 13 ? 1.65229 1.15749 1.29824 -0.03276 -0.26272 0.01086  13  DG  A "O3'" 
263 C  "C2'" . DG  A 13 ? 1.57189 1.02368 1.15345 -0.06489 -0.28872 -0.01787 13  DG  A "C2'" 
264 C  "C1'" . DG  A 13 ? 1.46780 0.95119 1.07612 -0.07668 -0.27675 -0.00031 13  DG  A "C1'" 
265 N  N9    . DG  A 13 ? 1.39356 0.86272 0.98077 -0.09587 -0.28346 -0.00718 13  DG  A N9    
266 C  C8    . DG  A 13 ? 1.37047 0.83265 0.98865 -0.10632 -0.29152 -0.01498 13  DG  A C8    
267 N  N7    . DG  A 13 ? 1.41263 0.86427 1.00411 -0.12004 -0.29166 -0.01721 13  DG  A N7    
268 C  C5    . DG  A 13 ? 1.39255 0.84787 0.93468 -0.12234 -0.28724 -0.01173 13  DG  A C5    
269 C  C6    . DG  A 13 ? 1.31518 0.77067 0.81879 -0.13850 -0.28764 -0.01125 13  DG  A C6    
270 O  O6    . DG  A 13 ? 1.24271 0.69606 0.75158 -0.15091 -0.28908 -0.01135 13  DG  A O6    
271 N  N1    . DG  A 13 ? 1.32972 0.79069 0.78633 -0.14039 -0.28506 -0.01183 13  DG  A N1    
272 C  C2    . DG  A 13 ? 1.36653 0.82779 0.81081 -0.12452 -0.27819 -0.01207 13  DG  A C2    
273 N  N2    . DG  A 13 ? 1.41392 0.87548 0.80306 -0.12979 -0.27426 -0.01840 13  DG  A N2    
274 N  N3    . DG  A 13 ? 1.34579 0.80894 0.83029 -0.10575 -0.27462 -0.00782 13  DG  A N3    
275 C  C4    . DG  A 13 ? 1.36941 0.83171 0.90352 -0.10758 -0.28157 -0.00802 13  DG  A C4    
276 P  P     . DG  A 14 ? 1.86730 1.35210 1.47819 -0.00731 -0.25546 0.00654  14  DG  A P     
277 O  OP1   . DG  A 14 ? 1.77319 1.28886 1.40099 0.00973  -0.22812 0.02640  14  DG  A OP1   
278 O  OP2   . DG  A 14 ? 1.80190 1.28690 1.44480 0.00054  -0.27563 0.00019  14  DG  A OP2   
279 O  "O5'" . DG  A 14 ? 1.66180 1.08900 1.17493 -0.01434 -0.25540 -0.01357 14  DG  A "O5'" 
280 C  "C5'" . DG  A 14 ? 1.63155 1.05758 1.10208 -0.03122 -0.24729 -0.01534 14  DG  A "C5'" 
281 C  "C4'" . DG  A 14 ? 1.65265 1.03083 1.03943 -0.02898 -0.23575 -0.03365 14  DG  A "C4'" 
282 O  "O4'" . DG  A 14 ? 1.58812 0.94767 0.92759 -0.05758 -0.24486 -0.04737 14  DG  A "O4'" 
283 C  "C3'" . DG  A 14 ? 1.66967 0.99482 1.02945 -0.01258 -0.23611 -0.04625 14  DG  A "C3'" 
284 O  "O3'" . DG  A 14 ? 1.70681 0.99176 1.00594 -0.00174 -0.21331 -0.05914 14  DG  A "O3'" 
285 C  "C2'" . DG  A 14 ? 1.63498 0.92598 0.96697 -0.03516 -0.25502 -0.05949 14  DG  A "C2'" 
286 C  "C1'" . DG  A 14 ? 1.60145 0.90811 0.91082 -0.06403 -0.25559 -0.06367 14  DG  A "C1'" 
287 N  N9    . DG  A 14 ? 1.50595 0.82674 0.83927 -0.08458 -0.27291 -0.06089 14  DG  A N9    
288 C  C8    . DG  A 14 ? 1.50667 0.85114 0.89742 -0.08104 -0.28502 -0.05188 14  DG  A C8    
289 N  N7    . DG  A 14 ? 1.47232 0.81913 0.86826 -0.10043 -0.29417 -0.05370 14  DG  A N7    
290 C  C5    . DG  A 14 ? 1.42607 0.75652 0.77124 -0.11869 -0.28989 -0.06110 14  DG  A C5    
291 C  C6    . DG  A 14 ? 1.38551 0.71723 0.71967 -0.14296 -0.29460 -0.06293 14  DG  A C6    
292 O  O6    . DG  A 14 ? 1.39102 0.73362 0.75491 -0.14983 -0.30002 -0.05807 14  DG  A O6    
293 N  N1    . DG  A 14 ? 1.34275 0.66229 0.62722 -0.16076 -0.29084 -0.07291 14  DG  A N1    
294 C  C2    . DG  A 14 ? 1.47327 0.77333 0.71581 -0.15556 -0.28167 -0.08443 14  DG  A C2    
295 N  N2    . DG  A 14 ? 1.54783 0.83635 0.74290 -0.18017 -0.28070 -0.09983 14  DG  A N2    
296 N  N3    . DG  A 14 ? 1.48509 0.77843 0.73355 -0.12888 -0.27279 -0.08244 14  DG  A N3    
297 C  C4    . DG  A 14 ? 1.45533 0.76837 0.75958 -0.11158 -0.27837 -0.06837 14  DG  A C4    
298 P  P     . DG  A 15 ? 1.90501 1.12077 1.16551 0.01852  -0.20362 -0.07058 15  DG  A P     
299 O  OP1   . DG  A 15 ? 1.94649 1.14770 1.18502 0.04428  -0.17202 -0.07291 15  DG  A OP1   
300 O  OP2   . DG  A 15 ? 1.84303 1.06954 1.15069 0.03164  -0.22322 -0.05691 15  DG  A OP2   
301 O  "O5'" . DG  A 15 ? 1.81943 0.97466 1.00867 -0.01179 -0.20652 -0.09580 15  DG  A "O5'" 
302 C  "C5'" . DG  A 15 ? 1.76499 0.90973 0.90085 -0.03394 -0.19553 -0.11580 15  DG  A "C5'" 
303 C  "C4'" . DG  A 15 ? 1.76772 0.86013 0.85256 -0.06695 -0.20201 -0.13838 15  DG  A "C4'" 
304 O  "O4'" . DG  A 15 ? 1.68771 0.81918 0.80398 -0.09130 -0.22721 -0.12818 15  DG  A "O4'" 
305 C  "C3'" . DG  A 15 ? 1.80204 0.81463 0.86125 -0.05525 -0.19219 -0.14501 15  DG  A "C3'" 
306 O  "O3'" . DG  A 15 ? 1.82579 0.77148 0.81961 -0.07692 -0.17544 -0.17549 15  DG  A "O3'" 
307 C  "C2'" . DG  A 15 ? 1.71514 0.73938 0.80124 -0.06838 -0.21630 -0.13211 15  DG  A "C2'" 
308 C  "C1'" . DG  A 15 ? 1.68696 0.76600 0.78368 -0.10245 -0.23200 -0.13479 15  DG  A "C1'" 
309 N  N9    . DG  A 15 ? 1.57221 0.68970 0.71268 -0.11000 -0.25315 -0.11857 15  DG  A N9    
310 C  C8    . DG  A 15 ? 1.53074 0.68397 0.72371 -0.08886 -0.26436 -0.10025 15  DG  A C8    
311 N  N7    . DG  A 15 ? 1.52444 0.70008 0.74171 -0.10306 -0.27971 -0.09445 15  DG  A N7    
312 C  C5    . DG  A 15 ? 1.52309 0.68193 0.70726 -0.13341 -0.27799 -0.10489 15  DG  A C5    
313 C  C6    . DG  A 15 ? 1.47941 0.65221 0.67334 -0.15672 -0.28668 -0.10216 15  DG  A C6    
314 O  O6    . DG  A 15 ? 1.52746 0.72375 0.75545 -0.15405 -0.29588 -0.09278 15  DG  A O6    
315 N  N1    . DG  A 15 ? 1.48426 0.64130 0.64483 -0.18638 -0.28220 -0.11365 15  DG  A N1    
316 C  C2    . DG  A 15 ? 1.59633 0.72700 0.71839 -0.19437 -0.27023 -0.12994 15  DG  A C2    
317 N  N2    . DG  A 15 ? 1.60602 0.74867 0.72495 -0.22352 -0.26329 -0.13642 15  DG  A N2    
318 N  N3    . DG  A 15 ? 1.61947 0.72413 0.71973 -0.17263 -0.26084 -0.13761 15  DG  A N3    
319 C  C4    . DG  A 15 ? 1.57386 0.69895 0.71197 -0.14062 -0.26404 -0.12089 15  DG  A C4    
320 P  P     . DG  A 16 ? 1.93650 0.78168 0.89474 -0.06507 -0.15322 -0.18450 16  DG  A P     
321 O  OP1   . DG  A 16 ? 1.98008 0.76965 0.88788 -0.05880 -0.12098 -0.21221 16  DG  A OP1   
322 O  OP2   . DG  A 16 ? 1.87582 0.72654 0.87589 -0.02804 -0.15879 -0.15268 16  DG  A OP2   
323 O  "O5'" . DG  A 16 ? 1.96900 0.78309 0.90314 -0.11055 -0.16383 -0.19871 16  DG  A "O5'" 
324 C  "C5'" . DG  A 16 ? 1.94765 0.78339 0.86191 -0.15275 -0.16534 -0.22357 16  DG  A "C5'" 
325 C  "C4'" . DG  A 16 ? 1.91392 0.76210 0.85339 -0.18596 -0.16906 -0.21865 16  DG  A "C4'" 
326 O  "O4'" . DG  A 16 ? 1.81962 0.73058 0.80061 -0.19134 -0.19568 -0.19427 16  DG  A "O4'" 
327 C  "C3'" . DG  A 16 ? 1.95812 0.72308 0.88504 -0.17640 -0.14875 -0.21372 16  DG  A "C3'" 
328 O  "O3'" . DG  A 16 ? 2.02213 0.78069 0.95335 -0.21429 -0.13825 -0.22719 16  DG  A "O3'" 
329 C  "C2'" . DG  A 16 ? 1.88613 0.66471 0.83566 -0.16053 -0.16933 -0.18356 16  DG  A "C2'" 
330 C  "C1'" . DG  A 16 ? 1.79235 0.66642 0.77997 -0.18687 -0.19402 -0.17850 16  DG  A "C1'" 
331 N  N9    . DG  A 16 ? 1.74873 0.66060 0.76382 -0.17063 -0.21735 -0.15650 16  DG  A N9    
332 C  C8    . DG  A 16 ? 1.75308 0.67837 0.78056 -0.13692 -0.22722 -0.14609 16  DG  A C8    
333 N  N7    . DG  A 16 ? 1.70905 0.68361 0.77539 -0.13140 -0.24613 -0.12794 16  DG  A N7    
334 C  C5    . DG  A 16 ? 1.70144 0.67951 0.76630 -0.16235 -0.24942 -0.12871 16  DG  A C5    
335 C  C6    . DG  A 16 ? 1.59934 0.61765 0.69480 -0.16922 -0.26217 -0.11497 16  DG  A C6    
336 O  O6    . DG  A 16 ? 1.51635 0.56472 0.63736 -0.15342 -0.27734 -0.10568 16  DG  A O6    
337 N  N1    . DG  A 16 ? 1.61582 0.63975 0.71456 -0.19779 -0.25324 -0.11392 16  DG  A N1    
338 C  C2    . DG  A 16 ? 1.64992 0.64946 0.73077 -0.22058 -0.23717 -0.12604 16  DG  A C2    
339 N  N2    . DG  A 16 ? 1.61016 0.62039 0.70086 -0.24978 -0.23317 -0.12380 16  DG  A N2    
340 N  N3    . DG  A 16 ? 1.65637 0.62103 0.71133 -0.21627 -0.22500 -0.14179 16  DG  A N3    
341 C  C4    . DG  A 16 ? 1.70455 0.65819 0.75043 -0.18514 -0.23052 -0.14145 16  DG  A C4    
342 P  P     . DT  A 17 ? 2.09175 0.78909 0.99335 -0.22682 -0.10673 -0.26045 17  DT  A P     
343 O  OP1   . DT  A 17 ? 2.20040 0.81701 1.07241 -0.18306 -0.08133 -0.25819 17  DT  A OP1   
344 O  OP2   . DT  A 17 ? 2.13795 0.82082 1.05418 -0.26370 -0.09960 -0.26662 17  DT  A OP2   
345 O  "O5'" . DT  A 17 ? 2.18058 0.94102 1.07274 -0.24539 -0.11664 -0.28715 17  DT  A "O5'" 
346 C  "C5'" . DT  A 17 ? 2.23063 0.96510 1.09741 -0.26729 -0.09771 -0.32541 17  DT  A "C5'" 
347 C  "C4'" . DT  A 17 ? 2.29029 1.05697 1.12518 -0.25851 -0.09890 -0.34544 17  DT  A "C4'" 
348 O  "O4'" . DT  A 17 ? 2.34986 1.04322 1.14381 -0.25299 -0.06500 -0.38002 17  DT  A "O4'" 
349 C  "C3'" . DT  A 17 ? 2.31423 1.09141 1.14170 -0.21612 -0.10486 -0.32171 17  DT  A "C3'" 
350 O  "O3'" . DT  A 17 ? 2.34595 1.19488 1.15861 -0.22147 -0.11989 -0.32925 17  DT  A "O3'" 
351 C  "C2'" . DT  A 17 ? 2.40301 1.08245 1.19463 -0.17887 -0.06760 -0.33182 17  DT  A "C2'" 
352 C  "C1'" . DT  A 17 ? 2.41996 1.07403 1.18360 -0.20656 -0.04624 -0.37458 17  DT  A "C1'" 
353 N  N1    . DT  A 17 ? 2.44903 0.99528 1.19122 -0.18470 -0.00326 -0.38820 17  DT  A N1    
354 C  C2    . DT  A 17 ? 2.43229 0.92199 1.19807 -0.18711 0.00846  -0.37413 17  DT  A C2    
355 O  O2    . DT  A 17 ? 2.36511 0.88654 1.16457 -0.20681 -0.01393 -0.35286 17  DT  A O2    
356 N  N3    . DT  A 17 ? 2.53494 0.92765 1.28275 -0.16293 0.05120  -0.38391 17  DT  A N3    
357 C  C4    . DT  A 17 ? 2.63658 0.98340 1.34733 -0.13639 0.08432  -0.40748 17  DT  A C4    
358 O  O4    . DT  A 17 ? 2.68195 0.94128 1.38475 -0.11299 0.12526  -0.41217 17  DT  A O4    
359 C  C5    . DT  A 17 ? 2.59484 1.00402 1.27715 -0.13558 0.07075  -0.42369 17  DT  A C5    
360 C  C7    . DT  A 17 ? 2.69073 1.05780 1.32685 -0.10553 0.10832  -0.44971 17  DT  A C7    
361 C  C6    . DT  A 17 ? 2.50014 1.00505 1.19877 -0.15975 0.02749  -0.41241 17  DT  A C6    
362 P  P     . DT  A 18 ? 2.33803 1.25383 1.17226 -0.20325 -0.14716 -0.29613 18  DT  A P     
363 O  OP1   . DT  A 18 ? 2.24867 1.20370 1.13776 -0.21952 -0.17084 -0.26968 18  DT  A OP1   
364 O  OP2   . DT  A 18 ? 2.35625 1.21842 1.16436 -0.15643 -0.13158 -0.28937 18  DT  A OP2   
365 O  "O5'" . DT  A 18 ? 2.39345 1.39170 1.20788 -0.22185 -0.16035 -0.30723 18  DT  A "O5'" 
366 C  "C5'" . DT  A 18 ? 2.37363 1.45720 1.21681 -0.22488 -0.18919 -0.27845 18  DT  A "C5'" 
367 C  "C4'" . DT  A 18 ? 2.38176 1.52403 1.18422 -0.22531 -0.19210 -0.28503 18  DT  A "C4'" 
368 O  "O4'" . DT  A 18 ? 2.41897 1.56885 1.19240 -0.25313 -0.18472 -0.32172 18  DT  A "O4'" 
369 C  "C3'" . DT  A 18 ? 2.47040 1.58323 1.23271 -0.18343 -0.16890 -0.28321 18  DT  A "C3'" 
370 O  "O3'" . DT  A 18 ? 2.40519 1.61465 1.18363 -0.17232 -0.17657 -0.25481 18  DT  A "O3'" 
371 C  "C2'" . DT  A 18 ? 2.54668 1.59590 1.24285 -0.18781 -0.13964 -0.32945 18  DT  A "C2'" 
372 C  "C1'" . DT  A 18 ? 2.50575 1.61913 1.21355 -0.23340 -0.15825 -0.34729 18  DT  A "C1'" 
373 N  N1    . DT  A 18 ? 2.51666 1.57175 1.20274 -0.25250 -0.13800 -0.39117 18  DT  A N1    
374 C  C2    . DT  A 18 ? 2.58034 1.62348 1.20428 -0.24976 -0.11761 -0.42735 18  DT  A C2    
375 O  O2    . DT  A 18 ? 2.61599 1.69749 1.19781 -0.23063 -0.11355 -0.42290 18  DT  A O2    
376 N  N3    . DT  A 18 ? 2.62598 1.60913 1.23646 -0.26957 -0.10003 -0.46867 18  DT  A N3    
377 C  C4    . DT  A 18 ? 2.57097 1.50594 1.22227 -0.29102 -0.09934 -0.47338 18  DT  A C4    
378 O  O4    . DT  A 18 ? 2.65471 1.53305 1.29013 -0.30860 -0.08139 -0.51096 18  DT  A O4    
379 C  C5    . DT  A 18 ? 2.51973 1.47411 1.23137 -0.29078 -0.11945 -0.43099 18  DT  A C5    
380 C  C7    . DT  A 18 ? 2.46756 1.37577 1.22063 -0.31066 -0.11710 -0.42865 18  DT  A C7    
381 C  C6    . DT  A 18 ? 2.50725 1.51981 1.23363 -0.27192 -0.13813 -0.39434 18  DT  A C6    
382 P  P     . DG  A 19 ? 2.19730 1.48146 1.07218 -0.15104 -0.19080 -0.19843 19  DG  A P     
383 O  OP1   . DG  A 19 ? 2.13057 1.36378 1.05524 -0.12618 -0.18270 -0.18675 19  DG  A OP1   
384 O  OP2   . DG  A 19 ? 2.07086 1.42946 0.95080 -0.12896 -0.18150 -0.17189 19  DG  A OP2   
385 O  "O5'" . DG  A 19 ? 2.02877 1.35767 0.92719 -0.19107 -0.22508 -0.19130 19  DG  A "O5'" 
386 C  "C5'" . DG  A 19 ? 1.85541 1.22814 0.83571 -0.18410 -0.23965 -0.15201 19  DG  A "C5'" 
387 C  "C4'" . DG  A 19 ? 1.78983 1.17784 0.78138 -0.22242 -0.26465 -0.15525 19  DG  A "C4'" 
388 O  "O4'" . DG  A 19 ? 1.65223 1.09388 0.72249 -0.21362 -0.27559 -0.11489 19  DG  A "O4'" 
389 C  "C3'" . DG  A 19 ? 1.80355 1.10667 0.77790 -0.24043 -0.26391 -0.18312 19  DG  A "C3'" 
390 O  "O3'" . DG  A 19 ? 1.85882 1.18602 0.83291 -0.27561 -0.26793 -0.20108 19  DG  A "O3'" 
391 C  "C2'" . DG  A 19 ? 1.67638 0.98862 0.72116 -0.23019 -0.27219 -0.15358 19  DG  A "C2'" 
392 C  "C1'" . DG  A 19 ? 1.51900 0.92643 0.60975 -0.23117 -0.28534 -0.12041 19  DG  A "C1'" 
393 N  N9    . DG  A 19 ? 1.44467 0.87087 0.60760 -0.21098 -0.28649 -0.08947 19  DG  A N9    
394 C  C8    . DG  A 19 ? 1.41287 0.83824 0.61416 -0.17775 -0.27566 -0.07282 19  DG  A C8    
395 N  N7    . DG  A 19 ? 1.41014 0.85038 0.67240 -0.17111 -0.28059 -0.05295 19  DG  A N7    
396 C  C5    . DG  A 19 ? 1.43250 0.88266 0.69551 -0.19767 -0.29236 -0.05402 19  DG  A C5    
397 C  C6    . DG  A 19 ? 1.38156 0.84519 0.69388 -0.20190 -0.29752 -0.03906 19  DG  A C6    
398 O  O6    . DG  A 19 ? 1.32577 0.79139 0.68824 -0.18518 -0.29432 -0.02598 19  DG  A O6    
399 N  N1    . DG  A 19 ? 1.46019 0.93571 0.76039 -0.23020 -0.30588 -0.04267 19  DG  A N1    
400 C  C2    . DG  A 19 ? 1.48586 0.96218 0.73520 -0.25618 -0.31231 -0.06122 19  DG  A C2    
401 N  N2    . DG  A 19 ? 1.45612 0.95248 0.71132 -0.28466 -0.32111 -0.06074 19  DG  A N2    
402 N  N3    . DG  A 19 ? 1.47515 0.93391 0.67270 -0.25546 -0.30892 -0.08084 19  DG  A N3    
403 C  C4    . DG  A 19 ? 1.44781 0.89318 0.65437 -0.22326 -0.29724 -0.07472 19  DG  A C4    
404 P  P     . DG  A 20 ? 2.04287 1.30334 1.02160 -0.29145 -0.25270 -0.22525 20  DG  A P     
405 O  OP1   . DG  A 20 ? 2.10058 1.34404 1.03365 -0.30640 -0.23964 -0.26276 20  DG  A OP1   
406 O  OP2   . DG  A 20 ? 1.87591 1.06473 0.86341 -0.26475 -0.24132 -0.21604 20  DG  A OP2   
407 O  "O5'" . DG  A 20 ? 1.79019 1.10269 0.81761 -0.32226 -0.27002 -0.21162 20  DG  A "O5'" 
408 C  "C5'" . DG  A 20 ? 1.65582 1.00532 0.72755 -0.31565 -0.28526 -0.17767 20  DG  A "C5'" 
409 C  "C4'" . DG  A 20 ? 1.62037 0.99700 0.72823 -0.34554 -0.29400 -0.17115 20  DG  A "C4'" 
410 O  "O4'" . DG  A 20 ? 1.54531 0.94409 0.69329 -0.33630 -0.30480 -0.14002 20  DG  A "O4'" 
411 C  "C3'" . DG  A 20 ? 1.72637 1.03366 0.83139 -0.35673 -0.27705 -0.18736 20  DG  A "C3'" 
412 O  "O3'" . DG  A 20 ? 1.68107 1.02251 0.80798 -0.39372 -0.28560 -0.18932 20  DG  A "O3'" 
413 C  "C2'" . DG  A 20 ? 1.65794 0.92513 0.78124 -0.33006 -0.27219 -0.16588 20  DG  A "C2'" 
414 C  "C1'" . DG  A 20 ? 1.58279 0.91774 0.74033 -0.32680 -0.29221 -0.13887 20  DG  A "C1'" 
415 N  N9    . DG  A 20 ? 1.51823 0.83539 0.68487 -0.29369 -0.29343 -0.12390 20  DG  A N9    
416 C  C8    . DG  A 20 ? 1.56503 0.85529 0.70895 -0.26704 -0.28888 -0.12924 20  DG  A C8    
417 N  N7    . DG  A 20 ? 1.59786 0.88368 0.76491 -0.24338 -0.29403 -0.11393 20  DG  A N7    
418 C  C5    . DG  A 20 ? 1.54240 0.84986 0.74598 -0.25379 -0.30003 -0.09939 20  DG  A C5    
419 C  C6    . DG  A 20 ? 1.46376 0.78388 0.71404 -0.23554 -0.30047 -0.08148 20  DG  A C6    
420 O  O6    . DG  A 20 ? 1.35203 0.67054 0.62528 -0.20928 -0.29915 -0.07525 20  DG  A O6    
421 N  N1    . DG  A 20 ? 1.47372 0.81070 0.74596 -0.25244 -0.30174 -0.07257 20  DG  A N1    
422 C  C2    . DG  A 20 ? 1.47494 0.82325 0.73452 -0.28410 -0.30408 -0.07661 20  DG  A C2    
423 N  N2    . DG  A 20 ? 1.46000 0.82890 0.75135 -0.29403 -0.30155 -0.06301 20  DG  A N2    
424 N  N3    . DG  A 20 ? 1.40736 0.75158 0.63187 -0.30402 -0.30558 -0.09341 20  DG  A N3    
425 C  C4    . DG  A 20 ? 1.47447 0.79855 0.67401 -0.28496 -0.30056 -0.10429 20  DG  A C4    
426 P  P     . DG  A 21 ? 1.74829 1.02563 0.87265 -0.41572 -0.26893 -0.20563 21  DG  A P     
427 O  OP1   . DG  A 21 ? 1.71424 1.04087 0.85034 -0.45945 -0.28087 -0.22055 21  DG  A OP1   
428 O  OP2   . DG  A 21 ? 1.73928 0.93220 0.82686 -0.39450 -0.24572 -0.22390 21  DG  A OP2   
429 O  "O5'" . DG  A 21 ? 1.63175 0.89345 0.78477 -0.40815 -0.26802 -0.17692 21  DG  A "O5'" 
430 C  "C5'" . DG  A 21 ? 1.61488 0.94355 0.80433 -0.42318 -0.28658 -0.15465 21  DG  A "C5'" 
431 C  "C4'" . DG  A 21 ? 1.61399 0.90841 0.81797 -0.41331 -0.28006 -0.13429 21  DG  A "C4'" 
432 O  "O4'" . DG  A 21 ? 1.57825 0.86459 0.78267 -0.37401 -0.28171 -0.12012 21  DG  A "O4'" 
433 C  "C3'" . DG  A 21 ? 1.67228 0.88276 0.85489 -0.41439 -0.25744 -0.14238 21  DG  A "C3'" 
434 O  "O3'" . DG  A 21 ? 1.71221 0.92005 0.91303 -0.43601 -0.25562 -0.12850 21  DG  A "O3'" 
435 C  "C2'" . DG  A 21 ? 1.63946 0.80052 0.80133 -0.36935 -0.24898 -0.13545 21  DG  A "C2'" 
436 C  "C1'" . DG  A 21 ? 1.61134 0.82837 0.79987 -0.35346 -0.26630 -0.11745 21  DG  A "C1'" 
437 N  N9    . DG  A 21 ? 1.55404 0.75602 0.73462 -0.31469 -0.26684 -0.11443 21  DG  A N9    
438 C  C8    . DG  A 21 ? 1.55848 0.74201 0.71684 -0.29805 -0.26251 -0.12706 21  DG  A C8    
439 N  N7    . DG  A 21 ? 1.54881 0.72427 0.70870 -0.26638 -0.26632 -0.11991 21  DG  A N7    
440 C  C5    . DG  A 21 ? 1.54572 0.73611 0.73090 -0.26167 -0.27332 -0.10414 21  DG  A C5    
441 C  C6    . DG  A 21 ? 1.48726 0.67967 0.68799 -0.23540 -0.28092 -0.09517 21  DG  A C6    
442 O  O6    . DG  A 21 ? 1.43499 0.61918 0.63363 -0.21165 -0.28549 -0.09701 21  DG  A O6    
443 N  N1    . DG  A 21 ? 1.47273 0.67639 0.69227 -0.24079 -0.28360 -0.08577 21  DG  A N1    
444 C  C2    . DG  A 21 ? 1.52851 0.73840 0.75010 -0.26811 -0.27988 -0.08244 21  DG  A C2    
445 N  N2    . DG  A 21 ? 1.52916 0.75032 0.77183 -0.26501 -0.27707 -0.07204 21  DG  A N2    
446 N  N3    . DG  A 21 ? 1.51697 0.72947 0.72907 -0.29515 -0.27542 -0.08836 21  DG  A N3    
447 C  C4    . DG  A 21 ? 1.52179 0.72512 0.71645 -0.29000 -0.27229 -0.10043 21  DG  A C4    
448 P  P     . DG  A 22 ? 1.77687 0.90833 0.96103 -0.45208 -0.23211 -0.13285 22  DG  A P     
449 O  OP1   . DG  A 22 ? 1.75477 0.92347 0.96946 -0.50214 -0.23618 -0.13621 22  DG  A OP1   
450 O  OP2   . DG  A 22 ? 1.84425 0.91054 0.99325 -0.43292 -0.21564 -0.14975 22  DG  A OP2   
451 O  "O5'" . DG  A 22 ? 1.67069 0.76463 0.84594 -0.42921 -0.22495 -0.10948 22  DG  A "O5'" 
452 C  "C5'" . DG  A 22 ? 1.64282 0.78124 0.84567 -0.43927 -0.23604 -0.09229 22  DG  A "C5'" 
453 C  "C4'" . DG  A 22 ? 1.71959 0.83009 0.91211 -0.39950 -0.22396 -0.07423 22  DG  A "C4'" 
454 O  "O4'" . DG  A 22 ? 1.69279 0.80536 0.87200 -0.36300 -0.23685 -0.07894 22  DG  A "O4'" 
455 C  "C3'" . DG  A 22 ? 1.79497 0.81881 0.94557 -0.39174 -0.20107 -0.07044 22  DG  A "C3'" 
456 O  "O3'" . DG  A 22 ? 1.91505 0.94525 1.07454 -0.37793 -0.18509 -0.04769 22  DG  A "O3'" 
457 C  "C2'" . DG  A 22 ? 1.77597 0.75447 0.88514 -0.35443 -0.20713 -0.07901 22  DG  A "C2'" 
458 C  "C1'" . DG  A 22 ? 1.71204 0.75807 0.84990 -0.33350 -0.22716 -0.07760 22  DG  A "C1'" 
459 N  N9    . DG  A 22 ? 1.60293 0.64943 0.73211 -0.30494 -0.23642 -0.08624 22  DG  A N9    
460 C  C8    . DG  A 22 ? 1.61508 0.65926 0.74050 -0.30668 -0.23387 -0.09898 22  DG  A C8    
461 N  N7    . DG  A 22 ? 1.57984 0.62593 0.70102 -0.27643 -0.24020 -0.10142 22  DG  A N7    
462 C  C5    . DG  A 22 ? 1.58969 0.64577 0.71737 -0.25461 -0.24965 -0.09056 22  DG  A C5    
463 C  C6    . DG  A 22 ? 1.57309 0.63921 0.70615 -0.22271 -0.26120 -0.08912 22  DG  A C6    
464 O  O6    . DG  A 22 ? 1.52333 0.58774 0.65444 -0.20616 -0.26495 -0.09462 22  DG  A O6    
465 N  N1    . DG  A 22 ? 1.59159 0.66865 0.73188 -0.21224 -0.26841 -0.08273 22  DG  A N1    
466 C  C2    . DG  A 22 ? 1.64778 0.72217 0.78531 -0.22720 -0.26166 -0.07719 22  DG  A C2    
467 N  N2    . DG  A 22 ? 1.68997 0.78052 0.83628 -0.21042 -0.26456 -0.07374 22  DG  A N2    
468 N  N3    . DG  A 22 ? 1.62121 0.68629 0.75587 -0.25567 -0.24918 -0.07436 22  DG  A N3    
469 C  C4    . DG  A 22 ? 1.55936 0.61382 0.68839 -0.27067 -0.24656 -0.08289 22  DG  A C4    
470 C  C1    . MMP B .  ? 1.74035 0.76010 0.83673 -0.10730 -0.29556 -0.07739 101 MMP A C1    
471 N  N1    . MMP B .  ? 1.70823 0.72513 0.79298 -0.07521 -0.30649 -0.06654 101 MMP A N1    
472 C  C11   . MMP B .  ? 1.75327 0.78075 0.82382 -0.06885 -0.31728 -0.06239 101 MMP A C11   
473 C  C12   . MMP B .  ? 1.88759 0.92029 0.94811 -0.03650 -0.33067 -0.05046 101 MMP A C12   
474 C  C13   . MMP B .  ? 1.90605 0.93108 0.98330 -0.02129 -0.32490 -0.04581 101 MMP A C13   
475 C  C14   . MMP B .  ? 1.70889 0.72055 0.79667 -0.04509 -0.30886 -0.05788 101 MMP A C14   
476 C  C15   . MMP B .  ? 1.67962 0.67596 0.77700 -0.03837 -0.29465 -0.06113 101 MMP A C15   
477 C  C16   . MMP B .  ? 1.92066 0.97116 0.95509 -0.02021 -0.34883 -0.04419 101 MMP A C16   
478 C  C17   . MMP B .  ? 1.91573 0.95159 0.99936 0.01730  -0.33445 -0.02851 101 MMP A C17   
479 N  N2    . MMP B .  ? 1.68693 0.58311 0.71403 -0.08564 -0.25908 -0.06892 101 MMP A N2    
480 C  C21   . MMP B .  ? 1.70877 0.63902 0.76557 -0.05966 -0.26848 -0.06864 101 MMP A C21   
481 C  C22   . MMP B .  ? 1.76153 0.65035 0.80310 -0.06174 -0.24675 -0.07992 101 MMP A C22   
482 C  C23   . MMP B .  ? 1.78098 0.61335 0.78833 -0.08869 -0.22753 -0.09160 101 MMP A C23   
483 C  C24   . MMP B .  ? 1.77593 0.59822 0.77142 -0.11109 -0.22835 -0.08678 101 MMP A C24   
484 C  C25   . MMP B .  ? 1.90613 0.67541 0.87520 -0.14756 -0.20924 -0.09522 101 MMP A C25   
485 C  C26   . MMP B .  ? 1.83057 0.73936 0.89481 -0.03569 -0.24392 -0.08019 101 MMP A C26   
486 C  C27   . MMP B .  ? 1.78527 0.56706 0.76828 -0.09625 -0.20413 -0.11166 101 MMP A C27   
487 N  N3    . MMP B .  ? 1.85524 0.69495 0.84646 -0.16136 -0.22983 -0.07420 101 MMP A N3    
488 C  C31   . MMP B .  ? 1.93738 0.73510 0.91608 -0.17300 -0.21577 -0.08830 101 MMP A C31   
489 C  C32   . MMP B .  ? 1.98648 0.78211 0.97180 -0.21242 -0.20223 -0.09496 101 MMP A C32   
490 C  C33   . MMP B .  ? 1.96929 0.78825 0.96195 -0.22467 -0.20900 -0.08465 101 MMP A C33   
491 C  C34   . MMP B .  ? 1.88042 0.72895 0.87664 -0.19237 -0.22361 -0.07251 101 MMP A C34   
492 C  C35   . MMP B .  ? 1.80933 0.69452 0.81507 -0.19260 -0.22841 -0.06120 101 MMP A C35   
493 C  C36   . MMP B .  ? 1.96125 0.74160 0.95128 -0.23692 -0.18206 -0.11218 101 MMP A C36   
494 C  C37   . MMP B .  ? 1.95953 0.79280 0.97000 -0.26445 -0.19793 -0.08378 101 MMP A C37   
495 N  N4    . MMP B .  ? 1.69067 0.62958 0.71434 -0.13608 -0.26463 -0.06287 101 MMP A N4    
496 C  C41   . MMP B .  ? 1.77131 0.69800 0.78689 -0.16316 -0.24890 -0.05939 101 MMP A C41   
497 C  C42   . MMP B .  ? 1.82590 0.78838 0.84742 -0.15731 -0.25611 -0.05678 101 MMP A C42   
498 C  C43   . MMP B .  ? 1.81233 0.80704 0.84372 -0.13473 -0.27667 -0.06213 101 MMP A C43   
499 C  C44   . MMP B .  ? 1.71508 0.71262 0.75675 -0.11745 -0.28889 -0.06442 101 MMP A C44   
500 C  C45   . MMP B .  ? 1.75332 0.78422 0.81690 -0.09299 -0.31121 -0.06794 101 MMP A C45   
501 C  C46   . MMP B .  ? 1.77938 0.80459 0.81254 -0.12990 -0.28389 -0.06778 101 MMP A C46   
502 C  C47   . MMP B .  ? 1.87086 0.83337 0.88975 -0.17768 -0.23833 -0.04997 101 MMP A C47   
503 BA BA    . BA  C .  ? 1.45964 0.60002 0.65301 -0.16668 -0.29671 -0.09255 102 BA  A BA    
504 BA BA    . BA  D .  ? 1.32063 0.72350 0.71093 -0.18569 -0.29821 -0.03812 103 BA  A BA    
505 O  O     . HOH E .  ? 1.17792 0.60513 0.88415 -0.14024 -0.29117 -0.04689 201 HOH A O     
506 O  O     . HOH E .  ? 1.53766 0.99011 1.09991 -0.23914 -0.14389 0.04805  202 HOH A O     
507 O  O     . HOH E .  ? 1.83900 0.69637 0.84621 -0.25819 -0.17851 -0.17752 203 HOH A O     
508 O  O     . HOH E .  ? 1.56896 0.94259 1.07909 -0.05964 -0.33609 -0.05871 204 HOH A O     
509 O  O     . HOH E .  ? 1.71223 0.90462 0.87449 -0.06757 -0.39554 -0.11169 205 HOH A O     
510 O  O     . HOH E .  ? 1.50214 0.74021 0.81252 -0.12835 -0.35278 -0.13757 206 HOH A O     
511 O  O     . HOH E .  ? 1.45859 1.07691 0.62856 -0.32315 -0.34603 -0.07472 207 HOH A O     
512 O  O     . HOH E .  ? 1.47923 0.74469 0.85296 -0.13913 -0.35627 -0.17654 208 HOH A O     
513 O  O     . HOH E .  ? 1.60707 1.15426 0.84833 -0.51617 -0.34040 -0.15810 209 HOH A O     
514 O  O     . HOH E .  ? 1.77367 1.38279 1.56776 0.22642  -0.33577 0.09710  210 HOH A O     
515 O  O     . HOH E .  ? 1.77429 1.14911 1.15068 -0.10088 -0.48389 -0.20110 211 HOH A O     
516 O  O     . HOH E .  ? 1.52144 0.85806 0.76877 -0.04195 -0.48857 -0.13983 212 HOH A O     
517 O  O     . HOH E .  ? 1.78463 0.87727 0.85397 -0.15973 -0.11117 -0.07060 213 HOH A O     
518 O  O     . HOH E .  ? 1.66522 1.02437 1.09133 -0.35516 -0.13919 0.04539  214 HOH A O     
519 O  O     . HOH E .  ? 1.74604 0.86321 0.88691 -0.14871 -0.10380 -0.10855 215 HOH A O     
520 O  O     . HOH E .  ? 2.17559 0.85176 0.97213 0.02922  0.00090  -0.26828 216 HOH A O     
521 O  O     . HOH E .  ? 1.94115 0.91016 1.08512 0.07904  -0.24593 -0.03223 217 HOH A O     
522 O  O     . HOH E .  ? 1.31231 0.80029 1.30356 -0.18970 -0.37712 -0.17251 218 HOH A O     
523 O  O     . HOH E .  ? 2.35120 0.92500 1.01132 -0.01970 0.03555  -0.35578 219 HOH A O     
524 O  O     . HOH E .  ? 1.61646 0.94536 0.79727 0.05824  -0.49543 -0.04508 220 HOH A O     
525 O  O     . HOH E .  ? 1.78716 0.78701 1.04129 0.22832  -0.16010 0.01534  221 HOH A O     
# 
loop_
_pdbx_poly_seq_scheme.asym_id 
_pdbx_poly_seq_scheme.entity_id 
_pdbx_poly_seq_scheme.seq_id 
_pdbx_poly_seq_scheme.mon_id 
_pdbx_poly_seq_scheme.ndb_seq_num 
_pdbx_poly_seq_scheme.pdb_seq_num 
_pdbx_poly_seq_scheme.auth_seq_num 
_pdbx_poly_seq_scheme.pdb_mon_id 
_pdbx_poly_seq_scheme.auth_mon_id 
_pdbx_poly_seq_scheme.pdb_strand_id 
_pdbx_poly_seq_scheme.pdb_ins_code 
_pdbx_poly_seq_scheme.hetero 
A 1 1  DG 1  1  1  DG DG A . n 
A 1 2  DG 2  2  2  DG DG A . n 
A 1 3  DG 3  3  3  DG DG A . n 
A 1 4  DG 4  4  4  DG DG A . n 
A 1 5  DT 5  5  5  DT DT A . n 
A 1 6  DT 6  6  6  DT DT A . n 
A 1 7  DG 7  7  7  DG DG A . n 
A 1 8  DG 8  8  8  DG DG A . n 
A 1 9  DG 9  9  9  DG DG A . n 
A 1 10 DG 10 10 10 DG DG A . n 
A 1 11 DT 11 11 11 DT DT A . n 
A 1 12 DT 12 12 12 DT DT A . n 
A 1 13 DG 13 13 13 DG DG A . n 
A 1 14 DG 14 14 14 DG DG A . n 
A 1 15 DG 15 15 15 DG DG A . n 
A 1 16 DG 16 16 16 DG DG A . n 
A 1 17 DT 17 17 17 DT DT A . n 
A 1 18 DT 18 18 18 DT DT A . n 
A 1 19 DG 19 19 19 DG DG A . n 
A 1 20 DG 20 20 20 DG DG A . n 
A 1 21 DG 21 21 21 DG DG A . n 
A 1 22 DG 22 22 22 DG DG A . n 
# 
_pdbx_contact_author.id                 3 
_pdbx_contact_author.email              lyatsun1@swarthmore.edu 
_pdbx_contact_author.name_first         Liliya 
_pdbx_contact_author.name_last          Yatsunyk 
_pdbx_contact_author.name_mi            A 
_pdbx_contact_author.role               'principal investigator/group leader' 
_pdbx_contact_author.identifier_ORCID   0000-0003-3946-0939 
# 
loop_
_pdbx_nonpoly_scheme.asym_id 
_pdbx_nonpoly_scheme.entity_id 
_pdbx_nonpoly_scheme.mon_id 
_pdbx_nonpoly_scheme.ndb_seq_num 
_pdbx_nonpoly_scheme.pdb_seq_num 
_pdbx_nonpoly_scheme.auth_seq_num 
_pdbx_nonpoly_scheme.pdb_mon_id 
_pdbx_nonpoly_scheme.auth_mon_id 
_pdbx_nonpoly_scheme.pdb_strand_id 
_pdbx_nonpoly_scheme.pdb_ins_code 
B 2 MMP 1  101 101 MMP MMP A . 
C 3 BA  1  102 1   BA  BA  A . 
D 3 BA  1  103 2   BA  BA  A . 
E 4 HOH 1  201 2   HOH HOH A . 
E 4 HOH 2  202 4   HOH HOH A . 
E 4 HOH 3  203 23  HOH HOH A . 
E 4 HOH 4  204 22  HOH HOH A . 
E 4 HOH 5  205 16  HOH HOH A . 
E 4 HOH 6  206 15  HOH HOH A . 
E 4 HOH 7  207 26  HOH HOH A . 
E 4 HOH 8  208 21  HOH HOH A . 
E 4 HOH 9  209 11  HOH HOH A . 
E 4 HOH 10 210 18  HOH HOH A . 
E 4 HOH 11 211 6   HOH HOH A . 
E 4 HOH 12 212 7   HOH HOH A . 
E 4 HOH 13 213 13  HOH HOH A . 
E 4 HOH 14 214 25  HOH HOH A . 
E 4 HOH 15 215 14  HOH HOH A . 
E 4 HOH 16 216 20  HOH HOH A . 
E 4 HOH 17 217 19  HOH HOH A . 
E 4 HOH 18 218 5   HOH HOH A . 
E 4 HOH 19 219 24  HOH HOH A . 
E 4 HOH 20 220 8   HOH HOH A . 
E 4 HOH 21 221 10  HOH HOH A . 
# 
_pdbx_struct_assembly.id                   1 
_pdbx_struct_assembly.details              author_defined_assembly 
_pdbx_struct_assembly.method_details       ? 
_pdbx_struct_assembly.oligomeric_details   monomeric 
_pdbx_struct_assembly.oligomeric_count     1 
# 
_pdbx_struct_assembly_gen.assembly_id       1 
_pdbx_struct_assembly_gen.oper_expression   1 
_pdbx_struct_assembly_gen.asym_id_list      A,B,C,D,E 
# 
_pdbx_struct_oper_list.id                   1 
_pdbx_struct_oper_list.type                 'identity operation' 
_pdbx_struct_oper_list.name                 1_555 
_pdbx_struct_oper_list.symmetry_operation   x,y,z 
_pdbx_struct_oper_list.matrix[1][1]         1.0000000000 
_pdbx_struct_oper_list.matrix[1][2]         0.0000000000 
_pdbx_struct_oper_list.matrix[1][3]         0.0000000000 
_pdbx_struct_oper_list.vector[1]            0.0000000000 
_pdbx_struct_oper_list.matrix[2][1]         0.0000000000 
_pdbx_struct_oper_list.matrix[2][2]         1.0000000000 
_pdbx_struct_oper_list.matrix[2][3]         0.0000000000 
_pdbx_struct_oper_list.vector[2]            0.0000000000 
_pdbx_struct_oper_list.matrix[3][1]         0.0000000000 
_pdbx_struct_oper_list.matrix[3][2]         0.0000000000 
_pdbx_struct_oper_list.matrix[3][3]         1.0000000000 
_pdbx_struct_oper_list.vector[3]            0.0000000000 
# 
_pdbx_struct_special_symmetry.id              1 
_pdbx_struct_special_symmetry.PDB_model_num   1 
_pdbx_struct_special_symmetry.auth_asym_id    A 
_pdbx_struct_special_symmetry.auth_comp_id    HOH 
_pdbx_struct_special_symmetry.auth_seq_id     207 
_pdbx_struct_special_symmetry.PDB_ins_code    ? 
_pdbx_struct_special_symmetry.label_asym_id   E 
_pdbx_struct_special_symmetry.label_comp_id   HOH 
_pdbx_struct_special_symmetry.label_seq_id    . 
# 
loop_
_pdbx_struct_conn_angle.id 
_pdbx_struct_conn_angle.ptnr1_label_atom_id 
_pdbx_struct_conn_angle.ptnr1_label_alt_id 
_pdbx_struct_conn_angle.ptnr1_label_asym_id 
_pdbx_struct_conn_angle.ptnr1_label_comp_id 
_pdbx_struct_conn_angle.ptnr1_label_seq_id 
_pdbx_struct_conn_angle.ptnr1_auth_atom_id 
_pdbx_struct_conn_angle.ptnr1_auth_asym_id 
_pdbx_struct_conn_angle.ptnr1_auth_comp_id 
_pdbx_struct_conn_angle.ptnr1_auth_seq_id 
_pdbx_struct_conn_angle.ptnr1_PDB_ins_code 
_pdbx_struct_conn_angle.ptnr1_symmetry 
_pdbx_struct_conn_angle.ptnr2_label_atom_id 
_pdbx_struct_conn_angle.ptnr2_label_alt_id 
_pdbx_struct_conn_angle.ptnr2_label_asym_id 
_pdbx_struct_conn_angle.ptnr2_label_comp_id 
_pdbx_struct_conn_angle.ptnr2_label_seq_id 
_pdbx_struct_conn_angle.ptnr2_auth_atom_id 
_pdbx_struct_conn_angle.ptnr2_auth_asym_id 
_pdbx_struct_conn_angle.ptnr2_auth_comp_id 
_pdbx_struct_conn_angle.ptnr2_auth_seq_id 
_pdbx_struct_conn_angle.ptnr2_PDB_ins_code 
_pdbx_struct_conn_angle.ptnr2_symmetry 
_pdbx_struct_conn_angle.ptnr3_label_atom_id 
_pdbx_struct_conn_angle.ptnr3_label_alt_id 
_pdbx_struct_conn_angle.ptnr3_label_asym_id 
_pdbx_struct_conn_angle.ptnr3_label_comp_id 
_pdbx_struct_conn_angle.ptnr3_label_seq_id 
_pdbx_struct_conn_angle.ptnr3_auth_atom_id 
_pdbx_struct_conn_angle.ptnr3_auth_asym_id 
_pdbx_struct_conn_angle.ptnr3_auth_comp_id 
_pdbx_struct_conn_angle.ptnr3_auth_seq_id 
_pdbx_struct_conn_angle.ptnr3_PDB_ins_code 
_pdbx_struct_conn_angle.ptnr3_symmetry 
_pdbx_struct_conn_angle.value 
_pdbx_struct_conn_angle.value_esd 
1  O6 ? A DG 1  ? A DG 1  ? 1_555 BA ? D BA . ? A BA 103 ? 1_555 O6 ? A DG 2  ? A DG 2  ? 1_555 65.7  ? 
2  O6 ? A DG 1  ? A DG 1  ? 1_555 BA ? D BA . ? A BA 103 ? 1_555 O6 ? A DG 7  ? A DG 7  ? 1_555 76.6  ? 
3  O6 ? A DG 2  ? A DG 2  ? 1_555 BA ? D BA . ? A BA 103 ? 1_555 O6 ? A DG 7  ? A DG 7  ? 1_555 73.3  ? 
4  O6 ? A DG 1  ? A DG 1  ? 1_555 BA ? D BA . ? A BA 103 ? 1_555 O6 ? A DG 8  ? A DG 8  ? 1_555 128.3 ? 
5  O6 ? A DG 2  ? A DG 2  ? 1_555 BA ? D BA . ? A BA 103 ? 1_555 O6 ? A DG 8  ? A DG 8  ? 1_555 67.9  ? 
6  O6 ? A DG 7  ? A DG 7  ? 1_555 BA ? D BA . ? A BA 103 ? 1_555 O6 ? A DG 8  ? A DG 8  ? 1_555 69.5  ? 
7  O6 ? A DG 1  ? A DG 1  ? 1_555 BA ? D BA . ? A BA 103 ? 1_555 O6 ? A DG 13 ? A DG 13 ? 1_555 122.4 ? 
8  O6 ? A DG 2  ? A DG 2  ? 1_555 BA ? D BA . ? A BA 103 ? 1_555 O6 ? A DG 13 ? A DG 13 ? 1_555 132.8 ? 
9  O6 ? A DG 7  ? A DG 7  ? 1_555 BA ? D BA . ? A BA 103 ? 1_555 O6 ? A DG 13 ? A DG 13 ? 1_555 65.5  ? 
10 O6 ? A DG 8  ? A DG 8  ? 1_555 BA ? D BA . ? A BA 103 ? 1_555 O6 ? A DG 13 ? A DG 13 ? 1_555 76.6  ? 
11 O6 ? A DG 1  ? A DG 1  ? 1_555 BA ? D BA . ? A BA 103 ? 1_555 O6 ? A DG 14 ? A DG 14 ? 1_555 156.5 ? 
12 O6 ? A DG 2  ? A DG 2  ? 1_555 BA ? D BA . ? A BA 103 ? 1_555 O6 ? A DG 14 ? A DG 14 ? 1_555 116.9 ? 
13 O6 ? A DG 7  ? A DG 7  ? 1_555 BA ? D BA . ? A BA 103 ? 1_555 O6 ? A DG 14 ? A DG 14 ? 1_555 126.9 ? 
14 O6 ? A DG 8  ? A DG 8  ? 1_555 BA ? D BA . ? A BA 103 ? 1_555 O6 ? A DG 14 ? A DG 14 ? 1_555 68.4  ? 
15 O6 ? A DG 13 ? A DG 13 ? 1_555 BA ? D BA . ? A BA 103 ? 1_555 O6 ? A DG 14 ? A DG 14 ? 1_555 74.5  ? 
16 O6 ? A DG 1  ? A DG 1  ? 1_555 BA ? D BA . ? A BA 103 ? 1_555 O6 ? A DG 19 ? A DG 19 ? 1_555 75.3  ? 
17 O6 ? A DG 2  ? A DG 2  ? 1_555 BA ? D BA . ? A BA 103 ? 1_555 O6 ? A DG 19 ? A DG 19 ? 1_555 134.2 ? 
18 O6 ? A DG 7  ? A DG 7  ? 1_555 BA ? D BA . ? A BA 103 ? 1_555 O6 ? A DG 19 ? A DG 19 ? 1_555 120.5 ? 
19 O6 ? A DG 8  ? A DG 8  ? 1_555 BA ? D BA . ? A BA 103 ? 1_555 O6 ? A DG 19 ? A DG 19 ? 1_555 156.2 ? 
20 O6 ? A DG 13 ? A DG 13 ? 1_555 BA ? D BA . ? A BA 103 ? 1_555 O6 ? A DG 19 ? A DG 19 ? 1_555 88.0  ? 
21 O6 ? A DG 14 ? A DG 14 ? 1_555 BA ? D BA . ? A BA 103 ? 1_555 O6 ? A DG 19 ? A DG 19 ? 1_555 90.2  ? 
22 O6 ? A DG 1  ? A DG 1  ? 1_555 BA ? D BA . ? A BA 103 ? 1_555 O6 ? A DG 20 ? A DG 20 ? 1_555 82.0  ? 
23 O6 ? A DG 2  ? A DG 2  ? 1_555 BA ? D BA . ? A BA 103 ? 1_555 O6 ? A DG 20 ? A DG 20 ? 1_555 71.1  ? 
24 O6 ? A DG 7  ? A DG 7  ? 1_555 BA ? D BA . ? A BA 103 ? 1_555 O6 ? A DG 20 ? A DG 20 ? 1_555 143.5 ? 
25 O6 ? A DG 8  ? A DG 8  ? 1_555 BA ? D BA . ? A BA 103 ? 1_555 O6 ? A DG 20 ? A DG 20 ? 1_555 103.3 ? 
26 O6 ? A DG 13 ? A DG 13 ? 1_555 BA ? D BA . ? A BA 103 ? 1_555 O6 ? A DG 20 ? A DG 20 ? 1_555 149.8 ? 
27 O6 ? A DG 14 ? A DG 14 ? 1_555 BA ? D BA . ? A BA 103 ? 1_555 O6 ? A DG 20 ? A DG 20 ? 1_555 77.5  ? 
28 O6 ? A DG 19 ? A DG 19 ? 1_555 BA ? D BA . ? A BA 103 ? 1_555 O6 ? A DG 20 ? A DG 20 ? 1_555 80.9  ? 
29 O6 ? A DG 3  ? A DG 3  ? 1_555 BA ? C BA . ? A BA 102 ? 1_555 O6 ? A DG 4  ? A DG 4  ? 1_555 70.8  ? 
30 O6 ? A DG 3  ? A DG 3  ? 1_555 BA ? C BA . ? A BA 102 ? 1_555 O6 ? A DG 9  ? A DG 9  ? 1_555 72.4  ? 
31 O6 ? A DG 4  ? A DG 4  ? 1_555 BA ? C BA . ? A BA 102 ? 1_555 O6 ? A DG 9  ? A DG 9  ? 1_555 86.6  ? 
32 O6 ? A DG 3  ? A DG 3  ? 1_555 BA ? C BA . ? A BA 102 ? 1_555 O6 ? A DG 10 ? A DG 10 ? 1_555 138.0 ? 
33 O6 ? A DG 4  ? A DG 4  ? 1_555 BA ? C BA . ? A BA 102 ? 1_555 O6 ? A DG 10 ? A DG 10 ? 1_555 83.4  ? 
34 O6 ? A DG 9  ? A DG 9  ? 1_555 BA ? C BA . ? A BA 102 ? 1_555 O6 ? A DG 10 ? A DG 10 ? 1_555 73.5  ? 
35 O6 ? A DG 3  ? A DG 3  ? 1_555 BA ? C BA . ? A BA 102 ? 1_555 O6 ? A DG 15 ? A DG 15 ? 1_555 109.2 ? 
36 O6 ? A DG 4  ? A DG 4  ? 1_555 BA ? C BA . ? A BA 102 ? 1_555 O6 ? A DG 15 ? A DG 15 ? 1_555 157.7 ? 
37 O6 ? A DG 9  ? A DG 9  ? 1_555 BA ? C BA . ? A BA 102 ? 1_555 O6 ? A DG 15 ? A DG 15 ? 1_555 72.7  ? 
38 O6 ? A DG 10 ? A DG 10 ? 1_555 BA ? C BA . ? A BA 102 ? 1_555 O6 ? A DG 15 ? A DG 15 ? 1_555 82.9  ? 
39 O6 ? A DG 3  ? A DG 3  ? 1_555 BA ? C BA . ? A BA 102 ? 1_555 O6 ? A DG 16 ? A DG 16 ? 1_555 150.3 ? 
40 O6 ? A DG 4  ? A DG 4  ? 1_555 BA ? C BA . ? A BA 102 ? 1_555 O6 ? A DG 16 ? A DG 16 ? 1_555 118.6 ? 
41 O6 ? A DG 9  ? A DG 9  ? 1_555 BA ? C BA . ? A BA 102 ? 1_555 O6 ? A DG 16 ? A DG 16 ? 1_555 133.1 ? 
42 O6 ? A DG 10 ? A DG 10 ? 1_555 BA ? C BA . ? A BA 102 ? 1_555 O6 ? A DG 16 ? A DG 16 ? 1_555 71.4  ? 
43 O6 ? A DG 15 ? A DG 15 ? 1_555 BA ? C BA . ? A BA 102 ? 1_555 O6 ? A DG 16 ? A DG 16 ? 1_555 73.0  ? 
44 O6 ? A DG 3  ? A DG 3  ? 1_555 BA ? C BA . ? A BA 102 ? 1_555 O6 ? A DG 21 ? A DG 21 ? 1_555 72.6  ? 
45 O6 ? A DG 4  ? A DG 4  ? 1_555 BA ? C BA . ? A BA 102 ? 1_555 O6 ? A DG 21 ? A DG 21 ? 1_555 130.5 ? 
46 O6 ? A DG 9  ? A DG 9  ? 1_555 BA ? C BA . ? A BA 102 ? 1_555 O6 ? A DG 21 ? A DG 21 ? 1_555 112.6 ? 
47 O6 ? A DG 10 ? A DG 10 ? 1_555 BA ? C BA . ? A BA 102 ? 1_555 O6 ? A DG 21 ? A DG 21 ? 1_555 144.8 ? 
48 O6 ? A DG 15 ? A DG 15 ? 1_555 BA ? C BA . ? A BA 102 ? 1_555 O6 ? A DG 21 ? A DG 21 ? 1_555 67.4  ? 
49 O6 ? A DG 16 ? A DG 16 ? 1_555 BA ? C BA . ? A BA 102 ? 1_555 O6 ? A DG 21 ? A DG 21 ? 1_555 81.8  ? 
50 O6 ? A DG 3  ? A DG 3  ? 1_555 BA ? C BA . ? A BA 102 ? 1_555 O6 ? A DG 22 ? A DG 22 ? 1_555 88.0  ? 
51 O6 ? A DG 4  ? A DG 4  ? 1_555 BA ? C BA . ? A BA 102 ? 1_555 O6 ? A DG 22 ? A DG 22 ? 1_555 79.2  ? 
52 O6 ? A DG 9  ? A DG 9  ? 1_555 BA ? C BA . ? A BA 102 ? 1_555 O6 ? A DG 22 ? A DG 22 ? 1_555 158.8 ? 
53 O6 ? A DG 10 ? A DG 10 ? 1_555 BA ? C BA . ? A BA 102 ? 1_555 O6 ? A DG 22 ? A DG 22 ? 1_555 119.7 ? 
54 O6 ? A DG 15 ? A DG 15 ? 1_555 BA ? C BA . ? A BA 102 ? 1_555 O6 ? A DG 22 ? A DG 22 ? 1_555 123.0 ? 
55 O6 ? A DG 16 ? A DG 16 ? 1_555 BA ? C BA . ? A BA 102 ? 1_555 O6 ? A DG 22 ? A DG 22 ? 1_555 68.0  ? 
56 O6 ? A DG 21 ? A DG 21 ? 1_555 BA ? C BA . ? A BA 102 ? 1_555 O6 ? A DG 22 ? A DG 22 ? 1_555 67.3  ? 
# 
loop_
_pdbx_audit_revision_history.ordinal 
_pdbx_audit_revision_history.data_content_type 
_pdbx_audit_revision_history.major_revision 
_pdbx_audit_revision_history.minor_revision 
_pdbx_audit_revision_history.revision_date 
1 'Structure model' 1 0 2023-07-05 
2 'Structure model' 1 1 2023-10-25 
# 
_pdbx_audit_revision_details.ordinal             1 
_pdbx_audit_revision_details.revision_ordinal    1 
_pdbx_audit_revision_details.data_content_type   'Structure model' 
_pdbx_audit_revision_details.provider            repository 
_pdbx_audit_revision_details.type                'Initial release' 
_pdbx_audit_revision_details.description         ? 
_pdbx_audit_revision_details.details             ? 
# 
loop_
_pdbx_audit_revision_group.ordinal 
_pdbx_audit_revision_group.revision_ordinal 
_pdbx_audit_revision_group.data_content_type 
_pdbx_audit_revision_group.group 
1 2 'Structure model' 'Data collection'        
2 2 'Structure model' 'Refinement description' 
# 
loop_
_pdbx_audit_revision_category.ordinal 
_pdbx_audit_revision_category.revision_ordinal 
_pdbx_audit_revision_category.data_content_type 
_pdbx_audit_revision_category.category 
1 2 'Structure model' chem_comp_atom                
2 2 'Structure model' chem_comp_bond                
3 2 'Structure model' pdbx_initial_refinement_model 
# 
loop_
_space_group_symop.id 
_space_group_symop.operation_xyz 
1 x,y,z         
2 -y,x-y,z+2/3  
3 -x+y,-x,z+1/3 
4 -y,-x,-z+1/3  
5 -x+y,y,-z+2/3 
6 x,x-y,-z      
# 
_pdbx_refine_tls.id               1 
_pdbx_refine_tls.pdbx_refine_id   'X-RAY DIFFRACTION' 
_pdbx_refine_tls.details          ? 
_pdbx_refine_tls.method           refined 
_pdbx_refine_tls.origin_x         0.00342605726 
_pdbx_refine_tls.origin_y         -0.07424494090 
_pdbx_refine_tls.origin_z         0.0475896990 
_pdbx_refine_tls.T[1][1]          1.348857156652 
_pdbx_refine_tls.T[1][1]_esd      ? 
_pdbx_refine_tls.T[1][2]          -0.154068977891 
_pdbx_refine_tls.T[1][2]_esd      ? 
_pdbx_refine_tls.T[1][3]          -0.305556308762 
_pdbx_refine_tls.T[1][3]_esd      ? 
_pdbx_refine_tls.T[2][2]          0.56047452103 
_pdbx_refine_tls.T[2][2]_esd      ? 
_pdbx_refine_tls.T[2][3]          -0.086275106652 
_pdbx_refine_tls.T[2][3]_esd      ? 
_pdbx_refine_tls.T[3][3]          0.607974007470 
_pdbx_refine_tls.T[3][3]_esd      ? 
_pdbx_refine_tls.L[1][1]          6.86969246646 
_pdbx_refine_tls.L[1][1]_esd      ? 
_pdbx_refine_tls.L[1][2]          -0.67756062668 
_pdbx_refine_tls.L[1][2]_esd      ? 
_pdbx_refine_tls.L[1][3]          -2.66010257504 
_pdbx_refine_tls.L[1][3]_esd      ? 
_pdbx_refine_tls.L[2][2]          4.87794426309 
_pdbx_refine_tls.L[2][2]_esd      ? 
_pdbx_refine_tls.L[2][3]          -1.611183509695 
_pdbx_refine_tls.L[2][3]_esd      ? 
_pdbx_refine_tls.L[3][3]          4.83854235821 
_pdbx_refine_tls.L[3][3]_esd      ? 
_pdbx_refine_tls.S[1][1]          0.170866711097 
_pdbx_refine_tls.S[1][1]_esd      ? 
_pdbx_refine_tls.S[1][2]          -0.330526307086 
_pdbx_refine_tls.S[1][2]_esd      ? 
_pdbx_refine_tls.S[1][3]          -0.047333937371 
_pdbx_refine_tls.S[1][3]_esd      ? 
_pdbx_refine_tls.S[2][1]          -0.193306517793 
_pdbx_refine_tls.S[2][1]_esd      ? 
_pdbx_refine_tls.S[2][2]          -0.021429601235 
_pdbx_refine_tls.S[2][2]_esd      ? 
_pdbx_refine_tls.S[2][3]          0.14624400128 
_pdbx_refine_tls.S[2][3]_esd      ? 
_pdbx_refine_tls.S[3][1]          -1.020377384610 
_pdbx_refine_tls.S[3][1]_esd      ? 
_pdbx_refine_tls.S[3][2]          -0.026249358115 
_pdbx_refine_tls.S[3][2]_esd      ? 
_pdbx_refine_tls.S[3][3]          -0.035719003328 
_pdbx_refine_tls.S[3][3]_esd      ? 
# 
_pdbx_refine_tls_group.id                  1 
_pdbx_refine_tls_group.pdbx_refine_id      'X-RAY DIFFRACTION' 
_pdbx_refine_tls_group.refine_tls_id       1 
_pdbx_refine_tls_group.beg_label_asym_id   A 
_pdbx_refine_tls_group.beg_label_seq_id    ? 
_pdbx_refine_tls_group.beg_auth_asym_id    A 
_pdbx_refine_tls_group.beg_auth_seq_id     1 
_pdbx_refine_tls_group.beg_PDB_ins_code    ? 
_pdbx_refine_tls_group.end_label_asym_id   E 
_pdbx_refine_tls_group.end_label_seq_id    ? 
_pdbx_refine_tls_group.end_auth_asym_id    D 
_pdbx_refine_tls_group.end_auth_seq_id     2 
_pdbx_refine_tls_group.end_PDB_ins_code    ? 
_pdbx_refine_tls_group.selection           ? 
_pdbx_refine_tls_group.selection_details   all 
# 
loop_
_software.citation_id 
_software.classification 
_software.compiler_name 
_software.compiler_version 
_software.contact_author 
_software.contact_author_email 
_software.date 
_software.description 
_software.dependencies 
_software.hardware 
_software.language 
_software.location 
_software.mods 
_software.name 
_software.os 
_software.os_version 
_software.type 
_software.version 
_software.pdbx_ordinal 
? refinement       ? ? ? ? ? ? ? ? ? ? ? PHENIX ? ? ? 1.18_3845 1 
? 'model building' ? ? ? ? ? ? ? ? ? ? ? Coot   ? ? ? 0.8.9.2   2 
? 'data scaling'   ? ? ? ? ? ? ? ? ? ? ? XDS    ? ? ? .         3 
? phasing          ? ? ? ? ? ? ? ? ? ? ? PHENIX ? ? ? 1.18_3845 4 
? 'data reduction' ? ? ? ? ? ? ? ? ? ? ? XDS    ? ? ? .         5 
# 
_pdbx_entry_details.entry_id                 8D78 
_pdbx_entry_details.nonpolymer_details       ? 
_pdbx_entry_details.sequence_details         ? 
_pdbx_entry_details.compound_details         ? 
_pdbx_entry_details.source_details           ? 
_pdbx_entry_details.has_ligand_of_interest   N 
# 
loop_
_pdbx_unobs_or_zero_occ_atoms.id 
_pdbx_unobs_or_zero_occ_atoms.PDB_model_num 
_pdbx_unobs_or_zero_occ_atoms.polymer_flag 
_pdbx_unobs_or_zero_occ_atoms.occupancy_flag 
_pdbx_unobs_or_zero_occ_atoms.auth_asym_id 
_pdbx_unobs_or_zero_occ_atoms.auth_comp_id 
_pdbx_unobs_or_zero_occ_atoms.auth_seq_id 
_pdbx_unobs_or_zero_occ_atoms.PDB_ins_code 
_pdbx_unobs_or_zero_occ_atoms.auth_atom_id 
_pdbx_unobs_or_zero_occ_atoms.label_alt_id 
_pdbx_unobs_or_zero_occ_atoms.label_asym_id 
_pdbx_unobs_or_zero_occ_atoms.label_comp_id 
_pdbx_unobs_or_zero_occ_atoms.label_seq_id 
_pdbx_unobs_or_zero_occ_atoms.label_atom_id 
1  1 N 1 A MMP 101 ? C18 ? B MMP 1 C18 
2  1 N 1 A MMP 101 ? C28 ? B MMP 1 C28 
3  1 N 1 A MMP 101 ? C38 ? B MMP 1 C38 
4  1 N 1 A MMP 101 ? C39 ? B MMP 1 C39 
5  1 N 1 A MMP 101 ? O31 ? B MMP 1 O31 
6  1 N 1 A MMP 101 ? O32 ? B MMP 1 O32 
7  1 N 1 A MMP 101 ? C48 ? B MMP 1 C48 
8  1 N 1 A MMP 101 ? C49 ? B MMP 1 C49 
9  1 N 1 A MMP 101 ? O41 ? B MMP 1 O41 
10 1 N 1 A MMP 101 ? O42 ? B MMP 1 O42 
# 
loop_
_chem_comp_atom.comp_id 
_chem_comp_atom.atom_id 
_chem_comp_atom.type_symbol 
_chem_comp_atom.pdbx_aromatic_flag 
_chem_comp_atom.pdbx_stereo_config 
_chem_comp_atom.pdbx_ordinal 
BA  BA     BA N N 1   
DG  OP3    O  N N 2   
DG  P      P  N N 3   
DG  OP1    O  N N 4   
DG  OP2    O  N N 5   
DG  "O5'"  O  N N 6   
DG  "C5'"  C  N N 7   
DG  "C4'"  C  N R 8   
DG  "O4'"  O  N N 9   
DG  "C3'"  C  N S 10  
DG  "O3'"  O  N N 11  
DG  "C2'"  C  N N 12  
DG  "C1'"  C  N R 13  
DG  N9     N  Y N 14  
DG  C8     C  Y N 15  
DG  N7     N  Y N 16  
DG  C5     C  Y N 17  
DG  C6     C  N N 18  
DG  O6     O  N N 19  
DG  N1     N  N N 20  
DG  C2     C  N N 21  
DG  N2     N  N N 22  
DG  N3     N  N N 23  
DG  C4     C  Y N 24  
DG  HOP3   H  N N 25  
DG  HOP2   H  N N 26  
DG  "H5'"  H  N N 27  
DG  "H5''" H  N N 28  
DG  "H4'"  H  N N 29  
DG  "H3'"  H  N N 30  
DG  "HO3'" H  N N 31  
DG  "H2'"  H  N N 32  
DG  "H2''" H  N N 33  
DG  "H1'"  H  N N 34  
DG  H8     H  N N 35  
DG  H1     H  N N 36  
DG  H21    H  N N 37  
DG  H22    H  N N 38  
DT  OP3    O  N N 39  
DT  P      P  N N 40  
DT  OP1    O  N N 41  
DT  OP2    O  N N 42  
DT  "O5'"  O  N N 43  
DT  "C5'"  C  N N 44  
DT  "C4'"  C  N R 45  
DT  "O4'"  O  N N 46  
DT  "C3'"  C  N S 47  
DT  "O3'"  O  N N 48  
DT  "C2'"  C  N N 49  
DT  "C1'"  C  N R 50  
DT  N1     N  N N 51  
DT  C2     C  N N 52  
DT  O2     O  N N 53  
DT  N3     N  N N 54  
DT  C4     C  N N 55  
DT  O4     O  N N 56  
DT  C5     C  N N 57  
DT  C7     C  N N 58  
DT  C6     C  N N 59  
DT  HOP3   H  N N 60  
DT  HOP2   H  N N 61  
DT  "H5'"  H  N N 62  
DT  "H5''" H  N N 63  
DT  "H4'"  H  N N 64  
DT  "H3'"  H  N N 65  
DT  "HO3'" H  N N 66  
DT  "H2'"  H  N N 67  
DT  "H2''" H  N N 68  
DT  "H1'"  H  N N 69  
DT  H3     H  N N 70  
DT  H71    H  N N 71  
DT  H72    H  N N 72  
DT  H73    H  N N 73  
DT  H6     H  N N 74  
HOH O      O  N N 75  
HOH H1     H  N N 76  
HOH H2     H  N N 77  
MMP C1     C  N N 78  
MMP N1     N  Y N 79  
MMP C11    C  Y N 80  
MMP C12    C  Y N 81  
MMP C13    C  Y N 82  
MMP C14    C  Y N 83  
MMP C15    C  Y N 84  
MMP C16    C  N N 85  
MMP C17    C  N N 86  
MMP C18    C  N N 87  
MMP N2     N  Y N 88  
MMP C21    C  Y N 89  
MMP C22    C  N N 90  
MMP C23    C  N N 91  
MMP C24    C  Y N 92  
MMP C25    C  Y N 93  
MMP C26    C  N N 94  
MMP C27    C  N N 95  
MMP C28    C  N N 96  
MMP N3     N  Y N 97  
MMP C31    C  Y N 98  
MMP C32    C  Y N 99  
MMP C33    C  Y N 100 
MMP C34    C  Y N 101 
MMP C35    C  Y N 102 
MMP C36    C  N N 103 
MMP C37    C  N N 104 
MMP C38    C  N N 105 
MMP C39    C  N N 106 
MMP O31    O  N N 107 
MMP O32    O  N N 108 
MMP N4     N  Y N 109 
MMP C41    C  Y N 110 
MMP C42    C  N N 111 
MMP C43    C  N N 112 
MMP C44    C  Y N 113 
MMP C45    C  Y N 114 
MMP C46    C  N N 115 
MMP C47    C  N N 116 
MMP C48    C  N N 117 
MMP C49    C  N N 118 
MMP O41    O  N N 119 
MMP O42    O  N N 120 
MMP H11    H  N N 121 
MMP H12    H  N N 122 
MMP H13    H  N N 123 
MMP H15    H  N N 124 
MMP H161   H  N N 125 
MMP H162   H  N N 126 
MMP H163   H  N N 127 
MMP H171   H  N N 128 
MMP H172   H  N N 129 
MMP H181   H  N N 130 
MMP H182   H  N N 131 
MMP H183   H  N N 132 
MMP H25    H  N N 133 
MMP H261   H  N N 134 
MMP H262   H  N N 135 
MMP H263   H  N N 136 
MMP H271   H  N N 137 
MMP H272   H  N N 138 
MMP H281   H  N N 139 
MMP H282   H  N N 140 
MMP H283   H  N N 141 
MMP HN3    H  N N 142 
MMP H35    H  N N 143 
MMP H361   H  N N 144 
MMP H362   H  N N 145 
MMP H363   H  N N 146 
MMP H371   H  N N 147 
MMP H372   H  N N 148 
MMP H381   H  N N 149 
MMP H382   H  N N 150 
MMP HO31   H  N N 151 
MMP H45    H  N N 152 
MMP H461   H  N N 153 
MMP H462   H  N N 154 
MMP H463   H  N N 155 
MMP H471   H  N N 156 
MMP H472   H  N N 157 
MMP H481   H  N N 158 
MMP H482   H  N N 159 
MMP HO41   H  N N 160 
# 
loop_
_chem_comp_bond.comp_id 
_chem_comp_bond.atom_id_1 
_chem_comp_bond.atom_id_2 
_chem_comp_bond.value_order 
_chem_comp_bond.pdbx_aromatic_flag 
_chem_comp_bond.pdbx_stereo_config 
_chem_comp_bond.pdbx_ordinal 
DG  OP3   P      sing N N 1   
DG  OP3   HOP3   sing N N 2   
DG  P     OP1    doub N N 3   
DG  P     OP2    sing N N 4   
DG  P     "O5'"  sing N N 5   
DG  OP2   HOP2   sing N N 6   
DG  "O5'" "C5'"  sing N N 7   
DG  "C5'" "C4'"  sing N N 8   
DG  "C5'" "H5'"  sing N N 9   
DG  "C5'" "H5''" sing N N 10  
DG  "C4'" "O4'"  sing N N 11  
DG  "C4'" "C3'"  sing N N 12  
DG  "C4'" "H4'"  sing N N 13  
DG  "O4'" "C1'"  sing N N 14  
DG  "C3'" "O3'"  sing N N 15  
DG  "C3'" "C2'"  sing N N 16  
DG  "C3'" "H3'"  sing N N 17  
DG  "O3'" "HO3'" sing N N 18  
DG  "C2'" "C1'"  sing N N 19  
DG  "C2'" "H2'"  sing N N 20  
DG  "C2'" "H2''" sing N N 21  
DG  "C1'" N9     sing N N 22  
DG  "C1'" "H1'"  sing N N 23  
DG  N9    C8     sing Y N 24  
DG  N9    C4     sing Y N 25  
DG  C8    N7     doub Y N 26  
DG  C8    H8     sing N N 27  
DG  N7    C5     sing Y N 28  
DG  C5    C6     sing N N 29  
DG  C5    C4     doub Y N 30  
DG  C6    O6     doub N N 31  
DG  C6    N1     sing N N 32  
DG  N1    C2     sing N N 33  
DG  N1    H1     sing N N 34  
DG  C2    N2     sing N N 35  
DG  C2    N3     doub N N 36  
DG  N2    H21    sing N N 37  
DG  N2    H22    sing N N 38  
DG  N3    C4     sing N N 39  
DT  OP3   P      sing N N 40  
DT  OP3   HOP3   sing N N 41  
DT  P     OP1    doub N N 42  
DT  P     OP2    sing N N 43  
DT  P     "O5'"  sing N N 44  
DT  OP2   HOP2   sing N N 45  
DT  "O5'" "C5'"  sing N N 46  
DT  "C5'" "C4'"  sing N N 47  
DT  "C5'" "H5'"  sing N N 48  
DT  "C5'" "H5''" sing N N 49  
DT  "C4'" "O4'"  sing N N 50  
DT  "C4'" "C3'"  sing N N 51  
DT  "C4'" "H4'"  sing N N 52  
DT  "O4'" "C1'"  sing N N 53  
DT  "C3'" "O3'"  sing N N 54  
DT  "C3'" "C2'"  sing N N 55  
DT  "C3'" "H3'"  sing N N 56  
DT  "O3'" "HO3'" sing N N 57  
DT  "C2'" "C1'"  sing N N 58  
DT  "C2'" "H2'"  sing N N 59  
DT  "C2'" "H2''" sing N N 60  
DT  "C1'" N1     sing N N 61  
DT  "C1'" "H1'"  sing N N 62  
DT  N1    C2     sing N N 63  
DT  N1    C6     sing N N 64  
DT  C2    O2     doub N N 65  
DT  C2    N3     sing N N 66  
DT  N3    C4     sing N N 67  
DT  N3    H3     sing N N 68  
DT  C4    O4     doub N N 69  
DT  C4    C5     sing N N 70  
DT  C5    C7     sing N N 71  
DT  C5    C6     doub N N 72  
DT  C7    H71    sing N N 73  
DT  C7    H72    sing N N 74  
DT  C7    H73    sing N N 75  
DT  C6    H6     sing N N 76  
HOH O     H1     sing N N 77  
HOH O     H2     sing N N 78  
MMP C1    N1     sing N N 79  
MMP C1    H11    sing N N 80  
MMP C1    H12    sing N N 81  
MMP C1    H13    sing N N 82  
MMP N1    C11    sing Y N 83  
MMP N1    C14    sing Y N 84  
MMP C11   C12    doub Y N 85  
MMP C11   C45    sing Y N 86  
MMP C12   C13    sing Y N 87  
MMP C12   C16    sing N N 88  
MMP C13   C14    doub Y N 89  
MMP C13   C17    sing N N 90  
MMP C14   C15    sing Y N 91  
MMP C15   C21    doub Y Z 92  
MMP C15   H15    sing N N 93  
MMP C16   H161   sing N N 94  
MMP C16   H162   sing N N 95  
MMP C16   H163   sing N N 96  
MMP C17   C18    sing N N 97  
MMP C17   H171   sing N N 98  
MMP C17   H172   sing N N 99  
MMP C18   H181   sing N N 100 
MMP C18   H182   sing N N 101 
MMP C18   H183   sing N N 102 
MMP N2    C21    sing Y N 103 
MMP N2    C24    doub Y N 104 
MMP C21   C22    sing N N 105 
MMP C22   C23    doub N N 106 
MMP C22   C26    sing N N 107 
MMP C23   C24    sing N N 108 
MMP C23   C27    sing N N 109 
MMP C24   C25    sing Y N 110 
MMP C25   C31    doub Y Z 111 
MMP C25   H25    sing N N 112 
MMP C26   H261   sing N N 113 
MMP C26   H262   sing N N 114 
MMP C26   H263   sing N N 115 
MMP C27   C28    sing N N 116 
MMP C27   H271   sing N N 117 
MMP C27   H272   sing N N 118 
MMP C28   H281   sing N N 119 
MMP C28   H282   sing N N 120 
MMP C28   H283   sing N N 121 
MMP N3    C31    sing Y N 122 
MMP N3    C34    sing Y N 123 
MMP N3    HN3    sing N N 124 
MMP C31   C32    sing Y N 125 
MMP C32   C33    doub Y N 126 
MMP C32   C36    sing N N 127 
MMP C33   C34    sing Y N 128 
MMP C33   C37    sing N N 129 
MMP C34   C35    doub Y Z 130 
MMP C35   C41    sing Y N 131 
MMP C35   H35    sing N N 132 
MMP C36   H361   sing N N 133 
MMP C36   H362   sing N N 134 
MMP C36   H363   sing N N 135 
MMP C37   C38    sing N N 136 
MMP C37   H371   sing N N 137 
MMP C37   H372   sing N N 138 
MMP C38   C39    sing N N 139 
MMP C38   H381   sing N N 140 
MMP C38   H382   sing N N 141 
MMP C39   O31    sing N N 142 
MMP C39   O32    doub N N 143 
MMP O31   HO31   sing N N 144 
MMP N4    C41    doub Y N 145 
MMP N4    C44    sing Y N 146 
MMP C41   C42    sing N N 147 
MMP C42   C43    doub N N 148 
MMP C42   C47    sing N N 149 
MMP C43   C44    sing N N 150 
MMP C43   C46    sing N N 151 
MMP C44   C45    doub Y Z 152 
MMP C45   H45    sing N N 153 
MMP C46   H461   sing N N 154 
MMP C46   H462   sing N N 155 
MMP C46   H463   sing N N 156 
MMP C47   C48    sing N N 157 
MMP C47   H471   sing N N 158 
MMP C47   H472   sing N N 159 
MMP C48   C49    sing N N 160 
MMP C48   H481   sing N N 161 
MMP C48   H482   sing N N 162 
MMP C49   O41    sing N N 163 
MMP C49   O42    doub N N 164 
MMP O41   HO41   sing N N 165 
# 
loop_
_ndb_struct_conf_na.entry_id 
_ndb_struct_conf_na.feature 
8D78 'double helix'    
8D78 'quadruple helix' 
# 
loop_
_ndb_struct_na_base_pair.model_number 
_ndb_struct_na_base_pair.i_label_asym_id 
_ndb_struct_na_base_pair.i_label_comp_id 
_ndb_struct_na_base_pair.i_label_seq_id 
_ndb_struct_na_base_pair.i_symmetry 
_ndb_struct_na_base_pair.j_label_asym_id 
_ndb_struct_na_base_pair.j_label_comp_id 
_ndb_struct_na_base_pair.j_label_seq_id 
_ndb_struct_na_base_pair.j_symmetry 
_ndb_struct_na_base_pair.shear 
_ndb_struct_na_base_pair.stretch 
_ndb_struct_na_base_pair.stagger 
_ndb_struct_na_base_pair.buckle 
_ndb_struct_na_base_pair.propeller 
_ndb_struct_na_base_pair.opening 
_ndb_struct_na_base_pair.pair_number 
_ndb_struct_na_base_pair.pair_name 
_ndb_struct_na_base_pair.i_auth_asym_id 
_ndb_struct_na_base_pair.i_auth_seq_id 
_ndb_struct_na_base_pair.i_PDB_ins_code 
_ndb_struct_na_base_pair.j_auth_asym_id 
_ndb_struct_na_base_pair.j_auth_seq_id 
_ndb_struct_na_base_pair.j_PDB_ins_code 
_ndb_struct_na_base_pair.hbond_type_28 
_ndb_struct_na_base_pair.hbond_type_12 
1 A DG 7  1_555 A DG 13 1_555 1.629  2.838  0.292  -10.510 -4.643  -97.433 1 A_DG7:DG13_A  A 7  ? A 13 ? 6 3 
1 A DG 8  1_555 A DG 14 1_555 1.491  3.198  0.256  2.559   -4.586  -96.994 2 A_DG8:DG14_A  A 8  ? A 14 ? 6 3 
1 A DG 9  1_555 A DG 15 1_555 1.765  3.351  -0.225 3.397   -12.036 -87.512 3 A_DG9:DG15_A  A 9  ? A 15 ? 6 3 
1 A DG 3  1_555 A DG 21 1_555 -1.725 -3.052 0.071  1.042   3.866   87.162  4 A_DG3:DG21_A  A 3  ? A 21 ? 6 3 
1 A DG 16 1_555 A DG 22 1_555 1.797  2.845  -0.229 10.041  -4.419  -91.075 5 A_DG16:DG22_A A 16 ? A 22 ? 6 3 
# 
loop_
_ndb_struct_na_base_pair_step.model_number 
_ndb_struct_na_base_pair_step.i_label_asym_id_1 
_ndb_struct_na_base_pair_step.i_label_comp_id_1 
_ndb_struct_na_base_pair_step.i_label_seq_id_1 
_ndb_struct_na_base_pair_step.i_symmetry_1 
_ndb_struct_na_base_pair_step.j_label_asym_id_1 
_ndb_struct_na_base_pair_step.j_label_comp_id_1 
_ndb_struct_na_base_pair_step.j_label_seq_id_1 
_ndb_struct_na_base_pair_step.j_symmetry_1 
_ndb_struct_na_base_pair_step.i_label_asym_id_2 
_ndb_struct_na_base_pair_step.i_label_comp_id_2 
_ndb_struct_na_base_pair_step.i_label_seq_id_2 
_ndb_struct_na_base_pair_step.i_symmetry_2 
_ndb_struct_na_base_pair_step.j_label_asym_id_2 
_ndb_struct_na_base_pair_step.j_label_comp_id_2 
_ndb_struct_na_base_pair_step.j_label_seq_id_2 
_ndb_struct_na_base_pair_step.j_symmetry_2 
_ndb_struct_na_base_pair_step.shift 
_ndb_struct_na_base_pair_step.slide 
_ndb_struct_na_base_pair_step.rise 
_ndb_struct_na_base_pair_step.tilt 
_ndb_struct_na_base_pair_step.roll 
_ndb_struct_na_base_pair_step.twist 
_ndb_struct_na_base_pair_step.x_displacement 
_ndb_struct_na_base_pair_step.y_displacement 
_ndb_struct_na_base_pair_step.helical_rise 
_ndb_struct_na_base_pair_step.inclination 
_ndb_struct_na_base_pair_step.tip 
_ndb_struct_na_base_pair_step.helical_twist 
_ndb_struct_na_base_pair_step.step_number 
_ndb_struct_na_base_pair_step.step_name 
_ndb_struct_na_base_pair_step.i_auth_asym_id_1 
_ndb_struct_na_base_pair_step.i_auth_seq_id_1 
_ndb_struct_na_base_pair_step.i_PDB_ins_code_1 
_ndb_struct_na_base_pair_step.j_auth_asym_id_1 
_ndb_struct_na_base_pair_step.j_auth_seq_id_1 
_ndb_struct_na_base_pair_step.j_PDB_ins_code_1 
_ndb_struct_na_base_pair_step.i_auth_asym_id_2 
_ndb_struct_na_base_pair_step.i_auth_seq_id_2 
_ndb_struct_na_base_pair_step.i_PDB_ins_code_2 
_ndb_struct_na_base_pair_step.j_auth_asym_id_2 
_ndb_struct_na_base_pair_step.j_auth_seq_id_2 
_ndb_struct_na_base_pair_step.j_PDB_ins_code_2 
1 A DG 7 1_555 A DG 13 1_555 A DG 8 1_555 A DG 14 1_555 -0.933 -1.116 3.026 1.315 4.074  31.300   -2.728 1.933 2.821 7.506  -2.423 
31.584   1 AA_DG7DG8:DG14DG13_AA A 7 ? A 13 ? A 8 ? A 14 ? 
1 A DG 8 1_555 A DG 14 1_555 A DG 9 1_555 A DG 15 1_555 -0.472 -0.805 3.164 1.228 -2.749 26.024   -1.048 1.366 3.205 -6.079 -2.714 
26.194   2 AA_DG8DG9:DG15DG14_AA A 8 ? A 14 ? A 9 ? A 15 ? 
1 A DG 9 1_555 A DG 15 1_555 A DG 3 1_555 A DG 21 1_555 1.593  3.216  0.272 0.326 -6.289 -179.306 -1.608 0.797 0.274 3.145  0.163  
-179.307 3 AA_DG9DG3:DG21DG15_AA A 9 ? A 15 ? A 3 ? A 21 ? 
# 
_pdbx_audit_support.funding_organization   'National Institutes of Health/National Cancer Institute (NIH/NCI)' 
_pdbx_audit_support.country                'United States' 
_pdbx_audit_support.grant_number           1R15CA253134 
_pdbx_audit_support.ordinal                1 
# 
loop_
_pdbx_entity_nonpoly.entity_id 
_pdbx_entity_nonpoly.name 
_pdbx_entity_nonpoly.comp_id 
2 N-METHYLMESOPORPHYRIN MMP 
3 'BARIUM ION'          BA  
4 water                 HOH 
# 
_pdbx_initial_refinement_model.id               1 
_pdbx_initial_refinement_model.entity_id_list   ? 
_pdbx_initial_refinement_model.type             'experimental model' 
_pdbx_initial_refinement_model.source_name      PDB 
_pdbx_initial_refinement_model.accession_code   6W9P 
_pdbx_initial_refinement_model.details          ? 
# 
_pdbx_struct_assembly_auth_evidence.id                     1 
_pdbx_struct_assembly_auth_evidence.assembly_id            1 
_pdbx_struct_assembly_auth_evidence.experimental_support   'native gel electrophoresis' 
_pdbx_struct_assembly_auth_evidence.details                ? 
# 
_space_group.name_H-M_alt     'P 32 1 2' 
_space_group.name_Hall        'P 32 2 (x,y,z+1/6)' 
_space_group.IT_number        153 
_space_group.crystal_system   trigonal 
_space_group.id               1 
# 
